data_4MZQ
#
_entry.id   4MZQ
#
_cell.length_a   66.520
_cell.length_b   110.965
_cell.length_c   115.370
_cell.angle_alpha   90.00
_cell.angle_beta   89.98
_cell.angle_gamma   90.00
#
_symmetry.space_group_name_H-M   'P 1 21 1'
#
loop_
_entity.id
_entity.type
_entity.pdbx_description
1 polymer 'beta-Alanyl-CoA:Ammonia Lyase'
2 non-polymer 'propionyl Coenzyme A'
3 water water
#
_entity_poly.entity_id   1
_entity_poly.type   'polypeptide(L)'
_entity_poly.pdbx_seq_one_letter_code
;MVGKKVVHHLMMSAKDAHYTGNLVNGARIVNQWGDVGTELMVYVDGDISLFLGYKDIEFTAPVYVGDFMEYHGWIEKVGN
QSYTCKFEAWKVAKMVDITNPQDTRATACEPPVLCGTATGSLFIAKDNQRGPQESSFKDAKHPQ
;
_entity_poly.pdbx_strand_id   A,B,C,D,E,F,G,H,I,J,K,L
#
# COMPACT_ATOMS: atom_id res chain seq x y z
N MET A 1 -0.64 35.08 16.72
CA MET A 1 -1.43 34.29 15.78
C MET A 1 -2.69 33.75 16.45
N VAL A 2 -3.82 33.83 15.75
CA VAL A 2 -5.06 33.24 16.23
C VAL A 2 -5.33 31.93 15.50
N GLY A 3 -5.39 30.84 16.25
CA GLY A 3 -5.57 29.53 15.66
C GLY A 3 -4.27 29.03 15.06
N LYS A 4 -4.39 28.20 14.03
CA LYS A 4 -3.22 27.57 13.43
C LYS A 4 -2.94 28.15 12.05
N LYS A 5 -1.70 28.01 11.61
CA LYS A 5 -1.35 28.38 10.25
C LYS A 5 -2.03 27.43 9.28
N VAL A 6 -2.56 27.97 8.18
CA VAL A 6 -3.09 27.15 7.10
C VAL A 6 -2.05 27.09 5.98
N VAL A 7 -1.79 25.90 5.47
CA VAL A 7 -0.80 25.73 4.40
C VAL A 7 -1.42 25.06 3.19
N HIS A 8 -1.40 25.77 2.06
CA HIS A 8 -1.73 25.16 0.78
C HIS A 8 -0.44 24.76 0.09
N HIS A 9 -0.50 23.71 -0.73
CA HIS A 9 0.70 23.16 -1.36
C HIS A 9 0.26 22.48 -2.65
N LEU A 10 0.86 22.87 -3.78
CA LEU A 10 0.47 22.33 -5.08
C LEU A 10 1.59 22.63 -6.07
N MET A 11 1.36 22.26 -7.34
CA MET A 11 2.32 22.41 -8.42
C MET A 11 1.82 23.43 -9.42
N MET A 12 2.73 24.25 -9.93
CA MET A 12 2.45 25.05 -11.11
C MET A 12 2.57 24.15 -12.36
N SER A 13 1.46 23.95 -13.06
CA SER A 13 1.50 23.19 -14.31
C SER A 13 1.65 24.16 -15.47
N ALA A 14 1.74 23.62 -16.68
CA ALA A 14 1.76 24.44 -17.88
C ALA A 14 0.54 25.36 -17.94
N LYS A 15 -0.55 24.92 -17.32
CA LYS A 15 -1.81 25.67 -17.33
C LYS A 15 -1.73 26.92 -16.46
N ASP A 16 -0.73 26.97 -15.59
CA ASP A 16 -0.51 28.15 -14.74
C ASP A 16 0.39 29.18 -15.38
N ALA A 17 1.07 28.80 -16.47
CA ALA A 17 1.80 29.77 -17.27
C ALA A 17 0.86 30.90 -17.68
N HIS A 18 1.36 32.13 -17.66
CA HIS A 18 0.54 33.28 -18.00
C HIS A 18 1.24 34.20 -19.00
N TYR A 19 2.45 34.61 -18.67
CA TYR A 19 3.23 35.37 -19.63
C TYR A 19 4.11 34.42 -20.38
N THR A 20 4.79 34.92 -21.40
CA THR A 20 5.71 34.11 -22.18
C THR A 20 6.85 33.57 -21.31
N GLY A 21 7.51 32.53 -21.80
CA GLY A 21 8.65 31.95 -21.11
C GLY A 21 8.30 31.12 -19.90
N ASN A 22 7.08 30.57 -19.90
CA ASN A 22 6.58 29.74 -18.81
C ASN A 22 6.48 30.48 -17.47
N LEU A 23 6.32 31.80 -17.54
CA LEU A 23 6.26 32.65 -16.36
C LEU A 23 4.84 32.72 -15.82
N VAL A 24 4.70 32.38 -14.54
CA VAL A 24 3.41 32.45 -13.86
C VAL A 24 3.17 33.89 -13.41
N ASN A 25 1.94 34.37 -13.53
CA ASN A 25 1.63 35.70 -13.08
C ASN A 25 1.53 35.79 -11.55
N GLY A 26 1.85 36.97 -11.01
CA GLY A 26 1.76 37.17 -9.59
C GLY A 26 0.36 36.96 -9.03
N ALA A 27 -0.66 37.23 -9.84
CA ALA A 27 -2.02 37.02 -9.39
C ALA A 27 -2.31 35.55 -9.05
N ARG A 28 -1.52 34.62 -9.56
CA ARG A 28 -1.74 33.20 -9.25
C ARG A 28 -1.54 32.99 -7.76
N ILE A 29 -0.61 33.74 -7.18
CA ILE A 29 -0.34 33.70 -5.75
C ILE A 29 -1.53 34.26 -5.00
N VAL A 30 -2.04 35.40 -5.46
CA VAL A 30 -3.17 36.04 -4.82
C VAL A 30 -4.42 35.18 -4.89
N ASN A 31 -4.59 34.46 -6.02
CA ASN A 31 -5.65 33.46 -6.13
C ASN A 31 -5.56 32.50 -4.96
N GLN A 32 -4.37 31.99 -4.72
CA GLN A 32 -4.24 30.95 -3.71
C GLN A 32 -4.45 31.52 -2.32
N TRP A 33 -3.94 32.72 -2.08
CA TRP A 33 -4.12 33.38 -0.80
C TRP A 33 -5.60 33.63 -0.51
N GLY A 34 -6.38 33.91 -1.56
CA GLY A 34 -7.81 34.07 -1.38
C GLY A 34 -8.40 32.79 -0.80
N ASP A 35 -7.97 31.64 -1.34
CA ASP A 35 -8.43 30.35 -0.86
C ASP A 35 -7.90 30.01 0.54
N VAL A 36 -6.68 30.44 0.83
CA VAL A 36 -6.11 30.28 2.17
C VAL A 36 -6.89 31.11 3.20
N GLY A 37 -7.16 32.37 2.87
CA GLY A 37 -7.96 33.22 3.72
C GLY A 37 -9.35 32.64 3.95
N THR A 38 -9.96 32.14 2.88
CA THR A 38 -11.24 31.47 2.99
C THR A 38 -11.17 30.33 4.01
N GLU A 39 -10.13 29.51 3.95
CA GLU A 39 -10.06 28.37 4.86
C GLU A 39 -9.92 28.87 6.30
N LEU A 40 -9.13 29.92 6.51
CA LEU A 40 -8.99 30.51 7.83
C LEU A 40 -10.33 31.00 8.37
N MET A 41 -11.12 31.61 7.50
CA MET A 41 -12.43 32.11 7.89
C MET A 41 -13.42 31.00 8.19
N VAL A 42 -13.36 29.90 7.45
CA VAL A 42 -14.23 28.77 7.72
C VAL A 42 -13.96 28.29 9.15
N TYR A 43 -12.69 28.20 9.51
CA TYR A 43 -12.29 27.68 10.81
C TYR A 43 -12.58 28.64 11.95
N VAL A 44 -12.44 29.94 11.73
CA VAL A 44 -12.62 30.86 12.86
C VAL A 44 -14.08 31.24 13.11
N ASP A 45 -14.93 31.24 12.08
CA ASP A 45 -16.33 31.64 12.28
C ASP A 45 -17.34 30.98 11.32
N GLY A 46 -16.91 29.94 10.62
CA GLY A 46 -17.83 29.12 9.85
C GLY A 46 -18.48 29.76 8.63
N ASP A 47 -17.76 30.66 7.98
CA ASP A 47 -18.26 31.32 6.78
C ASP A 47 -17.12 31.45 5.79
N ILE A 48 -17.41 31.36 4.49
CA ILE A 48 -16.34 31.51 3.51
C ILE A 48 -15.82 32.95 3.41
N SER A 49 -16.61 33.91 3.89
CA SER A 49 -16.19 35.31 4.04
C SER A 49 -16.06 36.05 2.71
N LEU A 50 -15.87 37.36 2.80
CA LEU A 50 -15.49 38.17 1.66
C LEU A 50 -14.13 38.83 1.88
N PHE A 51 -13.28 38.81 0.88
CA PHE A 51 -11.99 39.45 1.01
C PHE A 51 -12.17 40.98 0.95
N LEU A 52 -11.65 41.68 1.94
CA LEU A 52 -11.75 43.15 1.98
C LEU A 52 -10.68 43.84 1.15
N GLY A 53 -9.46 43.32 1.21
CA GLY A 53 -8.34 43.93 0.53
C GLY A 53 -7.03 43.51 1.14
N TYR A 54 -5.95 44.05 0.57
CA TYR A 54 -4.59 43.81 1.00
C TYR A 54 -3.86 45.11 1.33
N LYS A 55 -3.00 45.04 2.35
N LYS A 55 -3.27 45.18 2.52
CA LYS A 55 -1.91 45.98 2.47
CA LYS A 55 -2.52 46.36 2.92
C LYS A 55 -0.58 45.31 2.11
C LYS A 55 -1.29 46.48 2.01
N ASP A 56 0.16 45.91 1.17
N ASP A 56 -0.65 45.35 1.80
CA ASP A 56 1.54 45.53 0.86
CA ASP A 56 0.50 45.27 0.91
C ASP A 56 1.75 44.10 0.37
C ASP A 56 0.66 43.86 0.35
N ILE A 57 1.26 43.79 -0.83
CA ILE A 57 1.60 42.51 -1.44
C ILE A 57 2.99 42.74 -2.04
N GLU A 58 3.94 41.85 -1.79
CA GLU A 58 5.22 41.94 -2.46
C GLU A 58 5.48 40.64 -3.21
N PHE A 59 5.80 40.74 -4.49
CA PHE A 59 6.22 39.58 -5.27
C PHE A 59 7.74 39.58 -5.32
N THR A 60 8.36 38.62 -4.65
CA THR A 60 9.77 38.72 -4.31
C THR A 60 10.69 37.86 -5.18
N ALA A 61 10.14 36.83 -5.82
CA ALA A 61 10.91 35.98 -6.72
C ALA A 61 9.99 35.40 -7.79
N PRO A 62 10.50 35.22 -9.02
CA PRO A 62 9.62 34.76 -10.09
C PRO A 62 9.22 33.29 -9.94
N VAL A 63 8.03 32.97 -10.47
CA VAL A 63 7.48 31.63 -10.40
C VAL A 63 7.25 31.09 -11.82
N TYR A 64 7.62 29.82 -12.04
CA TYR A 64 7.59 29.17 -13.36
C TYR A 64 6.81 27.87 -13.34
N VAL A 65 6.36 27.47 -14.52
CA VAL A 65 5.84 26.11 -14.74
C VAL A 65 6.81 25.09 -14.17
N GLY A 66 6.27 24.13 -13.42
CA GLY A 66 7.10 23.10 -12.81
C GLY A 66 7.54 23.43 -11.39
N ASP A 67 7.23 24.63 -10.93
CA ASP A 67 7.53 24.96 -9.55
C ASP A 67 6.50 24.33 -8.64
N PHE A 68 6.96 23.75 -7.54
CA PHE A 68 6.06 23.34 -6.48
C PHE A 68 6.01 24.46 -5.45
N MET A 69 4.81 24.84 -5.04
CA MET A 69 4.64 26.06 -4.23
C MET A 69 3.83 25.82 -2.98
N GLU A 70 4.19 26.53 -1.91
CA GLU A 70 3.40 26.51 -0.69
C GLU A 70 2.89 27.88 -0.40
N TYR A 71 1.68 27.95 0.15
CA TYR A 71 1.09 29.23 0.45
C TYR A 71 0.64 29.16 1.89
N HIS A 72 1.19 30.05 2.72
CA HIS A 72 0.92 30.04 4.16
C HIS A 72 0.06 31.23 4.53
N GLY A 73 -0.90 31.03 5.43
CA GLY A 73 -1.70 32.12 5.92
C GLY A 73 -2.08 31.91 7.36
N TRP A 74 -2.21 33.00 8.11
CA TRP A 74 -2.69 32.90 9.47
C TRP A 74 -3.36 34.19 9.90
N ILE A 75 -4.28 34.08 10.86
CA ILE A 75 -4.97 35.23 11.41
C ILE A 75 -4.10 35.92 12.43
N GLU A 76 -3.86 37.20 12.24
CA GLU A 76 -3.12 38.00 13.23
C GLU A 76 -4.06 38.65 14.24
N LYS A 77 -5.21 39.13 13.75
CA LYS A 77 -6.16 39.81 14.62
C LYS A 77 -7.61 39.52 14.24
N VAL A 78 -8.43 39.26 15.25
CA VAL A 78 -9.87 39.16 15.05
C VAL A 78 -10.52 40.48 15.47
N GLY A 79 -11.15 41.14 14.51
CA GLY A 79 -11.82 42.40 14.77
C GLY A 79 -13.29 42.18 15.08
N ASN A 80 -14.13 43.13 14.68
CA ASN A 80 -15.57 43.00 14.89
C ASN A 80 -16.17 42.19 13.75
N GLN A 81 -16.11 42.75 12.56
CA GLN A 81 -16.51 42.03 11.36
C GLN A 81 -15.32 41.79 10.44
N SER A 82 -14.13 42.23 10.86
CA SER A 82 -12.93 42.03 10.05
C SER A 82 -11.94 41.12 10.75
N TYR A 83 -11.08 40.50 9.94
CA TYR A 83 -10.05 39.58 10.39
C TYR A 83 -8.82 39.92 9.60
N THR A 84 -7.72 40.21 10.28
CA THR A 84 -6.49 40.59 9.59
C THR A 84 -5.52 39.40 9.60
N CYS A 85 -5.01 39.09 8.41
CA CYS A 85 -4.18 37.91 8.19
C CYS A 85 -2.86 38.27 7.53
N LYS A 86 -1.87 37.41 7.74
CA LYS A 86 -0.61 37.49 7.02
C LYS A 86 -0.48 36.29 6.10
N PHE A 87 0.19 36.51 4.98
CA PHE A 87 0.35 35.50 3.94
C PHE A 87 1.78 35.39 3.43
N GLU A 88 2.18 34.17 3.08
CA GLU A 88 3.47 33.93 2.45
C GLU A 88 3.35 32.98 1.27
N ALA A 89 4.29 33.06 0.34
CA ALA A 89 4.38 32.11 -0.77
C ALA A 89 5.80 31.64 -0.87
N TRP A 90 5.98 30.31 -0.88
CA TRP A 90 7.30 29.69 -0.88
C TRP A 90 7.46 28.68 -2.00
N LYS A 91 8.60 28.71 -2.69
CA LYS A 91 8.91 27.70 -3.70
C LYS A 91 9.73 26.57 -3.08
N VAL A 92 9.24 25.33 -3.22
CA VAL A 92 9.91 24.23 -2.56
C VAL A 92 10.59 23.25 -3.51
N ALA A 93 10.31 23.38 -4.80
CA ALA A 93 10.96 22.56 -5.82
C ALA A 93 10.80 23.21 -7.20
N LYS A 94 11.66 22.86 -8.15
CA LYS A 94 11.64 23.53 -9.45
C LYS A 94 12.26 22.66 -10.54
N MET A 95 11.97 22.99 -11.80
CA MET A 95 12.76 22.45 -12.91
C MET A 95 14.17 23.01 -12.84
N VAL A 96 15.14 22.21 -13.24
CA VAL A 96 16.52 22.69 -13.25
C VAL A 96 16.73 23.72 -14.35
N ASP A 97 16.13 23.50 -15.53
CA ASP A 97 16.31 24.44 -16.64
C ASP A 97 15.03 24.67 -17.44
N ILE A 98 14.30 25.71 -17.05
CA ILE A 98 13.03 26.02 -17.67
C ILE A 98 13.20 26.43 -19.14
N THR A 99 14.41 26.79 -19.56
CA THR A 99 14.60 27.26 -20.93
C THR A 99 14.73 26.10 -21.92
N ASN A 100 14.88 24.89 -21.39
CA ASN A 100 15.00 23.69 -22.22
C ASN A 100 13.78 22.81 -22.04
N PRO A 101 12.81 22.91 -22.96
CA PRO A 101 11.53 22.20 -22.79
C PRO A 101 11.71 20.69 -22.66
N GLN A 102 12.81 20.13 -23.18
CA GLN A 102 12.98 18.69 -23.19
C GLN A 102 13.77 18.21 -21.96
N ASP A 103 14.21 19.15 -21.14
CA ASP A 103 14.93 18.83 -19.91
C ASP A 103 13.93 18.46 -18.83
N THR A 104 14.00 17.22 -18.36
CA THR A 104 13.10 16.74 -17.33
C THR A 104 13.70 16.81 -15.92
N ARG A 105 14.92 17.31 -15.81
CA ARG A 105 15.56 17.41 -14.51
C ARG A 105 14.86 18.42 -13.61
N ALA A 106 14.74 18.08 -12.35
CA ALA A 106 14.14 18.97 -11.37
C ALA A 106 14.79 18.72 -10.01
N THR A 107 14.63 19.68 -9.09
CA THR A 107 15.24 19.56 -7.76
C THR A 107 14.45 20.31 -6.70
N ALA A 108 14.77 20.05 -5.44
CA ALA A 108 14.16 20.77 -4.33
C ALA A 108 14.88 22.10 -4.14
N CYS A 109 14.13 23.05 -3.60
CA CYS A 109 14.71 24.32 -3.18
C CYS A 109 15.06 24.19 -1.71
N GLU A 110 16.35 24.03 -1.44
CA GLU A 110 16.86 23.99 -0.07
C GLU A 110 17.85 25.13 0.12
N PRO A 111 17.42 26.20 0.82
CA PRO A 111 16.10 26.37 1.45
C PRO A 111 15.03 26.82 0.46
N PRO A 112 13.75 26.77 0.88
CA PRO A 112 12.72 27.29 -0.02
C PRO A 112 12.96 28.77 -0.33
N VAL A 113 12.46 29.17 -1.49
CA VAL A 113 12.61 30.52 -1.98
C VAL A 113 11.33 31.30 -1.69
N LEU A 114 11.47 32.43 -1.00
CA LEU A 114 10.32 33.31 -0.74
C LEU A 114 9.88 33.96 -2.05
N CYS A 115 8.62 33.76 -2.41
CA CYS A 115 8.09 34.33 -3.64
C CYS A 115 7.07 35.42 -3.44
N GLY A 116 6.50 35.48 -2.23
CA GLY A 116 5.52 36.52 -1.98
C GLY A 116 5.20 36.68 -0.51
N THR A 117 4.87 37.91 -0.13
CA THR A 117 4.32 38.19 1.20
C THR A 117 3.13 39.14 1.07
N ALA A 118 2.25 39.12 2.07
CA ALA A 118 1.11 40.04 2.09
C ALA A 118 0.49 40.14 3.46
N THR A 119 -0.19 41.26 3.68
CA THR A 119 -1.14 41.40 4.77
C THR A 119 -2.48 41.64 4.10
N GLY A 120 -3.50 40.89 4.49
CA GLY A 120 -4.81 41.11 3.90
C GLY A 120 -5.87 40.87 4.93
N SER A 121 -7.09 41.34 4.65
CA SER A 121 -8.17 41.24 5.62
C SER A 121 -9.42 40.69 4.98
N LEU A 122 -10.21 39.98 5.77
CA LEU A 122 -11.45 39.39 5.29
C LEU A 122 -12.60 39.78 6.22
N PHE A 123 -13.82 39.68 5.69
CA PHE A 123 -15.04 40.17 6.32
C PHE A 123 -16.03 39.02 6.51
N ILE A 124 -16.60 38.92 7.72
CA ILE A 124 -17.78 38.11 7.94
C ILE A 124 -18.78 38.98 8.68
N ALA A 125 -19.92 39.25 8.05
CA ALA A 125 -20.98 40.01 8.69
C ALA A 125 -21.34 39.37 10.03
N LYS A 126 -21.66 40.21 11.02
CA LYS A 126 -21.90 39.73 12.37
C LYS A 126 -22.91 38.59 12.41
N ASP A 127 -23.99 38.71 11.63
CA ASP A 127 -25.03 37.67 11.61
C ASP A 127 -24.60 36.39 10.90
N ASN A 128 -23.45 36.43 10.25
CA ASN A 128 -22.88 35.24 9.61
C ASN A 128 -21.79 34.59 10.44
N GLN A 129 -21.47 35.18 11.59
CA GLN A 129 -20.43 34.62 12.45
C GLN A 129 -20.99 33.51 13.32
N ARG A 130 -20.46 32.30 13.13
CA ARG A 130 -21.02 31.10 13.75
C ARG A 130 -20.11 30.49 14.80
N GLY A 131 -18.97 31.13 15.03
CA GLY A 131 -17.99 30.67 15.99
C GLY A 131 -17.05 29.62 15.38
N PRO A 132 -16.02 29.23 16.14
CA PRO A 132 -14.98 28.32 15.66
C PRO A 132 -15.51 26.99 15.15
N GLN A 133 -14.96 26.52 14.04
CA GLN A 133 -15.41 25.28 13.41
C GLN A 133 -14.33 24.19 13.45
N GLU A 134 -13.15 24.56 13.94
CA GLU A 134 -12.00 23.67 13.92
C GLU A 134 -11.28 23.82 15.26
N SER A 135 -10.81 22.71 15.82
CA SER A 135 -10.40 22.69 17.24
C SER A 135 -9.26 23.65 17.60
N SER A 136 -8.34 23.94 16.68
CA SER A 136 -7.23 24.82 17.01
C SER A 136 -7.67 26.29 17.10
N PHE A 137 -8.90 26.58 16.70
CA PHE A 137 -9.42 27.96 16.68
C PHE A 137 -10.43 28.20 17.81
N LYS A 138 -10.53 27.22 18.71
CA LYS A 138 -11.56 27.22 19.75
C LYS A 138 -11.51 28.45 20.65
N ASP A 139 -10.32 29.02 20.80
CA ASP A 139 -10.12 30.12 21.73
C ASP A 139 -10.18 31.49 21.05
N ALA A 140 -10.47 31.51 19.75
CA ALA A 140 -10.62 32.78 19.05
C ALA A 140 -11.78 33.55 19.65
N LYS A 141 -11.60 34.86 19.76
CA LYS A 141 -12.62 35.71 20.33
C LYS A 141 -12.62 37.08 19.67
N HIS A 142 -13.82 37.63 19.51
CA HIS A 142 -13.98 39.00 19.08
C HIS A 142 -13.80 39.94 20.27
N PRO A 143 -13.36 41.17 20.01
CA PRO A 143 -13.20 42.16 21.10
C PRO A 143 -14.51 42.49 21.79
N MET B 1 -19.63 -8.21 -23.80
CA MET B 1 -19.88 -6.78 -23.87
C MET B 1 -21.37 -6.54 -24.04
N VAL B 2 -21.83 -5.44 -23.48
CA VAL B 2 -23.20 -5.02 -23.57
C VAL B 2 -23.26 -3.69 -24.32
N GLY B 3 -24.24 -3.52 -25.20
CA GLY B 3 -24.41 -2.25 -25.88
C GLY B 3 -23.40 -2.03 -26.98
N LYS B 4 -23.07 -0.76 -27.22
CA LYS B 4 -22.08 -0.41 -28.23
C LYS B 4 -20.88 0.24 -27.57
N LYS B 5 -19.75 0.27 -28.27
CA LYS B 5 -18.59 0.99 -27.80
C LYS B 5 -18.85 2.49 -27.92
N VAL B 6 -18.48 3.25 -26.90
CA VAL B 6 -18.55 4.70 -27.00
C VAL B 6 -17.17 5.26 -27.33
N VAL B 7 -17.12 6.15 -28.31
CA VAL B 7 -15.85 6.70 -28.77
C VAL B 7 -15.86 8.21 -28.63
N HIS B 8 -15.03 8.74 -27.75
CA HIS B 8 -14.76 10.17 -27.75
C HIS B 8 -13.55 10.44 -28.64
N HIS B 9 -13.48 11.63 -29.21
CA HIS B 9 -12.45 11.95 -30.19
C HIS B 9 -12.26 13.45 -30.16
N LEU B 10 -11.04 13.89 -29.90
CA LEU B 10 -10.78 15.32 -29.80
C LEU B 10 -9.28 15.60 -29.95
N MET B 11 -8.90 16.88 -29.82
CA MET B 11 -7.50 17.29 -29.99
C MET B 11 -6.89 17.71 -28.67
N MET B 12 -5.62 17.37 -28.47
CA MET B 12 -4.86 17.96 -27.36
C MET B 12 -4.41 19.34 -27.79
N SER B 13 -4.91 20.37 -27.12
CA SER B 13 -4.52 21.73 -27.44
C SER B 13 -3.42 22.15 -26.48
N ALA B 14 -2.87 23.34 -26.69
CA ALA B 14 -1.86 23.87 -25.76
C ALA B 14 -2.38 23.90 -24.32
N LYS B 15 -3.70 24.03 -24.19
CA LYS B 15 -4.38 24.07 -22.90
C LYS B 15 -4.36 22.74 -22.16
N ASP B 16 -4.06 21.66 -22.88
CA ASP B 16 -3.97 20.33 -22.30
C ASP B 16 -2.55 19.98 -21.84
N ALA B 17 -1.57 20.80 -22.23
CA ALA B 17 -0.23 20.61 -21.70
C ALA B 17 -0.28 20.70 -20.18
N HIS B 18 0.55 19.92 -19.50
CA HIS B 18 0.56 19.95 -18.04
C HIS B 18 1.98 20.03 -17.50
N TYR B 19 2.84 19.12 -17.97
CA TYR B 19 4.24 19.21 -17.57
C TYR B 19 4.97 19.98 -18.63
N THR B 20 6.22 20.31 -18.36
CA THR B 20 7.08 20.98 -19.34
C THR B 20 7.22 20.12 -20.60
N GLY B 21 7.63 20.74 -21.70
CA GLY B 21 7.85 20.03 -22.95
C GLY B 21 6.58 19.62 -23.67
N ASN B 22 5.51 20.36 -23.43
CA ASN B 22 4.21 20.13 -24.06
C ASN B 22 3.65 18.75 -23.77
N LEU B 23 4.06 18.22 -22.62
CA LEU B 23 3.67 16.89 -22.17
C LEU B 23 2.32 16.92 -21.46
N VAL B 24 1.35 16.17 -21.98
CA VAL B 24 0.02 16.10 -21.39
C VAL B 24 0.10 15.11 -20.23
N ASN B 25 -0.60 15.38 -19.13
CA ASN B 25 -0.58 14.45 -17.99
C ASN B 25 -1.48 13.24 -18.21
N GLY B 26 -1.13 12.13 -17.58
CA GLY B 26 -1.91 10.91 -17.72
C GLY B 26 -3.34 11.12 -17.27
N ALA B 27 -3.53 12.02 -16.30
CA ALA B 27 -4.85 12.30 -15.76
C ALA B 27 -5.81 12.87 -16.80
N ARG B 28 -5.27 13.45 -17.86
CA ARG B 28 -6.12 13.95 -18.95
C ARG B 28 -6.90 12.81 -19.59
N ILE B 29 -6.26 11.65 -19.68
CA ILE B 29 -6.92 10.46 -20.22
C ILE B 29 -8.02 10.02 -19.26
N VAL B 30 -7.70 10.05 -17.98
CA VAL B 30 -8.65 9.58 -16.96
C VAL B 30 -9.86 10.50 -16.93
N ASN B 31 -9.61 11.80 -17.10
CA ASN B 31 -10.68 12.79 -17.23
C ASN B 31 -11.64 12.35 -18.34
N GLN B 32 -11.08 12.01 -19.51
CA GLN B 32 -11.92 11.64 -20.64
C GLN B 32 -12.65 10.32 -20.42
N TRP B 33 -11.97 9.35 -19.83
CA TRP B 33 -12.61 8.08 -19.50
C TRP B 33 -13.77 8.27 -18.52
N GLY B 34 -13.67 9.25 -17.63
CA GLY B 34 -14.79 9.51 -16.74
C GLY B 34 -16.01 9.91 -17.55
N ASP B 35 -15.80 10.73 -18.58
CA ASP B 35 -16.91 11.21 -19.39
C ASP B 35 -17.42 10.10 -20.30
N VAL B 36 -16.52 9.24 -20.77
CA VAL B 36 -16.93 8.08 -21.58
C VAL B 36 -17.80 7.16 -20.72
N GLY B 37 -17.37 6.92 -19.49
CA GLY B 37 -18.14 6.09 -18.58
C GLY B 37 -19.50 6.69 -18.30
N THR B 38 -19.52 8.00 -18.09
CA THR B 38 -20.79 8.68 -17.90
C THR B 38 -21.73 8.43 -19.07
N GLU B 39 -21.24 8.59 -20.29
CA GLU B 39 -22.10 8.40 -21.47
C GLU B 39 -22.69 6.98 -21.52
N LEU B 40 -21.85 6.00 -21.22
CA LEU B 40 -22.29 4.60 -21.19
C LEU B 40 -23.40 4.42 -20.15
N MET B 41 -23.28 5.12 -19.03
CA MET B 41 -24.25 4.96 -17.97
C MET B 41 -25.57 5.63 -18.33
N VAL B 42 -25.49 6.71 -19.08
CA VAL B 42 -26.69 7.39 -19.55
C VAL B 42 -27.45 6.46 -20.49
N TYR B 43 -26.73 5.78 -21.37
CA TYR B 43 -27.37 4.89 -22.33
C TYR B 43 -27.92 3.60 -21.70
N VAL B 44 -27.23 3.06 -20.71
CA VAL B 44 -27.66 1.77 -20.14
C VAL B 44 -28.76 1.91 -19.08
N ASP B 45 -28.84 3.05 -18.39
CA ASP B 45 -29.81 3.18 -17.29
C ASP B 45 -30.26 4.63 -17.00
N GLY B 46 -29.89 5.57 -17.86
CA GLY B 46 -30.42 6.92 -17.77
C GLY B 46 -30.02 7.76 -16.56
N ASP B 47 -28.79 7.58 -16.09
CA ASP B 47 -28.28 8.34 -14.96
C ASP B 47 -26.81 8.61 -15.23
N ILE B 48 -26.30 9.75 -14.78
CA ILE B 48 -24.90 10.06 -15.07
C ILE B 48 -23.95 9.19 -14.25
N SER B 49 -24.47 8.63 -13.16
CA SER B 49 -23.74 7.69 -12.29
C SER B 49 -22.60 8.33 -11.48
N LEU B 50 -21.99 7.49 -10.65
CA LEU B 50 -20.81 7.88 -9.88
C LEU B 50 -19.70 6.87 -10.18
N PHE B 51 -18.50 7.35 -10.48
CA PHE B 51 -17.39 6.46 -10.71
C PHE B 51 -16.93 5.82 -9.40
N LEU B 52 -16.85 4.49 -9.40
CA LEU B 52 -16.44 3.73 -8.22
C LEU B 52 -14.93 3.69 -8.06
N GLY B 53 -14.23 3.55 -9.17
CA GLY B 53 -12.79 3.41 -9.12
C GLY B 53 -12.28 2.62 -10.31
N TYR B 54 -10.98 2.39 -10.31
CA TYR B 54 -10.35 1.67 -11.40
C TYR B 54 -9.53 0.49 -10.91
N LYS B 55 -9.50 -0.56 -11.71
N LYS B 55 -9.84 -0.68 -11.45
CA LYS B 55 -8.40 -1.51 -11.64
CA LYS B 55 -9.11 -1.89 -11.09
C LYS B 55 -7.48 -1.38 -12.86
C LYS B 55 -7.65 -1.68 -11.48
N ASP B 56 -6.17 -1.35 -12.62
N ASP B 56 -7.44 -1.14 -12.66
CA ASP B 56 -5.15 -1.41 -13.66
CA ASP B 56 -6.11 -0.79 -13.11
C ASP B 56 -5.22 -0.32 -14.73
C ASP B 56 -6.13 0.24 -14.22
N ILE B 57 -5.02 0.94 -14.36
CA ILE B 57 -4.83 1.95 -15.38
C ILE B 57 -3.39 1.78 -15.85
N GLU B 58 -3.18 1.82 -17.16
CA GLU B 58 -1.80 1.79 -17.67
C GLU B 58 -1.65 2.89 -18.70
N PHE B 59 -0.59 3.67 -18.55
CA PHE B 59 -0.25 4.74 -19.48
C PHE B 59 0.88 4.20 -20.34
N THR B 60 0.60 3.95 -21.61
CA THR B 60 1.49 3.14 -22.45
C THR B 60 2.35 3.93 -23.42
N ALA B 61 1.94 5.17 -23.72
CA ALA B 61 2.71 6.05 -24.60
C ALA B 61 2.46 7.51 -24.22
N PRO B 62 3.47 8.38 -24.40
CA PRO B 62 3.26 9.77 -24.01
C PRO B 62 2.36 10.53 -24.99
N VAL B 63 1.68 11.54 -24.47
CA VAL B 63 0.74 12.33 -25.24
C VAL B 63 1.19 13.79 -25.18
N TYR B 64 1.15 14.46 -26.34
CA TYR B 64 1.64 15.82 -26.45
C TYR B 64 0.60 16.75 -27.05
N VAL B 65 0.79 18.04 -26.81
CA VAL B 65 0.06 19.07 -27.54
C VAL B 65 0.10 18.79 -29.05
N GLY B 66 -1.07 18.88 -29.70
CA GLY B 66 -1.14 18.66 -31.14
C GLY B 66 -1.49 17.23 -31.51
N ASP B 67 -1.46 16.34 -30.52
CA ASP B 67 -1.95 15.00 -30.73
C ASP B 67 -3.47 14.99 -30.86
N PHE B 68 -3.99 14.21 -31.81
CA PHE B 68 -5.41 13.94 -31.85
C PHE B 68 -5.66 12.57 -31.20
N MET B 69 -6.66 12.49 -30.34
CA MET B 69 -6.83 11.33 -29.47
C MET B 69 -8.23 10.77 -29.50
N GLU B 70 -8.32 9.46 -29.41
CA GLU B 70 -9.59 8.82 -29.21
C GLU B 70 -9.60 8.09 -27.88
N TYR B 71 -10.79 8.00 -27.31
CA TYR B 71 -10.99 7.36 -26.01
C TYR B 71 -12.16 6.42 -26.18
N HIS B 72 -11.90 5.13 -26.06
CA HIS B 72 -12.93 4.13 -26.24
C HIS B 72 -13.35 3.57 -24.88
N GLY B 73 -14.64 3.29 -24.74
CA GLY B 73 -15.13 2.64 -23.56
C GLY B 73 -16.32 1.76 -23.89
N TRP B 74 -16.49 0.70 -23.12
CA TRP B 74 -17.66 -0.16 -23.28
C TRP B 74 -17.97 -0.87 -21.98
N ILE B 75 -19.22 -1.28 -21.83
CA ILE B 75 -19.64 -2.05 -20.67
C ILE B 75 -19.32 -3.52 -20.90
N GLU B 76 -18.45 -4.07 -20.06
CA GLU B 76 -18.18 -5.50 -20.09
C GLU B 76 -19.27 -6.28 -19.35
N LYS B 77 -19.70 -5.75 -18.20
CA LYS B 77 -20.63 -6.45 -17.34
C LYS B 77 -21.60 -5.51 -16.62
N VAL B 78 -22.90 -5.82 -16.68
CA VAL B 78 -23.87 -5.14 -15.85
C VAL B 78 -24.09 -5.96 -14.58
N GLY B 79 -23.85 -5.32 -13.43
CA GLY B 79 -24.02 -5.96 -12.15
C GLY B 79 -25.35 -5.53 -11.56
N ASN B 80 -25.41 -5.44 -10.24
CA ASN B 80 -26.62 -5.01 -9.54
C ASN B 80 -26.70 -3.50 -9.55
N GLN B 81 -25.80 -2.87 -8.80
CA GLN B 81 -25.72 -1.41 -8.78
C GLN B 81 -24.41 -0.95 -9.43
N SER B 82 -23.58 -1.90 -9.82
CA SER B 82 -22.30 -1.56 -10.45
C SER B 82 -22.25 -2.03 -11.88
N TYR B 83 -21.35 -1.42 -12.64
CA TYR B 83 -21.16 -1.67 -14.06
C TYR B 83 -19.66 -1.69 -14.33
N THR B 84 -19.16 -2.79 -14.87
CA THR B 84 -17.72 -2.93 -15.13
C THR B 84 -17.42 -2.60 -16.57
N CYS B 85 -16.51 -1.65 -16.77
CA CYS B 85 -16.23 -1.11 -18.09
C CYS B 85 -14.76 -1.25 -18.43
N LYS B 86 -14.47 -1.30 -19.73
CA LYS B 86 -13.09 -1.29 -20.22
C LYS B 86 -12.88 -0.03 -21.02
N PHE B 87 -11.67 0.51 -20.91
CA PHE B 87 -11.32 1.78 -21.55
C PHE B 87 -10.02 1.66 -22.32
N GLU B 88 -9.93 2.38 -23.45
CA GLU B 88 -8.68 2.51 -24.19
C GLU B 88 -8.47 3.98 -24.59
N ALA B 89 -7.22 4.35 -24.82
CA ALA B 89 -6.91 5.65 -25.39
C ALA B 89 -5.94 5.47 -26.55
N TRP B 90 -6.25 6.12 -27.66
CA TRP B 90 -5.51 5.93 -28.92
C TRP B 90 -5.10 7.26 -29.55
N LYS B 91 -3.87 7.31 -30.04
CA LYS B 91 -3.39 8.48 -30.76
C LYS B 91 -3.57 8.29 -32.27
N VAL B 92 -4.26 9.23 -32.91
CA VAL B 92 -4.58 9.07 -34.34
C VAL B 92 -3.88 10.09 -35.24
N ALA B 93 -3.37 11.17 -34.67
CA ALA B 93 -2.56 12.13 -35.42
C ALA B 93 -1.66 12.88 -34.46
N LYS B 94 -0.68 13.60 -35.01
CA LYS B 94 0.34 14.26 -34.20
C LYS B 94 1.11 15.29 -35.00
N MET B 95 1.78 16.23 -34.32
CA MET B 95 2.76 17.07 -34.97
C MET B 95 3.96 16.21 -35.35
N VAL B 96 4.63 16.57 -36.43
CA VAL B 96 5.82 15.85 -36.87
C VAL B 96 7.01 16.09 -35.95
N ASP B 97 7.09 17.30 -35.39
CA ASP B 97 8.21 17.62 -34.51
C ASP B 97 7.84 18.59 -33.37
N ILE B 98 7.46 18.04 -32.22
CA ILE B 98 6.99 18.84 -31.09
C ILE B 98 8.11 19.72 -30.50
N THR B 99 9.36 19.35 -30.76
CA THR B 99 10.49 20.09 -30.22
C THR B 99 10.72 21.43 -30.92
N ASN B 100 10.03 21.63 -32.03
CA ASN B 100 10.15 22.88 -32.79
C ASN B 100 8.82 23.62 -32.82
N PRO B 101 8.64 24.61 -31.94
CA PRO B 101 7.35 25.28 -31.75
C PRO B 101 6.76 25.84 -33.04
N GLN B 102 7.62 26.32 -33.95
CA GLN B 102 7.16 27.00 -35.16
C GLN B 102 6.79 26.04 -36.29
N ASP B 103 7.18 24.78 -36.15
CA ASP B 103 6.91 23.77 -37.17
C ASP B 103 5.40 23.52 -37.22
N THR B 104 4.82 23.53 -38.41
CA THR B 104 3.38 23.30 -38.53
C THR B 104 3.06 21.96 -39.20
N ARG B 105 4.09 21.17 -39.47
CA ARG B 105 3.89 19.84 -40.05
C ARG B 105 3.19 18.88 -39.08
N ALA B 106 2.26 18.09 -39.61
CA ALA B 106 1.57 17.10 -38.80
C ALA B 106 1.17 15.94 -39.69
N THR B 107 0.88 14.81 -39.07
CA THR B 107 0.58 13.62 -39.85
C THR B 107 -0.36 12.72 -39.06
N ALA B 108 -0.92 11.71 -39.72
CA ALA B 108 -1.75 10.74 -39.02
C ALA B 108 -0.88 9.66 -38.42
N CYS B 109 -1.41 9.00 -37.39
CA CYS B 109 -0.80 7.79 -36.89
C CYS B 109 -1.48 6.56 -37.52
N GLU B 110 -0.78 5.89 -38.43
CA GLU B 110 -1.33 4.70 -39.07
C GLU B 110 -0.36 3.53 -38.91
N PRO B 111 -0.72 2.55 -38.07
CA PRO B 111 -1.98 2.45 -37.32
C PRO B 111 -1.99 3.39 -36.11
N PRO B 112 -3.16 3.57 -35.48
CA PRO B 112 -3.13 4.42 -34.29
C PRO B 112 -2.26 3.82 -33.17
N VAL B 113 -1.72 4.67 -32.33
CA VAL B 113 -0.83 4.26 -31.24
C VAL B 113 -1.57 4.14 -29.92
N LEU B 114 -1.46 2.99 -29.26
CA LEU B 114 -2.09 2.81 -27.96
C LEU B 114 -1.42 3.67 -26.88
N CYS B 115 -2.21 4.52 -26.24
CA CYS B 115 -1.68 5.41 -25.19
C CYS B 115 -2.16 5.06 -23.79
N GLY B 116 -3.20 4.25 -23.69
CA GLY B 116 -3.64 3.86 -22.36
C GLY B 116 -4.76 2.82 -22.37
N THR B 117 -4.82 2.04 -21.29
CA THR B 117 -5.89 1.09 -21.08
C THR B 117 -6.32 1.13 -19.63
N ALA B 118 -7.55 0.73 -19.35
CA ALA B 118 -8.05 0.66 -17.98
C ALA B 118 -9.27 -0.20 -17.88
N THR B 119 -9.48 -0.75 -16.70
CA THR B 119 -10.74 -1.34 -16.29
C THR B 119 -11.30 -0.48 -15.18
N GLY B 120 -12.55 -0.06 -15.30
CA GLY B 120 -13.12 0.77 -14.26
C GLY B 120 -14.59 0.50 -14.10
N SER B 121 -15.11 0.81 -12.92
CA SER B 121 -16.50 0.52 -12.58
C SER B 121 -17.25 1.78 -12.16
N LEU B 122 -18.53 1.82 -12.54
CA LEU B 122 -19.42 2.91 -12.20
C LEU B 122 -20.64 2.39 -11.45
N PHE B 123 -21.28 3.30 -10.73
CA PHE B 123 -22.37 2.98 -9.82
C PHE B 123 -23.63 3.78 -10.16
N ILE B 124 -24.75 3.09 -10.27
CA ILE B 124 -26.05 3.73 -10.27
C ILE B 124 -26.91 3.05 -9.21
N ALA B 125 -27.39 3.83 -8.25
CA ALA B 125 -28.24 3.29 -7.21
C ALA B 125 -29.46 2.63 -7.85
N LYS B 126 -29.93 1.54 -7.24
CA LYS B 126 -31.04 0.78 -7.78
C LYS B 126 -32.20 1.69 -8.16
N ASP B 127 -32.59 2.59 -7.26
CA ASP B 127 -33.74 3.42 -7.52
C ASP B 127 -33.50 4.52 -8.57
N ASN B 128 -32.25 4.71 -8.98
CA ASN B 128 -31.92 5.64 -10.05
C ASN B 128 -31.78 4.94 -11.41
N GLN B 129 -31.91 3.62 -11.43
CA GLN B 129 -31.83 2.89 -12.68
C GLN B 129 -33.14 3.00 -13.45
N ARG B 130 -33.09 3.56 -14.66
CA ARG B 130 -34.30 3.84 -15.44
C ARG B 130 -34.42 3.01 -16.73
N GLY B 131 -33.47 2.11 -16.96
CA GLY B 131 -33.54 1.24 -18.14
C GLY B 131 -32.82 1.90 -19.30
N PRO B 132 -32.57 1.13 -20.36
CA PRO B 132 -31.82 1.63 -21.53
C PRO B 132 -32.44 2.87 -22.16
N GLN B 133 -31.59 3.81 -22.58
CA GLN B 133 -32.06 5.09 -23.12
C GLN B 133 -31.66 5.24 -24.57
N GLU B 134 -30.87 4.28 -25.06
CA GLU B 134 -30.34 4.33 -26.41
C GLU B 134 -30.51 2.95 -27.04
N SER B 135 -30.89 2.90 -28.31
CA SER B 135 -31.36 1.64 -28.91
C SER B 135 -30.34 0.50 -28.90
N SER B 136 -29.04 0.79 -28.97
CA SER B 136 -28.06 -0.29 -29.02
CA SER B 136 -28.05 -0.28 -29.02
C SER B 136 -27.91 -0.96 -27.66
N PHE B 137 -28.48 -0.35 -26.62
CA PHE B 137 -28.40 -0.89 -25.27
C PHE B 137 -29.70 -1.57 -24.83
N LYS B 138 -30.61 -1.76 -25.79
CA LYS B 138 -31.94 -2.24 -25.47
C LYS B 138 -31.93 -3.60 -24.77
N ASP B 139 -30.90 -4.40 -25.01
CA ASP B 139 -30.81 -5.74 -24.42
C ASP B 139 -29.93 -5.76 -23.18
N ALA B 140 -29.45 -4.59 -22.78
CA ALA B 140 -28.71 -4.47 -21.54
C ALA B 140 -29.61 -4.78 -20.36
N LYS B 141 -29.27 -5.82 -19.62
CA LYS B 141 -30.08 -6.24 -18.50
C LYS B 141 -29.25 -6.50 -17.26
N HIS B 142 -29.83 -6.21 -16.10
CA HIS B 142 -29.28 -6.62 -14.81
C HIS B 142 -29.65 -8.06 -14.53
N PRO B 143 -28.78 -8.80 -13.85
CA PRO B 143 -29.10 -10.19 -13.44
C PRO B 143 -30.35 -10.23 -12.56
N MET C 1 -25.23 53.23 -36.80
CA MET C 1 -25.48 52.09 -35.92
C MET C 1 -26.61 52.39 -34.94
N VAL C 2 -27.13 51.36 -34.31
CA VAL C 2 -28.09 51.53 -33.23
C VAL C 2 -27.33 51.56 -31.90
N GLY C 3 -27.42 52.68 -31.19
CA GLY C 3 -26.71 52.82 -29.92
C GLY C 3 -25.24 53.14 -30.12
N LYS C 4 -24.39 52.63 -29.21
CA LYS C 4 -22.96 52.89 -29.25
C LYS C 4 -22.18 51.62 -29.56
N LYS C 5 -20.93 51.80 -29.99
CA LYS C 5 -20.03 50.68 -30.20
C LYS C 5 -19.66 50.08 -28.84
N VAL C 6 -19.59 48.76 -28.77
CA VAL C 6 -19.06 48.09 -27.58
C VAL C 6 -17.64 47.68 -27.89
N VAL C 7 -16.71 47.97 -26.99
CA VAL C 7 -15.31 47.62 -27.17
C VAL C 7 -14.80 46.78 -26.02
N HIS C 8 -14.40 45.54 -26.31
CA HIS C 8 -13.66 44.73 -25.37
C HIS C 8 -12.17 44.84 -25.63
N HIS C 9 -11.36 44.70 -24.58
CA HIS C 9 -9.93 44.92 -24.70
C HIS C 9 -9.25 44.07 -23.65
N LEU C 10 -8.33 43.20 -24.08
CA LEU C 10 -7.68 42.32 -23.11
C LEU C 10 -6.39 41.75 -23.70
N MET C 11 -5.72 40.90 -22.95
CA MET C 11 -4.45 40.31 -23.38
C MET C 11 -4.64 38.82 -23.69
N MET C 12 -3.95 38.32 -24.71
CA MET C 12 -3.79 36.87 -24.87
C MET C 12 -2.68 36.41 -23.93
N SER C 13 -3.03 35.57 -22.95
CA SER C 13 -2.02 35.00 -22.06
C SER C 13 -1.62 33.63 -22.58
N ALA C 14 -0.68 32.98 -21.88
CA ALA C 14 -0.28 31.61 -22.24
C ALA C 14 -1.49 30.68 -22.26
N LYS C 15 -2.49 30.99 -21.45
CA LYS C 15 -3.71 30.18 -21.38
C LYS C 15 -4.57 30.26 -22.66
N ASP C 16 -4.33 31.26 -23.49
CA ASP C 16 -5.08 31.42 -24.72
C ASP C 16 -4.40 30.71 -25.89
N ALA C 17 -3.17 30.26 -25.70
CA ALA C 17 -2.50 29.48 -26.72
C ALA C 17 -3.34 28.25 -27.01
N HIS C 18 -3.42 27.83 -28.28
CA HIS C 18 -4.26 26.69 -28.62
C HIS C 18 -3.52 25.68 -29.47
N TYR C 19 -2.93 26.16 -30.56
CA TYR C 19 -2.09 25.29 -31.35
C TYR C 19 -0.66 25.44 -30.87
N THR C 20 0.23 24.61 -31.39
CA THR C 20 1.63 24.73 -31.04
C THR C 20 2.18 26.10 -31.48
N GLY C 21 3.33 26.49 -30.95
CA GLY C 21 3.97 27.72 -31.34
C GLY C 21 3.29 28.97 -30.80
N ASN C 22 2.53 28.80 -29.72
CA ASN C 22 1.86 29.90 -29.04
C ASN C 22 0.83 30.60 -29.92
N LEU C 23 0.30 29.85 -30.87
CA LEU C 23 -0.70 30.35 -31.80
C LEU C 23 -2.07 30.24 -31.17
N VAL C 24 -2.78 31.35 -31.14
CA VAL C 24 -4.13 31.37 -30.61
C VAL C 24 -5.06 30.90 -31.72
N ASN C 25 -6.13 30.18 -31.38
CA ASN C 25 -7.08 29.75 -32.41
C ASN C 25 -8.08 30.85 -32.78
N GLY C 26 -8.58 30.80 -34.01
CA GLY C 26 -9.55 31.77 -34.47
C GLY C 26 -10.80 31.82 -33.61
N ALA C 27 -11.14 30.68 -33.02
CA ALA C 27 -12.34 30.60 -32.20
C ALA C 27 -12.24 31.51 -30.97
N ARG C 28 -11.03 31.86 -30.54
CA ARG C 28 -10.87 32.76 -29.39
C ARG C 28 -11.49 34.11 -29.70
N ILE C 29 -11.37 34.52 -30.95
CA ILE C 29 -11.99 35.76 -31.40
C ILE C 29 -13.51 35.66 -31.34
N VAL C 30 -14.04 34.53 -31.81
CA VAL C 30 -15.50 34.31 -31.84
C VAL C 30 -16.07 34.25 -30.42
N ASN C 31 -15.32 33.63 -29.51
CA ASN C 31 -15.65 33.64 -28.09
C ASN C 31 -15.86 35.07 -27.63
N GLN C 32 -14.92 35.95 -27.96
CA GLN C 32 -15.03 37.30 -27.46
C GLN C 32 -16.19 38.03 -28.12
N TRP C 33 -16.41 37.79 -29.41
CA TRP C 33 -17.51 38.43 -30.13
C TRP C 33 -18.85 38.02 -29.53
N GLY C 34 -18.96 36.77 -29.06
CA GLY C 34 -20.17 36.34 -28.39
C GLY C 34 -20.45 37.20 -27.18
N ASP C 35 -19.41 37.53 -26.43
CA ASP C 35 -19.57 38.35 -25.23
C ASP C 35 -19.83 39.82 -25.59
N VAL C 36 -19.19 40.29 -26.66
CA VAL C 36 -19.49 41.63 -27.17
C VAL C 36 -20.96 41.70 -27.59
N GLY C 37 -21.44 40.68 -28.30
CA GLY C 37 -22.82 40.68 -28.74
C GLY C 37 -23.77 40.65 -27.55
N THR C 38 -23.44 39.81 -26.58
CA THR C 38 -24.21 39.77 -25.33
C THR C 38 -24.33 41.16 -24.71
N GLU C 39 -23.22 41.86 -24.61
CA GLU C 39 -23.27 43.19 -24.00
C GLU C 39 -24.20 44.14 -24.78
N LEU C 40 -24.13 44.10 -26.11
CA LEU C 40 -25.01 44.91 -26.95
C LEU C 40 -26.48 44.57 -26.70
N MET C 41 -26.78 43.30 -26.50
CA MET C 41 -28.15 42.89 -26.30
C MET C 41 -28.65 43.30 -24.91
N VAL C 42 -27.76 43.27 -23.92
CA VAL C 42 -28.10 43.74 -22.59
C VAL C 42 -28.51 45.21 -22.68
N TYR C 43 -27.77 45.98 -23.45
CA TYR C 43 -28.05 47.41 -23.56
C TYR C 43 -29.28 47.73 -24.39
N VAL C 44 -29.53 46.97 -25.45
CA VAL C 44 -30.63 47.34 -26.33
C VAL C 44 -31.99 46.83 -25.84
N ASP C 45 -32.01 45.72 -25.09
CA ASP C 45 -33.29 45.17 -24.66
C ASP C 45 -33.24 44.37 -23.36
N GLY C 46 -32.13 44.45 -22.64
CA GLY C 46 -32.11 43.96 -21.27
C GLY C 46 -32.11 42.47 -21.08
N ASP C 47 -31.52 41.76 -22.03
CA ASP C 47 -31.47 40.30 -21.97
C ASP C 47 -30.15 39.84 -22.54
N ILE C 48 -29.60 38.74 -22.03
CA ILE C 48 -28.28 38.31 -22.54
C ILE C 48 -28.37 37.74 -23.96
N SER C 49 -29.59 37.37 -24.38
CA SER C 49 -29.91 36.88 -25.73
C SER C 49 -29.35 35.50 -26.06
N LEU C 50 -29.72 35.00 -27.24
CA LEU C 50 -29.14 33.79 -27.80
C LEU C 50 -28.51 34.15 -29.14
N PHE C 51 -27.27 33.73 -29.35
CA PHE C 51 -26.62 34.00 -30.63
C PHE C 51 -27.23 33.11 -31.72
N LEU C 52 -27.70 33.73 -32.79
CA LEU C 52 -28.31 32.98 -33.90
C LEU C 52 -27.27 32.39 -34.83
N GLY C 53 -26.21 33.14 -35.08
CA GLY C 53 -25.19 32.70 -36.00
C GLY C 53 -24.46 33.84 -36.69
N TYR C 54 -23.61 33.47 -37.63
CA TYR C 54 -22.77 34.45 -38.33
C TYR C 54 -22.90 34.30 -39.82
N LYS C 55 -22.87 35.43 -40.52
N LYS C 55 -23.24 35.39 -40.49
CA LYS C 55 -22.50 35.45 -41.92
CA LYS C 55 -23.40 35.34 -41.94
C LYS C 55 -21.09 36.02 -42.08
C LYS C 55 -22.03 35.05 -42.53
N ASP C 56 -20.24 35.32 -42.84
N ASP C 56 -21.04 35.74 -42.00
CA ASP C 56 -18.94 35.84 -43.28
CA ASP C 56 -19.66 35.57 -42.44
C ASP C 56 -17.93 36.15 -42.18
C ASP C 56 -18.67 35.89 -41.33
N ILE C 57 -17.55 35.18 -41.36
CA ILE C 57 -16.42 35.44 -40.46
C ILE C 57 -15.18 35.41 -41.34
N GLU C 58 -14.31 36.42 -41.21
CA GLU C 58 -13.01 36.31 -41.85
C GLU C 58 -11.89 36.48 -40.82
N PHE C 59 -10.93 35.56 -40.84
CA PHE C 59 -9.74 35.65 -39.99
C PHE C 59 -8.60 36.20 -40.84
N THR C 60 -8.09 37.38 -40.49
CA THR C 60 -7.24 38.11 -41.43
C THR C 60 -5.76 38.17 -41.04
N ALA C 61 -5.44 37.86 -39.78
CA ALA C 61 -4.06 37.85 -39.32
C ALA C 61 -3.92 36.96 -38.11
N PRO C 62 -2.75 36.33 -37.94
CA PRO C 62 -2.52 35.40 -36.83
C PRO C 62 -2.41 36.13 -35.50
N VAL C 63 -2.83 35.47 -34.43
CA VAL C 63 -2.84 36.03 -33.08
C VAL C 63 -2.03 35.09 -32.19
N TYR C 64 -1.18 35.66 -31.36
CA TYR C 64 -0.26 34.89 -30.51
C TYR C 64 -0.36 35.30 -29.05
N VAL C 65 0.06 34.39 -28.18
CA VAL C 65 0.32 34.73 -26.79
C VAL C 65 1.09 36.06 -26.68
N GLY C 66 0.67 36.92 -25.78
CA GLY C 66 1.34 38.21 -25.62
C GLY C 66 0.72 39.33 -26.46
N ASP C 67 -0.18 38.98 -27.37
CA ASP C 67 -0.89 40.01 -28.12
C ASP C 67 -1.92 40.69 -27.22
N PHE C 68 -2.01 42.01 -27.33
CA PHE C 68 -3.13 42.71 -26.75
C PHE C 68 -4.14 42.96 -27.86
N MET C 69 -5.40 42.64 -27.56
CA MET C 69 -6.45 42.59 -28.57
C MET C 69 -7.66 43.41 -28.18
N GLU C 70 -8.24 44.04 -29.18
CA GLU C 70 -9.52 44.73 -29.03
C GLU C 70 -10.57 44.07 -29.90
N TYR C 71 -11.79 44.03 -29.40
CA TYR C 71 -12.89 43.42 -30.13
C TYR C 71 -14.02 44.43 -30.11
N HIS C 72 -14.42 44.85 -31.31
CA HIS C 72 -15.47 45.85 -31.48
C HIS C 72 -16.73 45.22 -32.01
N GLY C 73 -17.87 45.67 -31.52
CA GLY C 73 -19.13 45.23 -32.07
C GLY C 73 -20.16 46.34 -32.00
N TRP C 74 -21.07 46.36 -32.95
CA TRP C 74 -22.19 47.29 -32.89
C TRP C 74 -23.41 46.71 -33.56
N ILE C 75 -24.56 47.26 -33.21
CA ILE C 75 -25.82 46.87 -33.83
C ILE C 75 -26.03 47.65 -35.12
N GLU C 76 -26.20 46.93 -36.22
CA GLU C 76 -26.53 47.54 -37.50
C GLU C 76 -28.03 47.77 -37.61
N LYS C 77 -28.81 46.77 -37.22
CA LYS C 77 -30.26 46.93 -37.27
C LYS C 77 -31.02 46.06 -36.28
N VAL C 78 -32.09 46.63 -35.74
CA VAL C 78 -33.00 45.90 -34.88
C VAL C 78 -34.15 45.33 -35.69
N GLY C 79 -34.36 44.02 -35.59
CA GLY C 79 -35.46 43.36 -36.27
C GLY C 79 -36.60 43.11 -35.30
N ASN C 80 -37.37 42.05 -35.54
CA ASN C 80 -38.50 41.74 -34.66
C ASN C 80 -37.97 41.04 -33.41
N GLN C 81 -37.43 39.84 -33.59
CA GLN C 81 -36.81 39.09 -32.51
C GLN C 81 -35.31 38.94 -32.75
N SER C 82 -34.83 39.41 -33.90
CA SER C 82 -33.42 39.33 -34.25
C SER C 82 -32.77 40.71 -34.27
N TYR C 83 -31.45 40.71 -34.06
CA TYR C 83 -30.63 41.92 -34.07
C TYR C 83 -29.38 41.61 -34.90
N THR C 84 -29.13 42.39 -35.95
CA THR C 84 -28.00 42.15 -36.83
C THR C 84 -26.83 43.03 -36.42
N CYS C 85 -25.67 42.41 -36.22
CA CYS C 85 -24.50 43.09 -35.67
C CYS C 85 -23.26 42.92 -36.54
N LYS C 86 -22.34 43.86 -36.43
CA LYS C 86 -21.03 43.75 -37.09
C LYS C 86 -19.93 43.69 -36.03
N PHE C 87 -18.87 42.95 -36.33
CA PHE C 87 -17.78 42.72 -35.40
C PHE C 87 -16.42 42.88 -36.07
N GLU C 88 -15.46 43.39 -35.29
CA GLU C 88 -14.07 43.48 -35.70
C GLU C 88 -13.14 43.01 -34.59
N ALA C 89 -11.95 42.57 -34.97
CA ALA C 89 -10.91 42.23 -34.01
C ALA C 89 -9.61 42.88 -34.44
N TRP C 90 -8.96 43.55 -33.49
CA TRP C 90 -7.75 44.32 -33.75
C TRP C 90 -6.64 44.00 -32.78
N LYS C 91 -5.41 43.85 -33.30
CA LYS C 91 -4.23 43.69 -32.45
C LYS C 91 -3.55 45.03 -32.19
N VAL C 92 -3.36 45.39 -30.92
CA VAL C 92 -2.79 46.71 -30.59
C VAL C 92 -1.39 46.67 -29.95
N ALA C 93 -0.94 45.48 -29.56
CA ALA C 93 0.41 45.31 -29.05
C ALA C 93 0.79 43.84 -29.15
N LYS C 94 2.08 43.54 -29.03
CA LYS C 94 2.57 42.18 -29.27
C LYS C 94 3.98 41.97 -28.73
N MET C 95 4.36 40.71 -28.53
CA MET C 95 5.75 40.37 -28.27
C MET C 95 6.56 40.65 -29.53
N VAL C 96 7.81 41.07 -29.37
CA VAL C 96 8.66 41.31 -30.53
C VAL C 96 9.04 40.00 -31.21
N ASP C 97 9.39 39.00 -30.40
CA ASP C 97 9.81 37.71 -30.95
C ASP C 97 9.21 36.53 -30.19
N ILE C 98 8.02 36.12 -30.62
CA ILE C 98 7.32 35.02 -29.98
C ILE C 98 8.10 33.71 -30.06
N THR C 99 9.06 33.62 -30.99
CA THR C 99 9.79 32.36 -31.16
C THR C 99 10.86 32.16 -30.10
N ASN C 100 11.19 33.21 -29.35
CA ASN C 100 12.15 33.14 -28.26
C ASN C 100 11.45 33.28 -26.88
N PRO C 101 11.19 32.15 -26.20
CA PRO C 101 10.42 32.24 -24.95
C PRO C 101 11.04 33.15 -23.88
N GLN C 102 12.35 33.37 -23.92
CA GLN C 102 12.98 34.17 -22.89
C GLN C 102 13.08 35.65 -23.26
N ASP C 103 12.66 35.98 -24.48
CA ASP C 103 12.63 37.38 -24.93
C ASP C 103 11.43 38.09 -24.28
N THR C 104 11.70 39.08 -23.45
CA THR C 104 10.63 39.82 -22.78
C THR C 104 10.23 41.10 -23.52
N ARG C 105 10.83 41.33 -24.69
CA ARG C 105 10.55 42.54 -25.46
C ARG C 105 9.15 42.55 -26.04
N ALA C 106 8.48 43.70 -25.99
CA ALA C 106 7.16 43.82 -26.60
C ALA C 106 6.97 45.26 -27.08
N THR C 107 5.99 45.48 -27.94
CA THR C 107 5.80 46.80 -28.54
C THR C 107 4.35 47.01 -28.96
N ALA C 108 3.99 48.25 -29.26
CA ALA C 108 2.66 48.54 -29.77
C ALA C 108 2.57 48.26 -31.27
N CYS C 109 1.36 48.00 -31.73
CA CYS C 109 1.09 47.91 -33.16
C CYS C 109 0.57 49.27 -33.60
N GLU C 110 1.40 50.01 -34.32
CA GLU C 110 1.02 51.32 -34.83
C GLU C 110 1.30 51.42 -36.32
N PRO C 111 0.26 51.30 -37.17
CA PRO C 111 -1.17 51.14 -36.87
C PRO C 111 -1.55 49.77 -36.29
N PRO C 112 -2.71 49.69 -35.64
CA PRO C 112 -3.20 48.38 -35.18
C PRO C 112 -3.44 47.46 -36.35
N VAL C 113 -3.42 46.15 -36.10
CA VAL C 113 -3.54 45.16 -37.16
C VAL C 113 -4.90 44.48 -37.13
N LEU C 114 -5.62 44.52 -38.25
CA LEU C 114 -6.91 43.84 -38.33
C LEU C 114 -6.73 42.32 -38.28
N CYS C 115 -7.40 41.67 -37.34
CA CYS C 115 -7.29 40.22 -37.16
C CYS C 115 -8.56 39.46 -37.52
N GLY C 116 -9.68 40.16 -37.58
CA GLY C 116 -10.92 39.50 -37.95
C GLY C 116 -12.07 40.46 -38.15
N THR C 117 -13.02 40.05 -38.98
CA THR C 117 -14.30 40.72 -39.14
C THR C 117 -15.41 39.69 -39.19
N ALA C 118 -16.64 40.15 -38.92
CA ALA C 118 -17.78 39.25 -38.95
C ALA C 118 -19.08 40.00 -38.99
N THR C 119 -20.10 39.36 -39.55
CA THR C 119 -21.47 39.78 -39.41
C THR C 119 -22.24 38.67 -38.69
N GLY C 120 -22.91 39.02 -37.61
CA GLY C 120 -23.63 38.01 -36.86
C GLY C 120 -24.89 38.58 -36.24
N SER C 121 -25.80 37.68 -35.87
CA SER C 121 -27.10 38.10 -35.36
C SER C 121 -27.42 37.38 -34.07
N LEU C 122 -28.14 38.09 -33.21
CA LEU C 122 -28.60 37.55 -31.93
C LEU C 122 -30.12 37.65 -31.82
N PHE C 123 -30.66 36.90 -30.87
CA PHE C 123 -32.10 36.66 -30.74
C PHE C 123 -32.55 36.97 -29.33
N ILE C 124 -33.60 37.79 -29.19
CA ILE C 124 -34.29 37.93 -27.91
C ILE C 124 -35.78 37.69 -28.18
N ALA C 125 -36.35 36.68 -27.53
CA ALA C 125 -37.79 36.41 -27.68
C ALA C 125 -38.58 37.66 -27.32
N LYS C 126 -39.69 37.89 -28.02
CA LYS C 126 -40.47 39.11 -27.86
C LYS C 126 -40.80 39.37 -26.40
N ASP C 127 -41.14 38.32 -25.67
CA ASP C 127 -41.58 38.48 -24.29
C ASP C 127 -40.41 38.71 -23.33
N ASN C 128 -39.20 38.58 -23.85
CA ASN C 128 -37.99 38.86 -23.07
C ASN C 128 -37.39 40.23 -23.40
N GLN C 129 -38.00 40.94 -24.34
CA GLN C 129 -37.54 42.28 -24.70
C GLN C 129 -38.00 43.33 -23.70
N ARG C 130 -37.04 43.94 -23.01
CA ARG C 130 -37.38 44.83 -21.88
C ARG C 130 -37.09 46.29 -22.15
N GLY C 131 -36.68 46.61 -23.39
CA GLY C 131 -36.34 47.98 -23.74
C GLY C 131 -34.90 48.31 -23.41
N PRO C 132 -34.41 49.46 -23.91
CA PRO C 132 -33.03 49.91 -23.66
C PRO C 132 -32.69 49.98 -22.19
N GLN C 133 -31.46 49.61 -21.85
CA GLN C 133 -31.01 49.58 -20.47
C GLN C 133 -29.83 50.52 -20.24
N GLU C 134 -29.39 51.18 -21.31
CA GLU C 134 -28.21 52.03 -21.27
C GLU C 134 -28.49 53.28 -22.11
N SER C 135 -28.06 54.45 -21.60
CA SER C 135 -28.52 55.73 -22.15
C SER C 135 -28.28 55.92 -23.66
N SER C 136 -27.18 55.40 -24.19
CA SER C 136 -26.87 55.59 -25.61
CA SER C 136 -26.87 55.59 -25.61
C SER C 136 -27.80 54.78 -26.52
N PHE C 137 -28.57 53.88 -25.92
CA PHE C 137 -29.45 53.01 -26.70
C PHE C 137 -30.91 53.42 -26.59
N LYS C 138 -31.16 54.58 -26.01
CA LYS C 138 -32.52 55.01 -25.69
C LYS C 138 -33.42 55.12 -26.93
N ASP C 139 -32.83 55.33 -28.10
CA ASP C 139 -33.62 55.50 -29.31
C ASP C 139 -33.76 54.20 -30.12
N ALA C 140 -33.21 53.10 -29.60
CA ALA C 140 -33.37 51.80 -30.25
C ALA C 140 -34.84 51.40 -30.34
N LYS C 141 -35.27 51.02 -31.54
CA LYS C 141 -36.67 50.69 -31.76
C LYS C 141 -36.80 49.48 -32.66
N HIS C 142 -37.83 48.67 -32.42
CA HIS C 142 -38.19 47.57 -33.31
C HIS C 142 -39.06 48.06 -34.46
N PRO C 143 -39.08 47.34 -35.59
CA PRO C 143 -39.88 47.80 -36.73
C PRO C 143 -41.35 47.94 -36.39
N MET D 1 -17.60 14.74 -51.69
CA MET D 1 -16.69 14.72 -50.55
C MET D 1 -15.34 14.14 -50.93
N VAL D 2 -14.28 14.76 -50.44
CA VAL D 2 -12.93 14.22 -50.54
C VAL D 2 -12.59 13.60 -49.18
N GLY D 3 -11.89 12.47 -49.19
CA GLY D 3 -11.51 11.82 -47.94
C GLY D 3 -12.69 11.28 -47.17
N LYS D 4 -12.57 11.29 -45.84
CA LYS D 4 -13.62 10.81 -44.94
C LYS D 4 -14.12 11.94 -44.05
N LYS D 5 -15.30 11.74 -43.48
CA LYS D 5 -15.84 12.64 -42.48
C LYS D 5 -15.07 12.46 -41.16
N VAL D 6 -14.59 13.56 -40.60
CA VAL D 6 -13.97 13.53 -39.28
C VAL D 6 -15.03 13.84 -38.23
N VAL D 7 -15.06 13.02 -37.18
CA VAL D 7 -16.05 13.11 -36.13
C VAL D 7 -15.38 13.32 -34.79
N HIS D 8 -15.52 14.52 -34.21
CA HIS D 8 -15.16 14.68 -32.81
C HIS D 8 -16.38 14.38 -31.95
N HIS D 9 -16.14 13.97 -30.72
CA HIS D 9 -17.20 13.52 -29.83
C HIS D 9 -16.71 13.72 -28.40
N LEU D 10 -17.47 14.44 -27.59
CA LEU D 10 -17.05 14.67 -26.21
C LEU D 10 -18.24 15.14 -25.38
N MET D 11 -17.99 15.48 -24.12
CA MET D 11 -19.05 15.94 -23.21
C MET D 11 -18.85 17.41 -22.90
N MET D 12 -19.96 18.15 -22.76
CA MET D 12 -19.94 19.46 -22.12
C MET D 12 -19.92 19.26 -20.62
N SER D 13 -18.82 19.65 -19.98
CA SER D 13 -18.75 19.63 -18.52
C SER D 13 -19.17 20.97 -17.94
N ALA D 14 -19.16 21.06 -16.61
CA ALA D 14 -19.44 22.33 -15.95
C ALA D 14 -18.45 23.38 -16.44
N LYS D 15 -17.28 22.95 -16.88
CA LYS D 15 -16.24 23.87 -17.31
C LYS D 15 -16.55 24.50 -18.65
N ASP D 16 -17.54 23.95 -19.35
CA ASP D 16 -17.92 24.50 -20.64
C ASP D 16 -19.06 25.51 -20.55
N ALA D 17 -19.69 25.58 -19.39
CA ALA D 17 -20.69 26.61 -19.15
C ALA D 17 -20.06 27.97 -19.36
N HIS D 18 -20.82 28.88 -19.95
CA HIS D 18 -20.27 30.19 -20.26
C HIS D 18 -21.21 31.29 -19.79
N TYR D 19 -22.46 31.21 -20.19
CA TYR D 19 -23.44 32.15 -19.67
C TYR D 19 -24.12 31.53 -18.47
N THR D 20 -24.97 32.31 -17.81
CA THR D 20 -25.71 31.80 -16.66
C THR D 20 -26.65 30.66 -17.10
N GLY D 21 -27.10 29.86 -16.12
CA GLY D 21 -28.03 28.81 -16.42
C GLY D 21 -27.42 27.58 -17.06
N ASN D 22 -26.11 27.42 -16.91
CA ASN D 22 -25.38 26.27 -17.45
C ASN D 22 -25.41 26.22 -18.96
N LEU D 23 -25.60 27.39 -19.57
CA LEU D 23 -25.64 27.52 -21.02
C LEU D 23 -24.25 27.66 -21.60
N VAL D 24 -23.94 26.81 -22.59
CA VAL D 24 -22.67 26.84 -23.27
C VAL D 24 -22.74 27.89 -24.38
N ASN D 25 -21.64 28.60 -24.62
CA ASN D 25 -21.63 29.62 -25.66
C ASN D 25 -21.48 28.99 -27.03
N GLY D 26 -22.02 29.67 -28.04
CA GLY D 26 -21.94 29.17 -29.41
C GLY D 26 -20.50 28.98 -29.86
N ALA D 27 -19.61 29.80 -29.32
CA ALA D 27 -18.20 29.72 -29.71
C ALA D 27 -17.54 28.40 -29.30
N ARG D 28 -18.13 27.70 -28.33
CA ARG D 28 -17.62 26.37 -28.00
C ARG D 28 -17.71 25.42 -29.20
N ILE D 29 -18.77 25.56 -30.01
CA ILE D 29 -18.93 24.77 -31.24
C ILE D 29 -17.87 25.18 -32.26
N VAL D 30 -17.64 26.47 -32.39
CA VAL D 30 -16.65 26.96 -33.34
C VAL D 30 -15.24 26.55 -32.92
N ASN D 31 -14.98 26.55 -31.60
CA ASN D 31 -13.72 26.02 -31.07
C ASN D 31 -13.50 24.59 -31.56
N GLN D 32 -14.53 23.76 -31.43
CA GLN D 32 -14.38 22.37 -31.83
C GLN D 32 -14.20 22.24 -33.34
N TRP D 33 -14.97 23.00 -34.11
CA TRP D 33 -14.85 22.95 -35.56
C TRP D 33 -13.46 23.37 -36.02
N GLY D 34 -12.83 24.28 -35.29
CA GLY D 34 -11.46 24.65 -35.63
C GLY D 34 -10.54 23.44 -35.53
N ASP D 35 -10.74 22.62 -34.50
CA ASP D 35 -9.91 21.42 -34.32
C ASP D 35 -10.26 20.36 -35.35
N VAL D 36 -11.53 20.27 -35.73
CA VAL D 36 -11.95 19.32 -36.78
C VAL D 36 -11.33 19.73 -38.12
N GLY D 37 -11.40 21.03 -38.44
CA GLY D 37 -10.77 21.54 -39.65
C GLY D 37 -9.28 21.24 -39.65
N THR D 38 -8.66 21.37 -38.49
CA THR D 38 -7.24 21.13 -38.38
C THR D 38 -6.93 19.67 -38.71
N GLU D 39 -7.73 18.76 -38.15
CA GLU D 39 -7.52 17.33 -38.42
C GLU D 39 -7.68 17.02 -39.90
N LEU D 40 -8.70 17.59 -40.55
CA LEU D 40 -8.87 17.40 -41.99
C LEU D 40 -7.66 17.91 -42.78
N MET D 41 -7.08 19.02 -42.35
CA MET D 41 -5.96 19.60 -43.08
C MET D 41 -4.70 18.78 -42.87
N VAL D 42 -4.55 18.22 -41.67
CA VAL D 42 -3.43 17.32 -41.41
C VAL D 42 -3.51 16.14 -42.37
N TYR D 43 -4.71 15.60 -42.52
CA TYR D 43 -4.92 14.42 -43.34
C TYR D 43 -4.79 14.68 -44.83
N VAL D 44 -5.22 15.84 -45.30
CA VAL D 44 -5.19 16.09 -46.74
C VAL D 44 -3.83 16.62 -47.25
N ASP D 45 -3.06 17.31 -46.41
CA ASP D 45 -1.80 17.86 -46.88
C ASP D 45 -0.73 18.06 -45.80
N GLY D 46 -0.91 17.45 -44.63
CA GLY D 46 0.15 17.37 -43.65
C GLY D 46 0.56 18.65 -42.95
N ASP D 47 -0.39 19.56 -42.75
CA ASP D 47 -0.14 20.83 -42.09
C ASP D 47 -1.34 21.18 -41.22
N ILE D 48 -1.10 21.78 -40.06
CA ILE D 48 -2.21 22.14 -39.19
C ILE D 48 -3.05 23.28 -39.77
N SER D 49 -2.48 24.01 -40.73
CA SER D 49 -3.19 25.04 -41.51
C SER D 49 -3.60 26.26 -40.71
N LEU D 50 -4.24 27.19 -41.41
CA LEU D 50 -4.80 28.39 -40.82
C LEU D 50 -6.23 28.51 -41.30
N PHE D 51 -7.14 28.80 -40.38
CA PHE D 51 -8.54 28.98 -40.74
C PHE D 51 -8.72 30.32 -41.45
N LEU D 52 -9.34 30.32 -42.64
CA LEU D 52 -9.56 31.56 -43.39
C LEU D 52 -10.81 32.30 -42.95
N GLY D 53 -11.86 31.54 -42.67
CA GLY D 53 -13.13 32.13 -42.27
C GLY D 53 -14.26 31.16 -42.39
N TYR D 54 -15.46 31.64 -42.13
CA TYR D 54 -16.67 30.83 -42.17
C TYR D 54 -17.75 31.54 -42.95
N LYS D 55 -18.68 30.76 -43.49
CA LYS D 55 -19.93 31.31 -43.99
C LYS D 55 -21.10 30.56 -43.38
N ASP D 56 -22.17 31.27 -43.10
CA ASP D 56 -23.42 30.68 -42.64
C ASP D 56 -23.26 29.81 -41.39
N ILE D 57 -22.58 30.32 -40.37
CA ILE D 57 -22.61 29.60 -39.10
C ILE D 57 -24.00 29.78 -38.57
N GLU D 58 -24.63 28.68 -38.17
CA GLU D 58 -25.97 28.77 -37.62
C GLU D 58 -26.00 27.96 -36.35
N PHE D 59 -26.45 28.60 -35.28
CA PHE D 59 -26.61 27.94 -34.00
C PHE D 59 -28.09 27.61 -33.86
N THR D 60 -28.43 26.33 -33.94
CA THR D 60 -29.82 25.98 -34.17
C THR D 60 -30.57 25.45 -32.94
N ALA D 61 -29.82 25.08 -31.91
CA ALA D 61 -30.43 24.61 -30.67
C ALA D 61 -29.46 24.85 -29.53
N PRO D 62 -29.98 25.19 -28.34
CA PRO D 62 -29.07 25.49 -27.21
C PRO D 62 -28.33 24.24 -26.70
N VAL D 63 -27.12 24.49 -26.19
CA VAL D 63 -26.27 23.46 -25.63
C VAL D 63 -26.01 23.75 -24.15
N TYR D 64 -26.11 22.72 -23.32
CA TYR D 64 -25.97 22.86 -21.87
C TYR D 64 -24.90 21.94 -21.28
N VAL D 65 -24.44 22.27 -20.07
CA VAL D 65 -23.67 21.35 -19.27
C VAL D 65 -24.36 19.98 -19.24
N GLY D 66 -23.58 18.92 -19.42
CA GLY D 66 -24.16 17.57 -19.39
C GLY D 66 -24.57 17.06 -20.76
N ASP D 67 -24.52 17.93 -21.76
CA ASP D 67 -24.80 17.49 -23.13
C ASP D 67 -23.59 16.74 -23.68
N PHE D 68 -23.86 15.63 -24.35
CA PHE D 68 -22.85 14.95 -25.14
C PHE D 68 -23.00 15.37 -26.59
N MET D 69 -21.90 15.80 -27.19
CA MET D 69 -21.90 16.46 -28.50
C MET D 69 -20.99 15.77 -29.50
N GLU D 70 -21.43 15.76 -30.75
CA GLU D 70 -20.58 15.33 -31.86
C GLU D 70 -20.37 16.47 -32.82
N TYR D 71 -19.19 16.55 -33.37
CA TYR D 71 -18.88 17.61 -34.32
C TYR D 71 -18.34 16.94 -35.58
N HIS D 72 -19.07 17.07 -36.67
CA HIS D 72 -18.66 16.47 -37.94
C HIS D 72 -18.07 17.50 -38.88
N GLY D 73 -17.04 17.11 -39.61
CA GLY D 73 -16.47 17.98 -40.60
C GLY D 73 -15.95 17.17 -41.76
N TRP D 74 -15.96 17.76 -42.95
CA TRP D 74 -15.40 17.08 -44.10
C TRP D 74 -15.04 18.08 -45.18
N ILE D 75 -14.10 17.70 -46.03
CA ILE D 75 -13.68 18.55 -47.13
C ILE D 75 -14.64 18.39 -48.30
N GLU D 76 -15.23 19.49 -48.75
CA GLU D 76 -16.13 19.42 -49.89
C GLU D 76 -15.41 19.76 -51.19
N LYS D 77 -14.42 20.63 -51.10
CA LYS D 77 -13.73 21.11 -52.28
C LYS D 77 -12.28 21.48 -51.98
N VAL D 78 -11.37 20.92 -52.77
CA VAL D 78 -9.97 21.25 -52.65
C VAL D 78 -9.63 22.30 -53.69
N GLY D 79 -9.03 23.39 -53.24
CA GLY D 79 -8.69 24.50 -54.10
C GLY D 79 -7.19 24.52 -54.33
N ASN D 80 -6.63 25.70 -54.54
CA ASN D 80 -5.20 25.86 -54.77
C ASN D 80 -4.46 25.85 -53.44
N GLN D 81 -4.74 26.85 -52.61
CA GLN D 81 -4.19 26.92 -51.28
C GLN D 81 -5.32 26.92 -50.26
N SER D 82 -6.56 26.94 -50.75
CA SER D 82 -7.71 26.90 -49.86
C SER D 82 -8.42 25.56 -49.93
N TYR D 83 -9.16 25.23 -48.88
CA TYR D 83 -9.91 24.00 -48.77
C TYR D 83 -11.26 24.33 -48.18
N THR D 84 -12.34 24.01 -48.89
CA THR D 84 -13.68 24.32 -48.38
C THR D 84 -14.31 23.14 -47.67
N CYS D 85 -14.73 23.36 -46.43
CA CYS D 85 -15.24 22.28 -45.58
C CYS D 85 -16.64 22.57 -45.08
N LYS D 86 -17.37 21.50 -44.80
CA LYS D 86 -18.69 21.59 -44.16
C LYS D 86 -18.59 21.08 -42.74
N PHE D 87 -19.36 21.68 -41.84
CA PHE D 87 -19.31 21.34 -40.42
C PHE D 87 -20.71 21.20 -39.84
N GLU D 88 -20.88 20.19 -38.98
CA GLU D 88 -22.12 20.02 -38.24
C GLU D 88 -21.83 19.85 -36.74
N ALA D 89 -22.80 20.20 -35.90
CA ALA D 89 -22.73 19.89 -34.47
C ALA D 89 -24.02 19.19 -34.06
N TRP D 90 -23.89 18.06 -33.36
CA TRP D 90 -25.04 17.22 -33.02
C TRP D 90 -25.08 16.89 -31.53
N LYS D 91 -26.24 17.00 -30.91
CA LYS D 91 -26.44 16.57 -29.52
C LYS D 91 -26.95 15.13 -29.49
N VAL D 92 -26.22 14.28 -28.77
CA VAL D 92 -26.52 12.85 -28.77
C VAL D 92 -27.00 12.36 -27.39
N ALA D 93 -26.83 13.20 -26.37
CA ALA D 93 -27.31 12.86 -25.03
C ALA D 93 -27.37 14.13 -24.17
N LYS D 94 -28.13 14.10 -23.09
CA LYS D 94 -28.38 15.31 -22.31
C LYS D 94 -28.91 15.01 -20.91
N MET D 95 -28.78 15.96 -19.99
CA MET D 95 -29.50 15.86 -18.72
C MET D 95 -30.99 15.98 -18.96
N VAL D 96 -31.81 15.24 -18.21
CA VAL D 96 -33.25 15.38 -18.33
C VAL D 96 -33.74 16.77 -17.88
N ASP D 97 -33.20 17.28 -16.77
CA ASP D 97 -33.64 18.57 -16.25
C ASP D 97 -32.46 19.42 -15.78
N ILE D 98 -31.93 20.26 -16.67
CA ILE D 98 -30.79 21.09 -16.32
C ILE D 98 -31.14 22.12 -15.23
N THR D 99 -32.43 22.37 -14.99
CA THR D 99 -32.78 23.41 -14.03
C THR D 99 -32.71 22.90 -12.58
N ASN D 100 -32.55 21.59 -12.42
CA ASN D 100 -32.44 21.00 -11.09
C ASN D 100 -31.05 20.40 -10.91
N PRO D 101 -30.17 21.12 -10.21
CA PRO D 101 -28.77 20.68 -10.12
C PRO D 101 -28.60 19.31 -9.47
N GLN D 102 -29.56 18.87 -8.68
CA GLN D 102 -29.41 17.60 -7.98
C GLN D 102 -30.04 16.44 -8.74
N ASP D 103 -30.66 16.74 -9.88
CA ASP D 103 -31.26 15.71 -10.74
C ASP D 103 -30.13 15.07 -11.53
N THR D 104 -29.93 13.77 -11.35
CA THR D 104 -28.87 13.07 -12.07
C THR D 104 -29.38 12.31 -13.30
N ARG D 105 -30.67 12.42 -13.60
CA ARG D 105 -31.24 11.73 -14.76
C ARG D 105 -30.73 12.31 -16.07
N ALA D 106 -30.44 11.42 -17.02
CA ALA D 106 -29.95 11.82 -18.33
C ALA D 106 -30.46 10.84 -19.37
N THR D 107 -30.51 11.24 -20.63
CA THR D 107 -31.01 10.33 -21.66
C THR D 107 -30.31 10.58 -22.99
N ALA D 108 -30.52 9.67 -23.94
CA ALA D 108 -30.01 9.85 -25.29
C ALA D 108 -30.92 10.77 -26.09
N CYS D 109 -30.35 11.42 -27.08
CA CYS D 109 -31.11 12.12 -28.12
C CYS D 109 -31.17 11.23 -29.36
N GLU D 110 -32.30 10.56 -29.52
CA GLU D 110 -32.52 9.66 -30.66
C GLU D 110 -33.80 10.07 -31.39
N PRO D 111 -33.67 10.71 -32.57
CA PRO D 111 -32.44 11.02 -33.31
C PRO D 111 -31.63 12.14 -32.68
N PRO D 112 -30.35 12.26 -33.05
CA PRO D 112 -29.55 13.39 -32.56
C PRO D 112 -30.17 14.73 -32.91
N VAL D 113 -29.95 15.74 -32.07
CA VAL D 113 -30.52 17.06 -32.29
C VAL D 113 -29.47 17.95 -32.94
N LEU D 114 -29.82 18.55 -34.07
CA LEU D 114 -28.87 19.41 -34.76
C LEU D 114 -28.70 20.72 -33.99
N CYS D 115 -27.45 21.04 -33.66
CA CYS D 115 -27.15 22.20 -32.83
C CYS D 115 -26.39 23.28 -33.59
N GLY D 116 -25.75 22.89 -34.70
CA GLY D 116 -25.00 23.83 -35.51
C GLY D 116 -24.60 23.33 -36.87
N THR D 117 -24.50 24.25 -37.82
CA THR D 117 -23.93 23.96 -39.13
C THR D 117 -23.05 25.16 -39.56
N ALA D 118 -22.10 24.90 -40.45
CA ALA D 118 -21.27 25.96 -41.01
C ALA D 118 -20.55 25.51 -42.25
N THR D 119 -20.16 26.48 -43.07
CA THR D 119 -19.19 26.24 -44.12
C THR D 119 -17.97 27.03 -43.71
N GLY D 120 -16.80 26.39 -43.75
CA GLY D 120 -15.57 27.03 -43.36
C GLY D 120 -14.47 26.70 -44.34
N SER D 121 -13.51 27.60 -44.47
CA SER D 121 -12.40 27.39 -45.37
C SER D 121 -11.08 27.52 -44.63
N LEU D 122 -10.13 26.67 -45.00
CA LEU D 122 -8.81 26.64 -44.39
C LEU D 122 -7.75 26.85 -45.45
N PHE D 123 -6.56 27.25 -45.01
CA PHE D 123 -5.46 27.62 -45.91
C PHE D 123 -4.19 26.86 -45.57
N ILE D 124 -3.57 26.28 -46.60
CA ILE D 124 -2.21 25.78 -46.50
C ILE D 124 -1.42 26.36 -47.66
N ALA D 125 -0.37 27.11 -47.35
CA ALA D 125 0.50 27.68 -48.37
C ALA D 125 1.07 26.54 -49.22
N LYS D 126 1.23 26.79 -50.51
CA LYS D 126 1.66 25.75 -51.43
C LYS D 126 2.94 25.05 -50.95
N ASP D 127 3.87 25.81 -50.38
CA ASP D 127 5.15 25.25 -49.94
C ASP D 127 5.02 24.44 -48.65
N ASN D 128 3.86 24.52 -48.02
CA ASN D 128 3.58 23.69 -46.84
C ASN D 128 2.70 22.49 -47.16
N GLN D 129 2.27 22.37 -48.41
CA GLN D 129 1.45 21.24 -48.81
C GLN D 129 2.35 20.03 -49.04
N ARG D 130 2.09 18.97 -48.28
CA ARG D 130 2.98 17.81 -48.27
C ARG D 130 2.30 16.55 -48.78
N GLY D 131 1.07 16.70 -49.26
CA GLY D 131 0.29 15.58 -49.76
C GLY D 131 -0.45 14.84 -48.66
N PRO D 132 -1.32 13.90 -49.05
CA PRO D 132 -2.18 13.17 -48.10
C PRO D 132 -1.38 12.43 -47.04
N GLN D 133 -1.87 12.45 -45.80
CA GLN D 133 -1.19 11.81 -44.69
C GLN D 133 -2.00 10.66 -44.11
N GLU D 134 -3.22 10.51 -44.60
CA GLU D 134 -4.13 9.51 -44.06
C GLU D 134 -4.75 8.83 -45.26
N SER D 135 -4.82 7.50 -45.20
CA SER D 135 -5.11 6.70 -46.39
CA SER D 135 -5.15 6.68 -46.36
C SER D 135 -6.40 7.08 -47.13
N SER D 136 -7.45 7.47 -46.41
CA SER D 136 -8.71 7.78 -47.06
C SER D 136 -8.63 9.06 -47.88
N PHE D 137 -7.60 9.87 -47.66
CA PHE D 137 -7.43 11.12 -48.38
C PHE D 137 -6.45 10.96 -49.56
N LYS D 138 -6.09 9.72 -49.88
CA LYS D 138 -4.99 9.42 -50.79
C LYS D 138 -5.18 9.98 -52.19
N ASP D 139 -6.42 10.19 -52.59
CA ASP D 139 -6.70 10.62 -53.95
C ASP D 139 -7.19 12.06 -54.02
N ALA D 140 -7.10 12.78 -52.91
CA ALA D 140 -7.40 14.21 -52.91
C ALA D 140 -6.58 14.88 -54.00
N LYS D 141 -7.20 15.79 -54.74
CA LYS D 141 -6.50 16.43 -55.83
C LYS D 141 -6.76 17.93 -55.88
N HIS D 142 -5.68 18.70 -55.94
CA HIS D 142 -5.78 20.11 -56.24
C HIS D 142 -6.06 20.29 -57.73
N PRO D 143 -6.65 21.43 -58.12
CA PRO D 143 -6.80 21.74 -59.54
C PRO D 143 -5.46 21.77 -60.25
N MET E 1 8.05 2.89 4.27
CA MET E 1 8.11 4.13 3.51
C MET E 1 9.56 4.52 3.20
N VAL E 2 9.77 5.00 1.98
CA VAL E 2 11.03 5.61 1.59
C VAL E 2 10.84 7.13 1.60
N GLY E 3 11.73 7.85 2.26
CA GLY E 3 11.60 9.30 2.29
C GLY E 3 10.49 9.75 3.23
N LYS E 4 9.76 10.78 2.82
CA LYS E 4 8.70 11.37 3.63
C LYS E 4 7.40 11.48 2.83
N LYS E 5 6.28 11.62 3.52
CA LYS E 5 4.99 11.86 2.88
C LYS E 5 4.96 13.25 2.26
N VAL E 6 4.46 13.33 1.03
CA VAL E 6 4.18 14.62 0.41
C VAL E 6 2.69 14.91 0.51
N VAL E 7 2.37 16.15 0.89
CA VAL E 7 0.98 16.55 1.11
C VAL E 7 0.65 17.76 0.27
N HIS E 8 -0.26 17.56 -0.67
CA HIS E 8 -0.83 18.69 -1.37
C HIS E 8 -2.12 19.06 -0.66
N HIS E 9 -2.48 20.34 -0.73
CA HIS E 9 -3.60 20.86 0.03
C HIS E 9 -4.10 22.08 -0.72
N LEU E 10 -5.38 22.07 -1.07
CA LEU E 10 -5.96 23.17 -1.83
C LEU E 10 -7.47 23.14 -1.75
N MET E 11 -8.11 24.08 -2.42
CA MET E 11 -9.57 24.17 -2.44
C MET E 11 -10.14 23.77 -3.78
N MET E 12 -11.30 23.10 -3.76
CA MET E 12 -12.12 22.93 -4.95
C MET E 12 -12.90 24.22 -5.21
N SER E 13 -12.58 24.92 -6.29
CA SER E 13 -13.35 26.11 -6.64
C SER E 13 -14.45 25.74 -7.63
N ALA E 14 -15.27 26.71 -8.01
CA ALA E 14 -16.29 26.48 -9.01
C ALA E 14 -15.68 25.94 -10.30
N LYS E 15 -14.41 26.27 -10.54
CA LYS E 15 -13.69 25.84 -11.74
C LYS E 15 -13.40 24.35 -11.72
N ASP E 16 -13.52 23.73 -10.56
CA ASP E 16 -13.29 22.29 -10.43
C ASP E 16 -14.56 21.45 -10.60
N ALA E 17 -15.73 22.09 -10.59
CA ALA E 17 -16.97 21.38 -10.86
C ALA E 17 -16.86 20.75 -12.24
N HIS E 18 -17.44 19.56 -12.41
CA HIS E 18 -17.34 18.88 -13.69
C HIS E 18 -18.69 18.38 -14.14
N TYR E 19 -19.37 17.62 -13.28
CA TYR E 19 -20.74 17.24 -13.57
C TYR E 19 -21.69 18.25 -12.96
N THR E 20 -22.98 18.07 -13.23
CA THR E 20 -24.00 18.96 -12.71
C THR E 20 -24.05 18.84 -11.18
N GLY E 21 -24.68 19.81 -10.52
CA GLY E 21 -24.77 19.78 -9.07
C GLY E 21 -23.48 20.05 -8.30
N ASN E 22 -22.56 20.78 -8.93
CA ASN E 22 -21.27 21.15 -8.34
C ASN E 22 -20.40 19.95 -7.97
N LEU E 23 -20.64 18.84 -8.67
CA LEU E 23 -19.90 17.62 -8.42
C LEU E 23 -18.56 17.64 -9.15
N VAL E 24 -17.49 17.42 -8.40
CA VAL E 24 -16.15 17.34 -8.99
C VAL E 24 -15.96 15.92 -9.51
N ASN E 25 -15.27 15.78 -10.63
CA ASN E 25 -15.04 14.43 -11.16
C ASN E 25 -13.90 13.72 -10.42
N GLY E 26 -13.95 12.39 -10.44
CA GLY E 26 -12.93 11.58 -9.78
C GLY E 26 -11.56 11.86 -10.36
N ALA E 27 -11.51 12.19 -11.64
CA ALA E 27 -10.23 12.44 -12.28
C ALA E 27 -9.51 13.67 -11.71
N ARG E 28 -10.25 14.57 -11.07
CA ARG E 28 -9.61 15.70 -10.40
C ARG E 28 -8.63 15.21 -9.34
N ILE E 29 -9.03 14.15 -8.63
CA ILE E 29 -8.17 13.54 -7.63
C ILE E 29 -6.92 12.96 -8.31
N VAL E 30 -7.13 12.25 -9.40
CA VAL E 30 -6.01 11.62 -10.11
C VAL E 30 -5.05 12.63 -10.67
N ASN E 31 -5.58 13.77 -11.12
CA ASN E 31 -4.76 14.89 -11.55
C ASN E 31 -3.82 15.29 -10.43
N GLN E 32 -4.36 15.43 -9.22
CA GLN E 32 -3.53 15.90 -8.12
C GLN E 32 -2.50 14.85 -7.73
N TRP E 33 -2.88 13.59 -7.77
CA TRP E 33 -1.95 12.52 -7.43
C TRP E 33 -0.81 12.47 -8.43
N GLY E 34 -1.10 12.83 -9.69
CA GLY E 34 -0.03 12.87 -10.67
C GLY E 34 1.02 13.89 -10.26
N ASP E 35 0.57 15.02 -9.74
CA ASP E 35 1.46 16.07 -9.28
C ASP E 35 2.17 15.68 -7.99
N VAL E 36 1.46 15.01 -7.09
CA VAL E 36 2.08 14.49 -5.88
C VAL E 36 3.16 13.48 -6.24
N GLY E 37 2.86 12.58 -7.17
CA GLY E 37 3.85 11.61 -7.58
C GLY E 37 5.06 12.26 -8.24
N THR E 38 4.81 13.26 -9.06
CA THR E 38 5.91 14.04 -9.63
C THR E 38 6.82 14.62 -8.53
N GLU E 39 6.23 15.22 -7.49
CA GLU E 39 7.03 15.79 -6.41
C GLU E 39 7.91 14.71 -5.77
N LEU E 40 7.31 13.55 -5.50
CA LEU E 40 8.05 12.44 -4.93
C LEU E 40 9.25 12.04 -5.79
N MET E 41 9.04 12.02 -7.10
CA MET E 41 10.09 11.61 -8.02
C MET E 41 11.17 12.66 -8.13
N VAL E 42 10.79 13.94 -8.04
CA VAL E 42 11.77 15.02 -8.01
C VAL E 42 12.69 14.85 -6.80
N TYR E 43 12.12 14.54 -5.65
CA TYR E 43 12.92 14.43 -4.42
C TYR E 43 13.77 13.16 -4.38
N VAL E 44 13.25 12.07 -4.92
CA VAL E 44 13.97 10.80 -4.81
C VAL E 44 15.08 10.67 -5.88
N ASP E 45 14.91 11.30 -7.04
CA ASP E 45 15.93 11.10 -8.09
C ASP E 45 16.06 12.25 -9.09
N GLY E 46 15.45 13.39 -8.79
CA GLY E 46 15.71 14.60 -9.54
C GLY E 46 15.20 14.63 -10.96
N ASP E 47 14.05 13.99 -11.19
CA ASP E 47 13.41 13.96 -12.49
C ASP E 47 11.91 14.00 -12.29
N ILE E 48 11.17 14.67 -13.19
CA ILE E 48 9.72 14.77 -13.03
C ILE E 48 9.03 13.43 -13.31
N SER E 49 9.72 12.54 -14.00
CA SER E 49 9.28 11.17 -14.25
C SER E 49 8.09 11.07 -15.21
N LEU E 50 7.75 9.82 -15.54
CA LEU E 50 6.55 9.50 -16.30
C LEU E 50 5.67 8.59 -15.44
N PHE E 51 4.36 8.82 -15.44
CA PHE E 51 3.49 7.95 -14.67
C PHE E 51 3.27 6.63 -15.45
N LEU E 52 3.47 5.50 -14.79
CA LEU E 52 3.29 4.17 -15.42
C LEU E 52 1.84 3.72 -15.42
N GLY E 53 1.18 3.87 -14.28
CA GLY E 53 -0.19 3.42 -14.16
C GLY E 53 -0.61 3.38 -12.71
N TYR E 54 -1.84 2.94 -12.50
CA TYR E 54 -2.39 2.77 -11.17
C TYR E 54 -2.97 1.38 -10.98
N LYS E 55 -2.95 0.91 -9.74
CA LYS E 55 -3.75 -0.24 -9.36
C LYS E 55 -4.73 0.18 -8.26
N ASP E 56 -5.98 -0.24 -8.41
CA ASP E 56 -6.96 -0.18 -7.33
C ASP E 56 -7.24 1.25 -6.85
N ILE E 57 -7.55 2.14 -7.79
CA ILE E 57 -8.07 3.46 -7.44
C ILE E 57 -9.47 3.28 -6.90
N GLU E 58 -9.74 3.83 -5.73
CA GLU E 58 -11.12 3.82 -5.24
C GLU E 58 -11.53 5.23 -4.89
N PHE E 59 -12.70 5.63 -5.42
CA PHE E 59 -13.33 6.89 -5.10
C PHE E 59 -14.37 6.62 -4.02
N THR E 60 -14.08 7.04 -2.80
CA THR E 60 -14.84 6.57 -1.65
C THR E 60 -15.90 7.55 -1.16
N ALA E 61 -15.76 8.82 -1.49
CA ALA E 61 -16.75 9.82 -1.11
C ALA E 61 -16.79 10.94 -2.13
N PRO E 62 -17.98 11.50 -2.36
CA PRO E 62 -18.07 12.54 -3.39
C PRO E 62 -17.44 13.86 -2.95
N VAL E 63 -16.94 14.59 -3.94
CA VAL E 63 -16.27 15.87 -3.71
C VAL E 63 -17.04 16.97 -4.42
N TYR E 64 -17.21 18.11 -3.76
CA TYR E 64 -17.97 19.22 -4.30
C TYR E 64 -17.21 20.53 -4.30
N VAL E 65 -17.65 21.46 -5.15
CA VAL E 65 -17.19 22.85 -5.07
C VAL E 65 -17.21 23.30 -3.61
N GLY E 66 -16.13 23.93 -3.17
CA GLY E 66 -16.09 24.48 -1.82
C GLY E 66 -15.44 23.53 -0.83
N ASP E 67 -15.19 22.31 -1.26
CA ASP E 67 -14.44 21.37 -0.45
C ASP E 67 -12.97 21.76 -0.42
N PHE E 68 -12.38 21.74 0.77
CA PHE E 68 -10.94 21.81 0.91
C PHE E 68 -10.37 20.40 1.01
N MET E 69 -9.35 20.12 0.21
CA MET E 69 -8.89 18.76 0.01
C MET E 69 -7.40 18.63 0.26
N GLU E 70 -7.01 17.48 0.79
CA GLU E 70 -5.59 17.15 0.91
C GLU E 70 -5.30 15.90 0.12
N TYR E 71 -4.10 15.81 -0.42
CA TYR E 71 -3.73 14.66 -1.21
C TYR E 71 -2.39 14.21 -0.72
N HIS E 72 -2.35 13.04 -0.12
CA HIS E 72 -1.11 12.51 0.43
C HIS E 72 -0.53 11.46 -0.51
N GLY E 73 0.80 11.44 -0.61
CA GLY E 73 1.45 10.40 -1.39
C GLY E 73 2.79 10.05 -0.79
N TRP E 74 3.20 8.80 -0.94
CA TRP E 74 4.54 8.42 -0.53
C TRP E 74 5.04 7.22 -1.30
N ILE E 75 6.37 7.09 -1.30
CA ILE E 75 7.02 5.97 -1.95
C ILE E 75 7.06 4.77 -1.02
N GLU E 76 6.49 3.67 -1.49
CA GLU E 76 6.55 2.41 -0.76
C GLU E 76 7.77 1.59 -1.12
N LYS E 77 8.10 1.59 -2.41
CA LYS E 77 9.21 0.79 -2.89
CA LYS E 77 9.21 0.78 -2.90
C LYS E 77 9.93 1.45 -4.05
N VAL E 78 11.25 1.39 -4.01
CA VAL E 78 12.10 1.81 -5.11
C VAL E 78 12.51 0.59 -5.93
N GLY E 79 12.14 0.56 -7.21
CA GLY E 79 12.53 -0.52 -8.09
C GLY E 79 13.76 -0.17 -8.91
N ASN E 80 13.89 -0.77 -10.08
CA ASN E 80 15.04 -0.48 -10.94
C ASN E 80 14.83 0.85 -11.65
N GLN E 81 13.76 0.92 -12.42
CA GLN E 81 13.36 2.16 -13.08
C GLN E 81 11.95 2.56 -12.65
N SER E 82 11.32 1.74 -11.82
CA SER E 82 9.98 2.05 -11.35
C SER E 82 9.98 2.39 -9.87
N TYR E 83 8.94 3.10 -9.45
CA TYR E 83 8.75 3.47 -8.05
C TYR E 83 7.30 3.25 -7.72
N THR E 84 7.02 2.49 -6.67
CA THR E 84 5.64 2.22 -6.31
C THR E 84 5.20 3.09 -5.15
N CYS E 85 4.08 3.80 -5.35
CA CYS E 85 3.62 4.79 -4.39
C CYS E 85 2.19 4.55 -3.91
N LYS E 86 1.89 5.01 -2.71
CA LYS E 86 0.53 4.99 -2.20
C LYS E 86 -0.03 6.40 -2.18
N PHE E 87 -1.32 6.53 -2.45
CA PHE E 87 -1.96 7.84 -2.55
C PHE E 87 -3.27 7.86 -1.76
N GLU E 88 -3.57 9.00 -1.14
CA GLU E 88 -4.84 9.20 -0.44
C GLU E 88 -5.40 10.57 -0.76
N ALA E 89 -6.72 10.71 -0.70
CA ALA E 89 -7.37 12.01 -0.80
C ALA E 89 -8.29 12.21 0.39
N TRP E 90 -8.18 13.38 1.04
CA TRP E 90 -8.88 13.67 2.29
C TRP E 90 -9.64 14.98 2.19
N LYS E 91 -10.88 15.01 2.68
CA LYS E 91 -11.65 16.25 2.74
C LYS E 91 -11.51 16.86 4.12
N VAL E 92 -11.06 18.11 4.20
CA VAL E 92 -10.83 18.70 5.52
C VAL E 92 -11.79 19.84 5.85
N ALA E 93 -12.51 20.35 4.86
CA ALA E 93 -13.51 21.37 5.10
C ALA E 93 -14.52 21.35 3.95
N LYS E 94 -15.68 21.97 4.16
CA LYS E 94 -16.75 21.92 3.17
C LYS E 94 -17.77 23.02 3.38
N MET E 95 -18.55 23.34 2.33
CA MET E 95 -19.78 24.10 2.51
C MET E 95 -20.77 23.27 3.32
N VAL E 96 -21.57 23.94 4.14
CA VAL E 96 -22.60 23.28 4.94
C VAL E 96 -23.73 22.77 4.06
N ASP E 97 -24.06 23.52 3.02
CA ASP E 97 -25.16 23.12 2.14
C ASP E 97 -24.91 23.50 0.67
N ILE E 98 -24.34 22.56 -0.09
CA ILE E 98 -24.00 22.79 -1.49
C ILE E 98 -25.24 23.02 -2.35
N THR E 99 -26.42 22.66 -1.85
CA THR E 99 -27.65 22.76 -2.64
C THR E 99 -28.25 24.18 -2.62
N ASN E 100 -27.70 25.05 -1.79
CA ASN E 100 -28.11 26.45 -1.77
C ASN E 100 -26.93 27.37 -2.11
N PRO E 101 -26.84 27.79 -3.38
CA PRO E 101 -25.73 28.59 -3.90
C PRO E 101 -25.45 29.86 -3.13
N GLN E 102 -26.46 30.44 -2.48
CA GLN E 102 -26.29 31.68 -1.72
C GLN E 102 -25.93 31.44 -0.26
N ASP E 103 -25.93 30.17 0.15
CA ASP E 103 -25.54 29.85 1.53
C ASP E 103 -24.02 29.92 1.63
N THR E 104 -23.49 30.79 2.51
CA THR E 104 -22.05 30.94 2.63
C THR E 104 -21.49 30.19 3.84
N ARG E 105 -22.33 29.42 4.52
CA ARG E 105 -21.89 28.67 5.69
C ARG E 105 -20.92 27.57 5.28
N ALA E 106 -19.89 27.38 6.09
CA ALA E 106 -18.89 26.35 5.82
C ALA E 106 -18.31 25.84 7.14
N THR E 107 -17.79 24.61 7.14
CA THR E 107 -17.26 24.05 8.38
C THR E 107 -16.08 23.14 8.08
N ALA E 108 -15.34 22.78 9.12
CA ALA E 108 -14.27 21.80 8.99
C ALA E 108 -14.83 20.39 9.02
N CYS E 109 -14.10 19.47 8.40
CA CYS E 109 -14.34 18.03 8.56
C CYS E 109 -13.44 17.48 9.67
N GLU E 110 -14.03 17.27 10.84
CA GLU E 110 -13.31 16.68 11.97
C GLU E 110 -14.06 15.46 12.47
N PRO E 111 -13.54 14.26 12.15
CA PRO E 111 -12.28 14.06 11.43
C PRO E 111 -12.40 14.22 9.91
N PRO E 112 -11.25 14.34 9.22
CA PRO E 112 -11.30 14.40 7.75
C PRO E 112 -11.98 13.18 7.15
N VAL E 113 -12.57 13.38 5.97
CA VAL E 113 -13.30 12.35 5.26
C VAL E 113 -12.43 11.79 4.14
N LEU E 114 -12.24 10.46 4.14
CA LEU E 114 -11.48 9.80 3.09
C LEU E 114 -12.27 9.81 1.78
N CYS E 115 -11.69 10.41 0.75
CA CYS E 115 -12.37 10.52 -0.54
C CYS E 115 -11.75 9.68 -1.64
N GLY E 116 -10.52 9.21 -1.45
CA GLY E 116 -9.88 8.43 -2.47
C GLY E 116 -8.64 7.73 -2.00
N THR E 117 -8.39 6.56 -2.58
CA THR E 117 -7.17 5.79 -2.32
C THR E 117 -6.67 5.20 -3.64
N ALA E 118 -5.36 4.97 -3.72
CA ALA E 118 -4.77 4.32 -4.90
C ALA E 118 -3.34 3.87 -4.66
N THR E 119 -2.94 2.88 -5.44
CA THR E 119 -1.53 2.56 -5.58
C THR E 119 -1.17 2.96 -6.99
N GLY E 120 -0.05 3.66 -7.16
CA GLY E 120 0.39 4.04 -8.49
C GLY E 120 1.89 3.93 -8.64
N SER E 121 2.35 3.75 -9.87
CA SER E 121 3.78 3.59 -10.08
C SER E 121 4.26 4.62 -11.08
N LEU E 122 5.47 5.13 -10.85
CA LEU E 122 6.09 6.06 -11.78
C LEU E 122 7.43 5.53 -12.25
N PHE E 123 7.90 6.10 -13.34
CA PHE E 123 9.07 5.62 -14.07
C PHE E 123 10.09 6.73 -14.23
N ILE E 124 11.34 6.42 -13.94
CA ILE E 124 12.44 7.28 -14.31
C ILE E 124 13.47 6.40 -14.97
N ALA E 125 13.79 6.68 -16.23
CA ALA E 125 14.81 5.92 -16.95
C ALA E 125 16.11 5.92 -16.15
N LYS E 126 16.82 4.79 -16.19
CA LYS E 126 18.03 4.65 -15.38
C LYS E 126 18.98 5.84 -15.53
N ASP E 127 19.21 6.28 -16.75
CA ASP E 127 20.18 7.33 -16.99
C ASP E 127 19.65 8.72 -16.60
N ASN E 128 18.36 8.79 -16.30
CA ASN E 128 17.77 10.02 -15.79
C ASN E 128 17.71 10.08 -14.25
N GLN E 129 18.15 9.01 -13.59
CA GLN E 129 18.17 8.98 -12.14
C GLN E 129 19.38 9.75 -11.60
N ARG E 130 19.14 10.83 -10.86
CA ARG E 130 20.24 11.70 -10.44
C ARG E 130 20.49 11.67 -8.93
N GLY E 131 19.82 10.76 -8.23
CA GLY E 131 19.99 10.65 -6.79
C GLY E 131 19.05 11.58 -6.06
N PRO E 132 18.96 11.44 -4.74
CA PRO E 132 18.05 12.24 -3.92
C PRO E 132 18.33 13.74 -4.01
N GLN E 133 17.26 14.54 -4.00
CA GLN E 133 17.37 15.99 -4.12
C GLN E 133 16.86 16.72 -2.88
N GLU E 134 16.36 15.97 -1.91
CA GLU E 134 15.72 16.53 -0.73
C GLU E 134 16.16 15.67 0.44
N SER E 135 16.59 16.29 1.54
CA SER E 135 17.31 15.57 2.59
C SER E 135 16.55 14.35 3.16
N SER E 136 15.23 14.38 3.16
CA SER E 136 14.47 13.30 3.78
C SER E 136 14.54 12.04 2.92
N PHE E 137 14.99 12.21 1.69
CA PHE E 137 15.07 11.13 0.73
C PHE E 137 16.49 10.62 0.54
N LYS E 138 17.42 11.18 1.32
CA LYS E 138 18.85 11.00 1.07
C LYS E 138 19.30 9.56 1.06
N ASP E 139 18.58 8.70 1.77
CA ASP E 139 19.00 7.31 1.91
C ASP E 139 18.27 6.36 0.96
N ALA E 140 17.42 6.90 0.09
CA ALA E 140 16.70 6.09 -0.89
C ALA E 140 17.65 5.35 -1.83
N LYS E 141 17.42 4.06 -2.02
CA LYS E 141 18.34 3.23 -2.78
C LYS E 141 17.63 2.29 -3.75
N HIS E 142 18.22 2.12 -4.94
CA HIS E 142 17.74 1.14 -5.92
C HIS E 142 18.34 -0.23 -5.65
N PRO E 143 17.65 -1.28 -6.12
CA PRO E 143 18.15 -2.66 -5.97
C PRO E 143 19.56 -2.83 -6.53
N MET F 1 -0.22 62.06 -14.39
CA MET F 1 -0.18 60.84 -15.20
C MET F 1 0.89 60.93 -16.29
N VAL F 2 1.57 59.82 -16.53
CA VAL F 2 2.51 59.68 -17.62
C VAL F 2 1.89 58.76 -18.68
N GLY F 3 1.82 59.22 -19.92
CA GLY F 3 1.18 58.43 -20.96
C GLY F 3 -0.34 58.52 -20.92
N LYS F 4 -1.02 57.47 -21.36
CA LYS F 4 -2.47 57.43 -21.38
C LYS F 4 -3.00 56.38 -20.40
N LYS F 5 -4.27 56.48 -20.06
CA LYS F 5 -4.94 55.42 -19.30
C LYS F 5 -5.12 54.20 -20.20
N VAL F 6 -4.86 53.02 -19.67
CA VAL F 6 -5.16 51.77 -20.38
C VAL F 6 -6.44 51.19 -19.79
N VAL F 7 -7.36 50.78 -20.65
CA VAL F 7 -8.64 50.25 -20.20
C VAL F 7 -8.87 48.84 -20.76
N HIS F 8 -8.93 47.86 -19.87
CA HIS F 8 -9.38 46.53 -20.29
C HIS F 8 -10.88 46.44 -20.04
N HIS F 9 -11.57 45.65 -20.85
CA HIS F 9 -13.03 45.58 -20.78
C HIS F 9 -13.43 44.20 -21.28
N LEU F 10 -14.18 43.47 -20.46
CA LEU F 10 -14.54 42.09 -20.82
C LEU F 10 -15.70 41.63 -19.93
N MET F 11 -16.12 40.39 -20.12
CA MET F 11 -17.23 39.81 -19.36
C MET F 11 -16.73 38.74 -18.40
N MET F 12 -17.35 38.67 -17.22
CA MET F 12 -17.20 37.53 -16.33
C MET F 12 -18.11 36.41 -16.85
N SER F 13 -17.54 35.29 -17.27
CA SER F 13 -18.35 34.17 -17.71
C SER F 13 -18.47 33.18 -16.56
N ALA F 14 -19.19 32.08 -16.78
CA ALA F 14 -19.32 31.07 -15.75
C ALA F 14 -17.92 30.53 -15.38
N LYS F 15 -17.00 30.60 -16.32
CA LYS F 15 -15.62 30.16 -16.05
C LYS F 15 -14.88 31.02 -15.03
N ASP F 16 -15.39 32.22 -14.77
CA ASP F 16 -14.77 33.13 -13.81
C ASP F 16 -15.33 32.93 -12.41
N ALA F 17 -16.41 32.17 -12.26
CA ALA F 17 -16.93 31.88 -10.93
C ALA F 17 -15.85 31.17 -10.16
N HIS F 18 -15.75 31.43 -8.86
CA HIS F 18 -14.69 30.83 -8.06
C HIS F 18 -15.27 30.24 -6.78
N TYR F 19 -15.93 31.07 -5.97
CA TYR F 19 -16.62 30.52 -4.81
C TYR F 19 -18.03 30.14 -5.22
N THR F 20 -18.76 29.51 -4.30
CA THR F 20 -20.14 29.16 -4.60
C THR F 20 -21.00 30.41 -4.82
N GLY F 21 -22.17 30.22 -5.40
CA GLY F 21 -23.08 31.33 -5.66
C GLY F 21 -22.69 32.23 -6.80
N ASN F 22 -21.84 31.72 -7.69
CA ASN F 22 -21.38 32.46 -8.88
C ASN F 22 -20.56 33.68 -8.54
N LEU F 23 -19.94 33.62 -7.36
CA LEU F 23 -19.11 34.73 -6.86
C LEU F 23 -17.70 34.62 -7.44
N VAL F 24 -17.27 35.68 -8.11
CA VAL F 24 -15.92 35.75 -8.65
C VAL F 24 -14.97 36.17 -7.53
N ASN F 25 -13.75 35.61 -7.55
CA ASN F 25 -12.79 35.92 -6.48
C ASN F 25 -12.09 37.25 -6.74
N GLY F 26 -11.64 37.89 -5.66
CA GLY F 26 -10.92 39.14 -5.77
C GLY F 26 -9.71 39.01 -6.68
N ALA F 27 -9.08 37.85 -6.67
CA ALA F 27 -7.86 37.67 -7.44
C ALA F 27 -8.08 37.82 -8.95
N ARG F 28 -9.33 37.69 -9.39
CA ARG F 28 -9.63 37.88 -10.82
C ARG F 28 -9.36 39.33 -11.24
N ILE F 29 -9.63 40.26 -10.33
CA ILE F 29 -9.33 41.67 -10.61
C ILE F 29 -7.81 41.88 -10.68
N VAL F 30 -7.11 41.31 -9.71
CA VAL F 30 -5.66 41.39 -9.66
C VAL F 30 -5.03 40.78 -10.91
N ASN F 31 -5.59 39.67 -11.39
CA ASN F 31 -5.15 39.09 -12.64
C ASN F 31 -5.24 40.08 -13.79
N GLN F 32 -6.39 40.74 -13.92
CA GLN F 32 -6.55 41.70 -14.99
C GLN F 32 -5.62 42.90 -14.82
N TRP F 33 -5.47 43.36 -13.58
CA TRP F 33 -4.53 44.46 -13.30
C TRP F 33 -3.09 44.08 -13.69
N GLY F 34 -2.72 42.81 -13.52
CA GLY F 34 -1.40 42.39 -13.96
C GLY F 34 -1.23 42.60 -15.45
N ASP F 35 -2.28 42.29 -16.21
CA ASP F 35 -2.24 42.46 -17.66
C ASP F 35 -2.30 43.93 -18.10
N VAL F 36 -3.08 44.75 -17.39
CA VAL F 36 -3.12 46.20 -17.61
C VAL F 36 -1.73 46.80 -17.32
N GLY F 37 -1.14 46.38 -16.21
CA GLY F 37 0.20 46.82 -15.84
C GLY F 37 1.22 46.43 -16.90
N THR F 38 1.11 45.21 -17.40
CA THR F 38 1.97 44.76 -18.50
C THR F 38 1.83 45.66 -19.72
N GLU F 39 0.60 45.98 -20.14
CA GLU F 39 0.41 46.83 -21.31
C GLU F 39 1.05 48.20 -21.12
N LEU F 40 0.93 48.76 -19.92
CA LEU F 40 1.54 50.04 -19.62
C LEU F 40 3.06 49.95 -19.79
N MET F 41 3.64 48.84 -19.35
CA MET F 41 5.10 48.68 -19.39
C MET F 41 5.60 48.47 -20.81
N VAL F 42 4.83 47.72 -21.60
CA VAL F 42 5.12 47.60 -23.01
C VAL F 42 5.17 48.98 -23.65
N TYR F 43 4.18 49.81 -23.38
CA TYR F 43 4.13 51.14 -23.99
C TYR F 43 5.21 52.08 -23.48
N VAL F 44 5.57 51.99 -22.21
CA VAL F 44 6.50 52.96 -21.65
C VAL F 44 7.97 52.59 -21.91
N ASP F 45 8.27 51.30 -22.02
CA ASP F 45 9.67 50.93 -22.18
C ASP F 45 9.89 49.61 -22.92
N GLY F 46 8.85 49.09 -23.56
CA GLY F 46 9.03 47.99 -24.49
C GLY F 46 9.38 46.64 -23.88
N ASP F 47 8.92 46.40 -22.67
CA ASP F 47 9.19 45.14 -21.99
C ASP F 47 7.95 44.74 -21.20
N ILE F 48 7.65 43.44 -21.13
CA ILE F 48 6.44 43.02 -20.41
C ILE F 48 6.57 43.22 -18.91
N SER F 49 7.80 43.33 -18.41
CA SER F 49 8.10 43.75 -17.03
C SER F 49 7.79 42.65 -16.01
N LEU F 50 8.17 42.91 -14.77
CA LEU F 50 7.85 42.04 -13.63
C LEU F 50 7.10 42.84 -12.59
N PHE F 51 5.97 42.33 -12.13
CA PHE F 51 5.20 43.02 -11.10
C PHE F 51 5.93 42.95 -9.75
N LEU F 52 6.08 44.10 -9.09
CA LEU F 52 6.83 44.17 -7.84
C LEU F 52 5.93 43.94 -6.64
N GLY F 53 4.74 44.49 -6.70
CA GLY F 53 3.87 44.46 -5.55
C GLY F 53 2.71 45.42 -5.66
N TYR F 54 1.85 45.36 -4.65
CA TYR F 54 0.74 46.29 -4.52
C TYR F 54 0.72 46.94 -3.16
N LYS F 55 0.16 48.15 -3.12
CA LYS F 55 -0.19 48.77 -1.86
C LYS F 55 -1.68 49.07 -1.85
N ASP F 56 -2.34 48.71 -0.76
CA ASP F 56 -3.71 49.12 -0.47
C ASP F 56 -4.69 48.72 -1.56
N ILE F 57 -4.72 47.42 -1.87
CA ILE F 57 -5.79 46.87 -2.70
C ILE F 57 -7.07 46.88 -1.87
N GLU F 58 -8.14 47.44 -2.42
CA GLU F 58 -9.44 47.31 -1.79
C GLU F 58 -10.45 46.69 -2.74
N PHE F 59 -11.17 45.69 -2.24
CA PHE F 59 -12.25 45.05 -2.98
C PHE F 59 -13.57 45.65 -2.45
N THR F 60 -14.20 46.50 -3.25
CA THR F 60 -15.23 47.40 -2.73
C THR F 60 -16.67 46.96 -3.02
N ALA F 61 -16.83 46.01 -3.95
CA ALA F 61 -18.15 45.49 -4.29
C ALA F 61 -17.99 44.09 -4.89
N PRO F 62 -18.92 43.17 -4.60
CA PRO F 62 -18.78 41.83 -5.15
C PRO F 62 -19.03 41.76 -6.66
N VAL F 63 -18.31 40.83 -7.29
CA VAL F 63 -18.35 40.61 -8.73
C VAL F 63 -18.87 39.19 -8.98
N TYR F 64 -19.79 39.06 -9.94
CA TYR F 64 -20.47 37.79 -10.25
C TYR F 64 -20.39 37.43 -11.72
N VAL F 65 -20.62 36.16 -12.02
CA VAL F 65 -20.86 35.70 -13.37
C VAL F 65 -21.87 36.60 -14.09
N GLY F 66 -21.60 36.96 -15.33
CA GLY F 66 -22.48 37.82 -16.10
C GLY F 66 -22.21 39.32 -15.92
N ASP F 67 -21.30 39.66 -15.01
CA ASP F 67 -20.89 41.06 -14.87
C ASP F 67 -19.97 41.43 -16.01
N PHE F 68 -20.19 42.60 -16.61
CA PHE F 68 -19.24 43.18 -17.54
C PHE F 68 -18.40 44.18 -16.78
N MET F 69 -17.08 44.07 -16.94
CA MET F 69 -16.13 44.74 -16.09
C MET F 69 -15.09 45.50 -16.87
N GLU F 70 -14.76 46.69 -16.39
CA GLU F 70 -13.62 47.43 -16.94
C GLU F 70 -12.53 47.53 -15.91
N TYR F 71 -11.30 47.59 -16.39
CA TYR F 71 -10.16 47.66 -15.51
C TYR F 71 -9.26 48.76 -16.04
N HIS F 72 -9.07 49.80 -15.25
CA HIS F 72 -8.28 50.95 -15.68
C HIS F 72 -6.95 50.96 -15.00
N GLY F 73 -5.92 51.36 -15.72
CA GLY F 73 -4.62 51.52 -15.10
C GLY F 73 -3.85 52.64 -15.77
N TRP F 74 -3.02 53.33 -15.00
CA TRP F 74 -2.13 54.33 -15.57
C TRP F 74 -0.87 54.51 -14.74
N ILE F 75 0.18 54.98 -15.41
CA ILE F 75 1.45 55.25 -14.74
C ILE F 75 1.38 56.59 -14.01
N GLU F 76 1.56 56.56 -12.70
CA GLU F 76 1.67 57.80 -11.93
C GLU F 76 3.08 58.37 -11.92
N LYS F 77 4.06 57.48 -11.86
CA LYS F 77 5.45 57.91 -11.67
C LYS F 77 6.42 56.93 -12.30
N VAL F 78 7.40 57.46 -13.01
CA VAL F 78 8.47 56.65 -13.55
C VAL F 78 9.70 56.77 -12.67
N GLY F 79 10.17 55.64 -12.15
CA GLY F 79 11.36 55.64 -11.29
C GLY F 79 12.60 55.28 -12.07
N ASN F 80 13.58 54.68 -11.39
CA ASN F 80 14.79 54.21 -12.05
C ASN F 80 14.50 52.90 -12.78
N GLN F 81 14.22 51.87 -12.01
CA GLN F 81 13.80 50.60 -12.61
C GLN F 81 12.39 50.24 -12.19
N SER F 82 11.76 51.11 -11.41
CA SER F 82 10.37 50.89 -11.01
C SER F 82 9.45 51.91 -11.66
N TYR F 83 8.18 51.53 -11.71
CA TYR F 83 7.10 52.34 -12.25
C TYR F 83 5.90 52.17 -11.34
N THR F 84 5.39 53.27 -10.81
CA THR F 84 4.27 53.21 -9.87
C THR F 84 2.96 53.54 -10.58
N CYS F 85 1.98 52.65 -10.42
CA CYS F 85 0.74 52.75 -11.18
C CYS F 85 -0.49 52.75 -10.26
N LYS F 86 -1.57 53.36 -10.74
CA LYS F 86 -2.87 53.30 -10.08
C LYS F 86 -3.79 52.40 -10.90
N PHE F 87 -4.65 51.65 -10.21
CA PHE F 87 -5.56 50.73 -10.86
C PHE F 87 -6.98 50.86 -10.33
N GLU F 88 -7.96 50.63 -11.20
CA GLU F 88 -9.36 50.62 -10.78
C GLU F 88 -10.08 49.47 -11.45
N ALA F 89 -11.15 49.00 -10.83
CA ALA F 89 -12.03 48.03 -11.45
C ALA F 89 -13.47 48.51 -11.34
N TRP F 90 -14.18 48.47 -12.47
CA TRP F 90 -15.52 49.05 -12.60
C TRP F 90 -16.49 48.05 -13.18
N LYS F 91 -17.69 47.95 -12.59
CA LYS F 91 -18.75 47.13 -13.15
C LYS F 91 -19.68 48.00 -14.02
N VAL F 92 -19.87 47.62 -15.28
CA VAL F 92 -20.70 48.40 -16.20
C VAL F 92 -22.01 47.73 -16.63
N ALA F 93 -22.15 46.44 -16.33
CA ALA F 93 -23.41 45.73 -16.59
C ALA F 93 -23.44 44.44 -15.79
N LYS F 94 -24.63 43.87 -15.63
CA LYS F 94 -24.83 42.74 -14.72
C LYS F 94 -26.12 41.99 -15.01
N MET F 95 -26.18 40.72 -14.57
CA MET F 95 -27.46 40.02 -14.47
C MET F 95 -28.35 40.74 -13.45
N VAL F 96 -29.65 40.76 -13.71
CA VAL F 96 -30.58 41.34 -12.76
C VAL F 96 -30.72 40.47 -11.50
N ASP F 97 -30.81 39.15 -11.68
CA ASP F 97 -30.98 38.22 -10.56
C ASP F 97 -30.09 37.00 -10.71
N ILE F 98 -28.88 37.11 -10.16
CA ILE F 98 -27.91 36.03 -10.23
C ILE F 98 -28.39 34.79 -9.46
N THR F 99 -29.35 34.96 -8.55
CA THR F 99 -29.83 33.81 -7.76
C THR F 99 -30.78 32.91 -8.55
N ASN F 100 -31.25 33.38 -9.69
CA ASN F 100 -32.11 32.57 -10.55
C ASN F 100 -31.39 32.18 -11.84
N PRO F 101 -30.90 30.93 -11.92
CA PRO F 101 -30.04 30.60 -13.07
C PRO F 101 -30.77 30.70 -14.39
N GLN F 102 -32.10 30.61 -14.38
CA GLN F 102 -32.86 30.58 -15.62
C GLN F 102 -33.31 31.99 -15.99
N ASP F 103 -33.01 32.96 -15.13
CA ASP F 103 -33.32 34.35 -15.42
C ASP F 103 -32.26 34.90 -16.38
N THR F 104 -32.68 35.34 -17.57
CA THR F 104 -31.72 35.88 -18.54
C THR F 104 -31.68 37.41 -18.57
N ARG F 105 -32.41 38.06 -17.68
CA ARG F 105 -32.45 39.52 -17.65
C ARG F 105 -31.11 40.09 -17.25
N ALA F 106 -30.70 41.16 -17.93
CA ALA F 106 -29.47 41.86 -17.56
C ALA F 106 -29.65 43.35 -17.81
N THR F 107 -28.83 44.17 -17.17
CA THR F 107 -28.98 45.61 -17.33
C THR F 107 -27.63 46.30 -17.19
N ALA F 108 -27.57 47.57 -17.55
CA ALA F 108 -26.36 48.36 -17.39
C ALA F 108 -26.25 48.87 -15.96
N CYS F 109 -25.02 49.15 -15.55
CA CYS F 109 -24.76 49.86 -14.32
C CYS F 109 -24.48 51.33 -14.68
N GLU F 110 -25.50 52.16 -14.48
CA GLU F 110 -25.37 53.60 -14.69
C GLU F 110 -25.75 54.33 -13.41
N PRO F 111 -24.76 54.90 -12.71
CA PRO F 111 -23.33 54.94 -13.02
C PRO F 111 -22.65 53.60 -12.79
N PRO F 112 -21.47 53.40 -13.36
CA PRO F 112 -20.71 52.18 -13.09
C PRO F 112 -20.44 52.02 -11.61
N VAL F 113 -20.30 50.77 -11.18
CA VAL F 113 -20.04 50.47 -9.78
C VAL F 113 -18.55 50.19 -9.58
N LEU F 114 -17.95 50.92 -8.66
CA LEU F 114 -16.55 50.72 -8.33
C LEU F 114 -16.38 49.42 -7.55
N CYS F 115 -15.56 48.51 -8.07
CA CYS F 115 -15.39 47.19 -7.47
C CYS F 115 -14.00 46.98 -6.89
N GLY F 116 -13.04 47.78 -7.35
CA GLY F 116 -11.68 47.62 -6.88
C GLY F 116 -10.82 48.83 -7.12
N THR F 117 -9.87 49.04 -6.20
CA THR F 117 -8.86 50.09 -6.33
C THR F 117 -7.53 49.56 -5.82
N ALA F 118 -6.44 50.02 -6.40
CA ALA F 118 -5.11 49.66 -5.90
C ALA F 118 -4.04 50.58 -6.44
N THR F 119 -2.90 50.57 -5.75
CA THR F 119 -1.66 51.11 -6.27
C THR F 119 -0.73 49.93 -6.41
N GLY F 120 -0.05 49.82 -7.55
CA GLY F 120 0.88 48.74 -7.77
C GLY F 120 2.10 49.22 -8.53
N SER F 121 3.21 48.52 -8.37
CA SER F 121 4.46 48.91 -9.00
C SER F 121 5.02 47.76 -9.84
N LEU F 122 5.61 48.10 -10.99
CA LEU F 122 6.24 47.11 -11.87
C LEU F 122 7.72 47.46 -12.09
N PHE F 123 8.49 46.48 -12.55
CA PHE F 123 9.94 46.58 -12.63
C PHE F 123 10.40 46.25 -14.05
N ILE F 124 11.28 47.08 -14.60
CA ILE F 124 11.99 46.73 -15.84
C ILE F 124 13.47 47.01 -15.59
N ALA F 125 14.30 45.97 -15.71
CA ALA F 125 15.73 46.13 -15.48
C ALA F 125 16.27 47.17 -16.44
N LYS F 126 17.22 47.99 -15.98
CA LYS F 126 17.73 49.09 -16.79
C LYS F 126 18.11 48.62 -18.20
N ASP F 127 18.71 47.43 -18.29
CA ASP F 127 19.22 46.90 -19.56
C ASP F 127 18.08 46.44 -20.49
N ASN F 128 16.89 46.33 -19.94
CA ASN F 128 15.72 45.94 -20.71
C ASN F 128 14.83 47.12 -21.08
N GLN F 129 15.19 48.33 -20.64
CA GLN F 129 14.37 49.50 -20.94
C GLN F 129 14.67 50.02 -22.36
N ARG F 130 13.69 49.92 -23.25
CA ARG F 130 13.94 50.22 -24.67
C ARG F 130 13.32 51.53 -25.13
N GLY F 131 12.76 52.29 -24.18
CA GLY F 131 12.11 53.54 -24.51
C GLY F 131 10.67 53.34 -24.92
N PRO F 132 9.90 54.43 -25.02
CA PRO F 132 8.47 54.35 -25.34
C PRO F 132 8.20 53.63 -26.65
N GLN F 133 7.11 52.86 -26.68
CA GLN F 133 6.75 52.04 -27.84
C GLN F 133 5.40 52.45 -28.39
N GLU F 134 4.73 53.34 -27.69
CA GLU F 134 3.41 53.81 -28.08
C GLU F 134 3.42 55.34 -28.05
N SER F 135 2.77 55.94 -29.04
CA SER F 135 2.87 57.38 -29.26
CA SER F 135 2.85 57.38 -29.26
C SER F 135 2.56 58.25 -28.04
N SER F 136 1.56 57.87 -27.24
CA SER F 136 1.16 58.70 -26.11
C SER F 136 2.17 58.65 -24.96
N PHE F 137 3.09 57.69 -25.03
CA PHE F 137 4.07 57.53 -23.97
C PHE F 137 5.42 58.13 -24.34
N LYS F 138 5.48 58.80 -25.49
CA LYS F 138 6.74 59.16 -26.13
C LYS F 138 7.59 60.09 -25.28
N ASP F 139 6.95 60.80 -24.36
CA ASP F 139 7.67 61.76 -23.57
C ASP F 139 7.92 61.29 -22.14
N ALA F 140 7.68 60.02 -21.87
CA ALA F 140 8.00 59.44 -20.57
C ALA F 140 9.50 59.57 -20.31
N LYS F 141 9.88 59.93 -19.09
CA LYS F 141 11.29 60.05 -18.75
C LYS F 141 11.64 59.50 -17.37
N HIS F 142 12.79 58.82 -17.29
CA HIS F 142 13.34 58.39 -16.03
C HIS F 142 14.10 59.53 -15.36
N PRO F 143 14.26 59.46 -14.03
CA PRO F 143 15.05 60.45 -13.30
C PRO F 143 16.48 60.54 -13.80
N MET G 1 17.53 -18.57 52.57
CA MET G 1 16.70 -19.27 51.58
C MET G 1 15.42 -19.82 52.22
N VAL G 2 14.28 -19.55 51.58
CA VAL G 2 13.02 -20.15 51.97
C VAL G 2 12.79 -21.47 51.23
N GLY G 3 12.68 -22.56 51.97
CA GLY G 3 12.49 -23.86 51.35
C GLY G 3 13.79 -24.36 50.76
N LYS G 4 13.67 -25.16 49.71
CA LYS G 4 14.84 -25.77 49.09
C LYS G 4 15.14 -25.13 47.74
N LYS G 5 16.37 -25.33 47.28
CA LYS G 5 16.78 -24.91 45.95
C LYS G 5 16.13 -25.84 44.94
N VAL G 6 15.62 -25.28 43.84
CA VAL G 6 15.14 -26.09 42.72
C VAL G 6 16.19 -26.16 41.64
N VAL G 7 16.43 -27.37 41.12
CA VAL G 7 17.44 -27.55 40.08
C VAL G 7 16.85 -28.18 38.84
N HIS G 8 16.89 -27.45 37.73
CA HIS G 8 16.58 -28.04 36.44
C HIS G 8 17.90 -28.42 35.77
N HIS G 9 17.87 -29.47 34.96
CA HIS G 9 19.07 -30.04 34.32
C HIS G 9 18.64 -30.70 33.02
N LEU G 10 19.26 -30.30 31.90
CA LEU G 10 18.90 -30.84 30.60
C LEU G 10 20.01 -30.52 29.60
N MET G 11 19.80 -30.92 28.36
CA MET G 11 20.78 -30.74 27.30
C MET G 11 20.31 -29.70 26.30
N MET G 12 21.23 -28.88 25.82
CA MET G 12 20.98 -28.08 24.63
C MET G 12 21.10 -28.99 23.40
N SER G 13 20.01 -29.17 22.68
CA SER G 13 20.04 -29.91 21.42
C SER G 13 20.18 -28.96 20.25
N ALA G 14 20.24 -29.50 19.05
CA ALA G 14 20.28 -28.66 17.85
C ALA G 14 19.04 -27.76 17.79
N LYS G 15 17.94 -28.20 18.42
CA LYS G 15 16.68 -27.47 18.44
C LYS G 15 16.78 -26.20 19.29
N ASP G 16 17.80 -26.16 20.14
CA ASP G 16 18.02 -25.00 20.99
C ASP G 16 18.92 -23.96 20.34
N ALA G 17 19.59 -24.32 19.25
CA ALA G 17 20.34 -23.33 18.48
C ALA G 17 19.39 -22.22 18.08
N HIS G 18 19.90 -20.99 18.15
CA HIS G 18 19.08 -19.83 17.78
C HIS G 18 19.80 -18.93 16.76
N TYR G 19 21.02 -18.55 17.07
CA TYR G 19 21.79 -17.78 16.12
C TYR G 19 22.68 -18.73 15.36
N THR G 20 23.34 -18.24 14.32
CA THR G 20 24.28 -19.04 13.56
C THR G 20 25.40 -19.55 14.48
N GLY G 21 26.13 -20.54 14.00
CA GLY G 21 27.24 -21.10 14.77
C GLY G 21 26.84 -21.99 15.92
N ASN G 22 25.62 -22.52 15.87
CA ASN G 22 25.09 -23.38 16.93
C ASN G 22 25.01 -22.66 18.27
N LEU G 23 24.88 -21.34 18.22
CA LEU G 23 24.82 -20.52 19.42
C LEU G 23 23.40 -20.48 19.95
N VAL G 24 23.23 -20.87 21.22
CA VAL G 24 21.95 -20.75 21.89
C VAL G 24 21.74 -19.30 22.34
N ASN G 25 20.51 -18.79 22.24
CA ASN G 25 20.21 -17.45 22.70
C ASN G 25 20.08 -17.37 24.22
N GLY G 26 20.42 -16.21 24.78
CA GLY G 26 20.29 -15.98 26.20
C GLY G 26 18.89 -16.21 26.72
N ALA G 27 17.88 -15.93 25.90
CA ALA G 27 16.50 -16.13 26.32
C ALA G 27 16.19 -17.60 26.64
N ARG G 28 16.97 -18.53 26.08
CA ARG G 28 16.79 -19.94 26.45
C ARG G 28 16.95 -20.15 27.96
N ILE G 29 17.94 -19.46 28.54
CA ILE G 29 18.15 -19.49 29.99
C ILE G 29 16.96 -18.90 30.73
N VAL G 30 16.50 -17.74 30.26
CA VAL G 30 15.37 -17.07 30.89
C VAL G 30 14.10 -17.92 30.80
N ASN G 31 13.94 -18.65 29.69
CA ASN G 31 12.84 -19.61 29.57
C ASN G 31 12.90 -20.59 30.73
N GLN G 32 14.07 -21.18 30.94
CA GLN G 32 14.19 -22.20 31.96
C GLN G 32 13.96 -21.64 33.35
N TRP G 33 14.47 -20.44 33.60
CA TRP G 33 14.28 -19.81 34.90
C TRP G 33 12.81 -19.53 35.17
N GLY G 34 12.06 -19.23 34.12
CA GLY G 34 10.61 -19.08 34.27
C GLY G 34 9.98 -20.35 34.80
N ASP G 35 10.43 -21.50 34.30
CA ASP G 35 9.93 -22.79 34.76
C ASP G 35 10.43 -23.13 36.17
N VAL G 36 11.68 -22.75 36.48
CA VAL G 36 12.23 -22.92 37.82
C VAL G 36 11.43 -22.09 38.84
N GLY G 37 11.19 -20.82 38.52
CA GLY G 37 10.38 -19.94 39.36
C GLY G 37 8.98 -20.50 39.54
N THR G 38 8.42 -21.07 38.48
CA THR G 38 7.10 -21.67 38.58
C THR G 38 7.12 -22.81 39.59
N GLU G 39 8.12 -23.66 39.50
CA GLU G 39 8.19 -24.79 40.42
C GLU G 39 8.31 -24.32 41.88
N LEU G 40 9.14 -23.31 42.11
CA LEU G 40 9.26 -22.73 43.44
C LEU G 40 7.91 -22.23 43.96
N MET G 41 7.15 -21.56 43.08
CA MET G 41 5.85 -21.02 43.46
C MET G 41 4.81 -22.11 43.77
N VAL G 42 4.87 -23.20 43.01
CA VAL G 42 4.00 -24.36 43.26
C VAL G 42 4.27 -24.87 44.68
N TYR G 43 5.54 -24.96 45.03
CA TYR G 43 5.92 -25.53 46.32
C TYR G 43 5.60 -24.60 47.47
N VAL G 44 5.76 -23.28 47.28
CA VAL G 44 5.59 -22.38 48.42
C VAL G 44 4.12 -22.01 48.67
N ASP G 45 3.30 -21.94 47.62
CA ASP G 45 1.92 -21.51 47.79
C ASP G 45 0.91 -22.15 46.82
N GLY G 46 1.32 -23.21 46.12
CA GLY G 46 0.38 -24.00 45.34
C GLY G 46 -0.25 -23.35 44.13
N ASP G 47 0.49 -22.44 43.50
CA ASP G 47 0.02 -21.74 42.30
C ASP G 47 1.17 -21.63 41.33
N ILE G 48 0.90 -21.74 40.03
CA ILE G 48 1.98 -21.61 39.04
C ILE G 48 2.53 -20.19 38.98
N SER G 49 1.74 -19.22 39.47
CA SER G 49 2.12 -17.80 39.62
C SER G 49 2.26 -17.05 38.30
N LEU G 50 2.48 -15.75 38.41
CA LEU G 50 2.86 -14.94 37.27
C LEU G 50 4.20 -14.30 37.53
N PHE G 51 5.08 -14.32 36.53
CA PHE G 51 6.37 -13.69 36.67
C PHE G 51 6.24 -12.17 36.60
N LEU G 52 6.75 -11.46 37.60
CA LEU G 52 6.63 -10.00 37.68
C LEU G 52 7.72 -9.31 36.88
N GLY G 53 8.94 -9.81 37.02
CA GLY G 53 10.06 -9.21 36.33
C GLY G 53 11.38 -9.66 36.88
N TYR G 54 12.44 -9.11 36.29
CA TYR G 54 13.80 -9.38 36.72
C TYR G 54 14.54 -8.11 37.08
N LYS G 55 15.40 -8.22 38.08
N LYS G 55 15.18 -8.12 38.24
CA LYS G 55 16.51 -7.30 38.20
CA LYS G 55 15.94 -6.97 38.69
C LYS G 55 17.79 -8.04 37.82
C LYS G 55 17.19 -6.80 37.83
N ASP G 56 18.56 -7.45 36.89
N ASP G 56 17.96 -7.89 37.75
CA ASP G 56 19.96 -7.79 36.71
CA ASP G 56 19.20 -7.96 36.96
C ASP G 56 20.26 -9.15 36.15
C ASP G 56 19.22 -9.35 36.24
N ILE G 57 19.69 -9.42 35.00
CA ILE G 57 20.04 -10.68 34.34
C ILE G 57 21.43 -10.45 33.78
N GLU G 58 22.34 -11.37 34.03
CA GLU G 58 23.65 -11.28 33.38
C GLU G 58 23.95 -12.57 32.64
N PHE G 59 24.34 -12.47 31.38
CA PHE G 59 24.73 -13.63 30.58
C PHE G 59 26.25 -13.66 30.53
N THR G 60 26.86 -14.62 31.23
CA THR G 60 28.28 -14.51 31.54
C THR G 60 29.18 -15.40 30.67
N ALA G 61 28.60 -16.38 29.98
CA ALA G 61 29.39 -17.24 29.09
C ALA G 61 28.49 -17.80 27.99
N PRO G 62 29.02 -17.96 26.77
CA PRO G 62 28.16 -18.44 25.68
C PRO G 62 27.75 -19.92 25.83
N VAL G 63 26.57 -20.26 25.32
CA VAL G 63 26.01 -21.59 25.41
C VAL G 63 25.78 -22.14 23.99
N TYR G 64 26.18 -23.38 23.76
CA TYR G 64 26.12 -23.99 22.44
C TYR G 64 25.35 -25.29 22.42
N VAL G 65 24.89 -25.68 21.24
CA VAL G 65 24.37 -27.04 21.01
C VAL G 65 25.34 -28.04 21.60
N GLY G 66 24.80 -29.01 22.33
CA GLY G 66 25.63 -30.06 22.91
C GLY G 66 26.04 -29.76 24.33
N ASP G 67 25.78 -28.55 24.78
CA ASP G 67 26.04 -28.21 26.18
C ASP G 67 25.00 -28.84 27.08
N PHE G 68 25.44 -29.38 28.21
CA PHE G 68 24.54 -29.80 29.26
C PHE G 68 24.51 -28.71 30.32
N MET G 69 23.30 -28.32 30.70
CA MET G 69 23.08 -27.10 31.47
C MET G 69 22.27 -27.37 32.73
N GLU G 70 22.64 -26.68 33.80
CA GLU G 70 21.87 -26.74 35.03
C GLU G 70 21.36 -25.37 35.34
N TYR G 71 20.14 -25.30 35.86
CA TYR G 71 19.53 -24.01 36.18
C TYR G 71 19.05 -24.08 37.61
N HIS G 72 19.55 -23.17 38.43
CA HIS G 72 19.26 -23.18 39.86
C HIS G 72 18.39 -21.98 40.21
N GLY G 73 17.42 -22.19 41.09
CA GLY G 73 16.63 -21.09 41.61
C GLY G 73 16.25 -21.32 43.07
N TRP G 74 16.15 -20.24 43.83
CA TRP G 74 15.61 -20.36 45.18
C TRP G 74 14.90 -19.09 45.59
N ILE G 75 13.99 -19.22 46.55
CA ILE G 75 13.28 -18.08 47.11
C ILE G 75 14.14 -17.39 48.16
N GLU G 76 14.45 -16.12 47.92
CA GLU G 76 15.21 -15.33 48.87
C GLU G 76 14.29 -14.80 49.96
N LYS G 77 13.10 -14.36 49.56
CA LYS G 77 12.16 -13.77 50.51
C LYS G 77 10.73 -13.87 50.02
N VAL G 78 9.82 -14.11 50.97
CA VAL G 78 8.40 -14.10 50.70
C VAL G 78 7.83 -12.75 51.10
N GLY G 79 7.12 -12.11 50.18
CA GLY G 79 6.49 -10.82 50.44
C GLY G 79 5.03 -11.03 50.74
N ASN G 80 4.19 -10.08 50.32
CA ASN G 80 2.75 -10.20 50.53
C ASN G 80 2.14 -11.03 49.40
N GLN G 81 2.18 -10.45 48.20
CA GLN G 81 1.77 -11.19 47.02
C GLN G 81 2.96 -11.43 46.09
N SER G 82 4.15 -10.99 46.49
CA SER G 82 5.34 -11.19 45.68
C SER G 82 6.33 -12.10 46.39
N TYR G 83 7.17 -12.74 45.59
CA TYR G 83 8.22 -13.63 46.12
C TYR G 83 9.47 -13.31 45.33
N THR G 84 10.57 -13.03 46.02
CA THR G 84 11.80 -12.66 45.34
C THR G 84 12.78 -13.83 45.30
N CYS G 85 13.26 -14.15 44.10
CA CYS G 85 14.10 -15.32 43.89
C CYS G 85 15.44 -14.98 43.25
N LYS G 86 16.41 -15.86 43.46
CA LYS G 86 17.68 -15.76 42.75
C LYS G 86 17.85 -16.98 41.85
N PHE G 87 18.52 -16.75 40.71
CA PHE G 87 18.70 -17.77 39.69
C PHE G 87 20.14 -17.86 39.21
N GLU G 88 20.58 -19.07 38.88
CA GLU G 88 21.88 -19.28 38.26
C GLU G 88 21.78 -20.25 37.09
N ALA G 89 22.69 -20.16 36.14
CA ALA G 89 22.78 -21.14 35.07
C ALA G 89 24.23 -21.59 34.94
N TRP G 90 24.44 -22.90 34.90
CA TRP G 90 25.77 -23.50 34.93
C TRP G 90 25.95 -24.50 33.80
N LYS G 91 27.09 -24.45 33.12
CA LYS G 91 27.40 -25.46 32.10
C LYS G 91 28.20 -26.61 32.70
N VAL G 92 27.73 -27.86 32.53
CA VAL G 92 28.38 -28.99 33.17
C VAL G 92 29.03 -29.98 32.19
N ALA G 93 28.74 -29.85 30.91
CA ALA G 93 29.39 -30.67 29.89
C ALA G 93 29.21 -30.02 28.53
N LYS G 94 30.06 -30.39 27.58
CA LYS G 94 30.10 -29.68 26.30
C LYS G 94 30.74 -30.56 25.23
N MET G 95 30.43 -30.28 23.96
CA MET G 95 31.25 -30.80 22.86
C MET G 95 32.66 -30.23 22.96
N VAL G 96 33.65 -31.02 22.58
CA VAL G 96 35.03 -30.57 22.56
C VAL G 96 35.26 -29.52 21.46
N ASP G 97 34.66 -29.73 20.28
CA ASP G 97 34.85 -28.79 19.17
C ASP G 97 33.56 -28.55 18.40
N ILE G 98 32.84 -27.49 18.78
CA ILE G 98 31.57 -27.16 18.16
C ILE G 98 31.74 -26.72 16.71
N THR G 99 32.95 -26.35 16.31
CA THR G 99 33.16 -25.89 14.94
C THR G 99 33.29 -27.04 13.94
N ASN G 100 33.44 -28.27 14.45
CA ASN G 100 33.53 -29.46 13.60
C ASN G 100 32.29 -30.31 13.81
N PRO G 101 31.32 -30.21 12.90
CA PRO G 101 30.07 -30.95 13.09
C PRO G 101 30.23 -32.47 13.15
N GLN G 102 31.30 -33.01 12.56
CA GLN G 102 31.51 -34.46 12.57
C GLN G 102 32.30 -34.93 13.79
N ASP G 103 32.71 -34.01 14.65
CA ASP G 103 33.46 -34.38 15.84
C ASP G 103 32.47 -34.77 16.94
N THR G 104 32.51 -36.02 17.37
CA THR G 104 31.59 -36.50 18.40
C THR G 104 32.18 -36.46 19.83
N ARG G 105 33.41 -35.97 19.96
CA ARG G 105 34.03 -35.91 21.29
C ARG G 105 33.31 -34.88 22.16
N ALA G 106 33.20 -35.18 23.45
CA ALA G 106 32.57 -34.29 24.41
C ALA G 106 33.20 -34.51 25.78
N THR G 107 33.06 -33.56 26.68
CA THR G 107 33.67 -33.72 27.99
C THR G 107 32.85 -32.99 29.05
N ALA G 108 33.17 -33.24 30.31
CA ALA G 108 32.57 -32.53 31.43
C ALA G 108 33.29 -31.21 31.62
N CYS G 109 32.55 -30.23 32.11
CA CYS G 109 33.14 -28.95 32.54
C CYS G 109 33.52 -29.05 34.02
N GLU G 110 34.82 -29.19 34.28
CA GLU G 110 35.35 -29.29 35.63
C GLU G 110 36.45 -28.25 35.77
N PRO G 111 36.16 -27.12 36.43
CA PRO G 111 34.90 -26.79 37.13
C PRO G 111 33.79 -26.37 36.18
N PRO G 112 32.54 -26.43 36.63
CA PRO G 112 31.43 -25.98 35.79
C PRO G 112 31.56 -24.50 35.44
N VAL G 113 30.94 -24.10 34.35
CA VAL G 113 31.11 -22.75 33.85
C VAL G 113 29.85 -21.95 34.13
N LEU G 114 29.99 -20.82 34.82
CA LEU G 114 28.83 -19.98 35.10
C LEU G 114 28.35 -19.28 33.81
N CYS G 115 27.09 -19.47 33.45
CA CYS G 115 26.55 -18.91 32.19
C CYS G 115 25.53 -17.81 32.39
N GLY G 116 24.94 -17.75 33.58
CA GLY G 116 24.06 -16.65 33.87
C GLY G 116 23.68 -16.54 35.33
N THR G 117 23.32 -15.31 35.73
CA THR G 117 22.72 -15.09 37.04
C THR G 117 21.52 -14.14 36.89
N ALA G 118 20.59 -14.19 37.83
CA ALA G 118 19.48 -13.25 37.84
C ALA G 118 18.82 -13.14 39.21
N THR G 119 18.18 -12.00 39.44
CA THR G 119 17.21 -11.86 40.51
C THR G 119 15.89 -11.61 39.83
N GLY G 120 14.85 -12.36 40.22
CA GLY G 120 13.53 -12.17 39.63
C GLY G 120 12.46 -12.32 40.67
N SER G 121 11.27 -11.81 40.40
CA SER G 121 10.20 -11.92 41.36
C SER G 121 8.95 -12.47 40.68
N LEU G 122 8.17 -13.22 41.44
CA LEU G 122 6.92 -13.79 40.97
C LEU G 122 5.78 -13.35 41.88
N PHE G 123 4.58 -13.45 41.33
CA PHE G 123 3.34 -12.98 41.94
C PHE G 123 2.31 -14.09 42.10
N ILE G 124 1.71 -14.17 43.29
CA ILE G 124 0.53 -15.01 43.51
C ILE G 124 -0.48 -14.15 44.25
N ALA G 125 -1.62 -13.88 43.61
CA ALA G 125 -2.66 -13.09 44.25
C ALA G 125 -3.04 -13.73 45.56
N LYS G 126 -3.38 -12.91 46.56
CA LYS G 126 -3.60 -13.38 47.92
C LYS G 126 -4.63 -14.52 47.95
N ASP G 127 -5.68 -14.38 47.15
CA ASP G 127 -6.74 -15.38 47.16
C ASP G 127 -6.33 -16.67 46.43
N ASN G 128 -5.18 -16.64 45.75
CA ASN G 128 -4.64 -17.85 45.12
C ASN G 128 -3.56 -18.53 45.96
N GLN G 129 -3.20 -17.94 47.10
CA GLN G 129 -2.16 -18.51 47.93
C GLN G 129 -2.74 -19.64 48.78
N ARG G 130 -2.21 -20.85 48.58
CA ARG G 130 -2.81 -22.04 49.17
C ARG G 130 -1.94 -22.69 50.25
N GLY G 131 -0.80 -22.05 50.54
CA GLY G 131 0.12 -22.58 51.53
C GLY G 131 1.09 -23.56 50.92
N PRO G 132 2.11 -23.97 51.70
CA PRO G 132 3.16 -24.89 51.25
C PRO G 132 2.60 -26.20 50.68
N GLN G 133 3.23 -26.68 49.61
CA GLN G 133 2.77 -27.91 48.94
C GLN G 133 3.82 -29.02 48.96
N GLU G 134 5.01 -28.67 49.45
CA GLU G 134 6.14 -29.58 49.42
C GLU G 134 6.84 -29.43 50.77
N SER G 135 7.25 -30.56 51.36
CA SER G 135 7.64 -30.59 52.76
C SER G 135 8.78 -29.65 53.14
N SER G 136 9.70 -29.38 52.22
CA SER G 136 10.82 -28.52 52.57
C SER G 136 10.39 -27.05 52.65
N PHE G 137 9.15 -26.76 52.27
CA PHE G 137 8.63 -25.38 52.28
C PHE G 137 7.65 -25.12 53.43
N LYS G 138 7.52 -26.10 54.33
CA LYS G 138 6.56 -26.01 55.42
C LYS G 138 6.70 -24.76 56.29
N ASP G 139 7.92 -24.23 56.43
CA ASP G 139 8.14 -23.09 57.31
C ASP G 139 8.03 -21.74 56.60
N ALA G 140 7.71 -21.78 55.31
CA ALA G 140 7.51 -20.55 54.55
C ALA G 140 6.35 -19.75 55.13
N LYS G 141 6.55 -18.45 55.27
CA LYS G 141 5.53 -17.61 55.88
C LYS G 141 5.55 -16.21 55.31
N HIS G 142 4.36 -15.65 55.10
CA HIS G 142 4.25 -14.26 54.71
C HIS G 142 4.41 -13.38 55.94
N PRO G 143 5.22 -12.32 55.84
CA PRO G 143 5.44 -11.31 56.89
C PRO G 143 4.15 -10.83 57.56
N MET H 1 -0.94 -61.08 10.72
CA MET H 1 -1.30 -59.84 11.39
C MET H 1 -2.80 -59.58 11.30
N VAL H 2 -3.23 -58.47 11.87
CA VAL H 2 -4.63 -58.05 11.81
C VAL H 2 -4.74 -56.71 11.08
N GLY H 3 -5.73 -56.56 10.20
CA GLY H 3 -5.93 -55.31 9.49
C GLY H 3 -4.89 -55.05 8.41
N LYS H 4 -4.58 -53.77 8.18
CA LYS H 4 -3.58 -53.41 7.19
C LYS H 4 -2.38 -52.79 7.89
N LYS H 5 -1.24 -52.76 7.22
CA LYS H 5 -0.09 -52.05 7.77
C LYS H 5 -0.31 -50.56 7.59
N VAL H 6 0.04 -49.77 8.60
CA VAL H 6 -0.02 -48.32 8.47
C VAL H 6 1.38 -47.79 8.14
N VAL H 7 1.46 -46.88 7.16
CA VAL H 7 2.74 -46.37 6.72
C VAL H 7 2.76 -44.86 6.86
N HIS H 8 3.57 -44.34 7.77
CA HIS H 8 3.84 -42.90 7.77
C HIS H 8 5.05 -42.62 6.90
N HIS H 9 5.08 -41.45 6.30
CA HIS H 9 6.15 -41.14 5.36
C HIS H 9 6.32 -39.64 5.37
N LEU H 10 7.53 -39.20 5.65
CA LEU H 10 7.81 -37.77 5.76
C LEU H 10 9.30 -37.50 5.61
N MET H 11 9.68 -36.24 5.79
CA MET H 11 11.07 -35.82 5.62
C MET H 11 11.67 -35.40 6.94
N MET H 12 12.95 -35.72 7.17
CA MET H 12 13.68 -35.11 8.29
C MET H 12 14.14 -33.74 7.87
N SER H 13 13.65 -32.70 8.53
CA SER H 13 14.09 -31.34 8.22
C SER H 13 15.19 -30.97 9.19
N ALA H 14 15.71 -29.76 9.04
CA ALA H 14 16.71 -29.24 9.96
C ALA H 14 16.15 -29.20 11.37
N LYS H 15 14.82 -29.08 11.48
CA LYS H 15 14.15 -29.03 12.78
C LYS H 15 14.18 -30.38 13.51
N ASP H 16 14.50 -31.44 12.78
CA ASP H 16 14.57 -32.78 13.34
C ASP H 16 15.98 -33.12 13.80
N ALA H 17 16.96 -32.30 13.43
CA ALA H 17 18.31 -32.48 13.95
C ALA H 17 18.26 -32.42 15.47
N HIS H 18 19.11 -33.19 16.14
CA HIS H 18 19.09 -33.18 17.61
C HIS H 18 20.50 -33.08 18.17
N TYR H 19 21.38 -33.96 17.74
CA TYR H 19 22.77 -33.88 18.15
C TYR H 19 23.50 -33.09 17.08
N THR H 20 24.77 -32.79 17.37
CA THR H 20 25.64 -32.14 16.40
C THR H 20 25.80 -33.00 15.13
N GLY H 21 26.24 -32.38 14.05
CA GLY H 21 26.44 -33.11 12.80
C GLY H 21 25.17 -33.50 12.07
N ASN H 22 24.08 -32.77 12.33
CA ASN H 22 22.79 -33.01 11.66
C ASN H 22 22.21 -34.38 11.95
N LEU H 23 22.62 -34.93 13.09
CA LEU H 23 22.20 -36.26 13.50
C LEU H 23 20.85 -36.19 14.21
N VAL H 24 19.87 -36.92 13.67
CA VAL H 24 18.55 -37.02 14.30
C VAL H 24 18.63 -38.01 15.46
N ASN H 25 17.91 -37.75 16.55
CA ASN H 25 17.93 -38.68 17.68
C ASN H 25 17.04 -39.90 17.43
N GLY H 26 17.39 -41.01 18.06
CA GLY H 26 16.61 -42.23 17.97
C GLY H 26 15.16 -41.99 18.36
N ALA H 27 14.96 -41.11 19.34
CA ALA H 27 13.63 -40.83 19.88
C ALA H 27 12.68 -40.23 18.84
N ARG H 28 13.23 -39.66 17.76
CA ARG H 28 12.39 -39.15 16.68
C ARG H 28 11.61 -40.30 16.04
N ILE H 29 12.24 -41.46 15.93
CA ILE H 29 11.56 -42.64 15.38
C ILE H 29 10.46 -43.09 16.33
N VAL H 30 10.79 -43.12 17.62
CA VAL H 30 9.81 -43.54 18.63
C VAL H 30 8.62 -42.59 18.64
N ASN H 31 8.89 -41.31 18.44
CA ASN H 31 7.82 -40.32 18.32
C ASN H 31 6.86 -40.73 17.20
N GLN H 32 7.41 -41.07 16.04
CA GLN H 32 6.56 -41.41 14.90
C GLN H 32 5.82 -42.71 15.14
N TRP H 33 6.49 -43.67 15.76
CA TRP H 33 5.86 -44.96 16.05
C TRP H 33 4.68 -44.77 17.00
N GLY H 34 4.77 -43.82 17.92
CA GLY H 34 3.63 -43.59 18.79
C GLY H 34 2.43 -43.16 17.96
N ASP H 35 2.69 -42.39 16.91
CA ASP H 35 1.61 -41.88 16.06
C ASP H 35 1.10 -42.97 15.15
N VAL H 36 1.98 -43.85 14.67
CA VAL H 36 1.56 -44.99 13.85
C VAL H 36 0.67 -45.90 14.71
N GLY H 37 1.10 -46.13 15.94
CA GLY H 37 0.34 -46.93 16.87
C GLY H 37 -1.03 -46.34 17.14
N THR H 38 -1.06 -45.02 17.35
CA THR H 38 -2.34 -44.34 17.53
C THR H 38 -3.28 -44.58 16.34
N GLU H 39 -2.78 -44.42 15.12
CA GLU H 39 -3.61 -44.64 13.94
C GLU H 39 -4.19 -46.07 13.90
N LEU H 40 -3.36 -47.05 14.21
CA LEU H 40 -3.79 -48.44 14.24
C LEU H 40 -4.90 -48.64 15.28
N MET H 41 -4.77 -47.96 16.43
CA MET H 41 -5.77 -48.10 17.48
C MET H 41 -7.08 -47.42 17.11
N VAL H 42 -6.98 -46.30 16.40
CA VAL H 42 -8.17 -45.66 15.86
C VAL H 42 -8.92 -46.60 14.92
N TYR H 43 -8.19 -47.26 14.03
CA TYR H 43 -8.83 -48.13 13.04
C TYR H 43 -9.40 -49.42 13.65
N VAL H 44 -8.71 -49.98 14.65
CA VAL H 44 -9.18 -51.23 15.24
C VAL H 44 -10.30 -51.08 16.27
N ASP H 45 -10.38 -49.94 16.95
CA ASP H 45 -11.38 -49.80 18.02
C ASP H 45 -11.82 -48.37 18.32
N GLY H 46 -11.42 -47.42 17.49
CA GLY H 46 -11.97 -46.08 17.57
C GLY H 46 -11.60 -45.26 18.80
N ASP H 47 -10.40 -45.45 19.28
CA ASP H 47 -9.90 -44.69 20.42
C ASP H 47 -8.42 -44.42 20.16
N ILE H 48 -7.91 -43.26 20.57
CA ILE H 48 -6.49 -42.99 20.31
C ILE H 48 -5.55 -43.82 21.17
N SER H 49 -6.09 -44.42 22.23
CA SER H 49 -5.37 -45.36 23.08
C SER H 49 -4.26 -44.72 23.92
N LEU H 50 -3.65 -45.57 24.74
CA LEU H 50 -2.48 -45.20 25.53
C LEU H 50 -1.37 -46.19 25.26
N PHE H 51 -0.16 -45.70 25.02
CA PHE H 51 0.94 -46.59 24.77
C PHE H 51 1.40 -47.23 26.08
N LEU H 52 1.48 -48.56 26.11
CA LEU H 52 1.91 -49.30 27.29
C LEU H 52 3.43 -49.32 27.45
N GLY H 53 4.13 -49.50 26.34
CA GLY H 53 5.56 -49.68 26.39
C GLY H 53 6.07 -50.44 25.19
N TYR H 54 7.38 -50.68 25.20
CA TYR H 54 8.03 -51.40 24.14
C TYR H 54 8.84 -52.57 24.68
N LYS H 55 8.83 -53.67 23.92
N LYS H 55 8.56 -53.77 24.17
CA LYS H 55 9.89 -54.66 24.01
CA LYS H 55 9.29 -54.94 24.59
C LYS H 55 10.86 -54.53 22.83
C LYS H 55 10.73 -54.75 24.18
N ASP H 56 12.14 -54.42 23.12
N ASP H 56 10.91 -54.29 22.96
CA ASP H 56 13.21 -54.50 22.11
CA ASP H 56 12.26 -54.01 22.46
C ASP H 56 13.15 -53.48 20.96
C ASP H 56 12.22 -52.93 21.39
N ILE H 57 13.32 -52.20 21.28
CA ILE H 57 13.52 -51.23 20.22
C ILE H 57 14.96 -51.40 19.76
N GLU H 58 15.19 -51.40 18.46
CA GLU H 58 16.59 -51.41 18.00
C GLU H 58 16.79 -50.31 16.97
N PHE H 59 17.85 -49.53 17.13
CA PHE H 59 18.21 -48.49 16.18
C PHE H 59 19.37 -49.02 15.33
N THR H 60 19.13 -49.15 14.02
CA THR H 60 20.01 -49.97 13.18
C THR H 60 20.84 -49.16 12.20
N ALA H 61 20.45 -47.91 11.95
CA ALA H 61 21.24 -47.02 11.10
C ALA H 61 20.97 -45.56 11.47
N PRO H 62 22.00 -44.72 11.35
CA PRO H 62 21.83 -43.30 11.69
C PRO H 62 20.92 -42.59 10.71
N VAL H 63 20.20 -41.59 11.23
CA VAL H 63 19.29 -40.77 10.46
C VAL H 63 19.77 -39.33 10.49
N TYR H 64 19.72 -38.67 9.34
CA TYR H 64 20.21 -37.31 9.19
C TYR H 64 19.17 -36.37 8.60
N VAL H 65 19.37 -35.08 8.86
CA VAL H 65 18.63 -34.04 8.17
C VAL H 65 18.65 -34.31 6.66
N GLY H 66 17.50 -34.21 6.02
CA GLY H 66 17.45 -34.41 4.58
C GLY H 66 17.10 -35.84 4.22
N ASP H 67 17.13 -36.73 5.21
CA ASP H 67 16.63 -38.10 4.97
C ASP H 67 15.11 -38.11 4.82
N PHE H 68 14.60 -38.84 3.84
CA PHE H 68 13.17 -39.13 3.78
C PHE H 68 12.93 -40.51 4.38
N MET H 69 11.93 -40.59 5.26
CA MET H 69 11.76 -41.73 6.13
C MET H 69 10.35 -42.27 6.08
N GLU H 70 10.25 -43.59 6.13
CA GLU H 70 8.96 -44.22 6.34
C GLU H 70 8.94 -44.93 7.67
N TYR H 71 7.75 -45.01 8.26
CA TYR H 71 7.57 -45.65 9.55
C TYR H 71 6.39 -46.58 9.42
N HIS H 72 6.65 -47.87 9.50
CA HIS H 72 5.60 -48.87 9.33
C HIS H 72 5.17 -49.44 10.66
N GLY H 73 3.88 -49.69 10.81
CA GLY H 73 3.38 -50.42 11.97
C GLY H 73 2.20 -51.30 11.62
N TRP H 74 2.06 -52.40 12.34
CA TRP H 74 0.87 -53.22 12.21
C TRP H 74 0.52 -53.90 13.52
N ILE H 75 -0.74 -54.30 13.63
CA ILE H 75 -1.19 -55.05 14.79
C ILE H 75 -0.87 -56.52 14.56
N GLU H 76 -0.05 -57.09 15.44
CA GLU H 76 0.27 -58.51 15.41
C GLU H 76 -0.81 -59.32 16.11
N LYS H 77 -1.27 -58.80 17.26
CA LYS H 77 -2.21 -59.51 18.11
C LYS H 77 -3.17 -58.58 18.83
N VAL H 78 -4.47 -58.88 18.74
CA VAL H 78 -5.48 -58.19 19.54
C VAL H 78 -5.70 -58.99 20.80
N GLY H 79 -5.46 -58.36 21.95
CA GLY H 79 -5.69 -58.99 23.23
C GLY H 79 -7.03 -58.57 23.81
N ASN H 80 -7.10 -58.50 25.13
CA ASN H 80 -8.32 -58.07 25.82
C ASN H 80 -8.40 -56.54 25.83
N GLN H 81 -7.49 -55.91 26.56
CA GLN H 81 -7.40 -54.46 26.56
C GLN H 81 -6.05 -53.99 25.98
N SER H 82 -5.21 -54.94 25.62
CA SER H 82 -3.95 -54.60 24.99
C SER H 82 -3.91 -55.04 23.53
N TYR H 83 -3.01 -54.41 22.79
CA TYR H 83 -2.80 -54.70 21.37
C TYR H 83 -1.29 -54.72 21.14
N THR H 84 -0.78 -55.82 20.61
CA THR H 84 0.65 -55.95 20.39
C THR H 84 0.98 -55.61 18.95
N CYS H 85 1.88 -54.65 18.78
CA CYS H 85 2.20 -54.14 17.46
C CYS H 85 3.67 -54.30 17.12
N LYS H 86 3.97 -54.36 15.84
CA LYS H 86 5.36 -54.36 15.37
C LYS H 86 5.60 -53.10 14.55
N PHE H 87 6.83 -52.59 14.64
CA PHE H 87 7.18 -51.33 13.98
C PHE H 87 8.50 -51.42 13.24
N GLU H 88 8.61 -50.69 12.14
CA GLU H 88 9.86 -50.55 11.41
C GLU H 88 10.07 -49.08 11.02
N ALA H 89 11.31 -48.72 10.76
CA ALA H 89 11.62 -47.42 10.18
C ALA H 89 12.59 -47.61 9.00
N TRP H 90 12.31 -46.94 7.90
CA TRP H 90 13.04 -47.16 6.65
C TRP H 90 13.46 -45.83 6.03
N LYS H 91 14.70 -45.75 5.57
CA LYS H 91 15.17 -44.54 4.91
C LYS H 91 15.02 -44.72 3.38
N VAL H 92 14.31 -43.80 2.73
CA VAL H 92 14.02 -43.97 1.30
C VAL H 92 14.74 -42.98 0.37
N ALA H 93 15.26 -41.90 0.95
CA ALA H 93 16.09 -40.95 0.22
C ALA H 93 16.95 -40.17 1.19
N LYS H 94 17.94 -39.45 0.66
CA LYS H 94 18.94 -38.82 1.52
C LYS H 94 19.72 -37.79 0.72
N MET H 95 20.32 -36.84 1.42
CA MET H 95 21.37 -36.00 0.82
C MET H 95 22.58 -36.86 0.42
N VAL H 96 23.25 -36.51 -0.67
CA VAL H 96 24.44 -37.25 -1.07
C VAL H 96 25.62 -37.01 -0.11
N ASP H 97 25.78 -35.78 0.34
CA ASP H 97 26.88 -35.47 1.24
C ASP H 97 26.48 -34.51 2.37
N ILE H 98 26.12 -35.06 3.54
CA ILE H 98 25.62 -34.26 4.66
C ILE H 98 26.72 -33.37 5.27
N THR H 99 27.99 -33.71 5.01
CA THR H 99 29.10 -32.96 5.58
C THR H 99 29.30 -31.61 4.89
N ASN H 100 28.71 -31.47 3.71
CA ASN H 100 28.80 -30.19 3.00
C ASN H 100 27.44 -29.49 2.97
N PRO H 101 27.25 -28.49 3.85
CA PRO H 101 25.95 -27.84 4.02
C PRO H 101 25.39 -27.23 2.74
N GLN H 102 26.26 -26.76 1.85
CA GLN H 102 25.85 -26.10 0.62
C GLN H 102 25.60 -27.04 -0.54
N ASP H 103 25.80 -28.34 -0.32
CA ASP H 103 25.62 -29.35 -1.35
C ASP H 103 24.13 -29.69 -1.41
N THR H 104 23.52 -29.56 -2.58
CA THR H 104 22.08 -29.75 -2.69
C THR H 104 21.75 -31.09 -3.35
N ARG H 105 22.80 -31.86 -3.63
CA ARG H 105 22.60 -33.16 -4.26
C ARG H 105 21.89 -34.13 -3.32
N ALA H 106 20.93 -34.89 -3.84
CA ALA H 106 20.23 -35.90 -3.05
C ALA H 106 19.87 -37.09 -3.93
N THR H 107 19.61 -38.24 -3.33
CA THR H 107 19.28 -39.42 -4.12
C THR H 107 18.31 -40.35 -3.37
N ALA H 108 17.75 -41.31 -4.09
CA ALA H 108 16.92 -42.32 -3.45
C ALA H 108 17.79 -43.39 -2.83
N CYS H 109 17.27 -44.05 -1.80
CA CYS H 109 17.88 -45.26 -1.28
C CYS H 109 17.20 -46.46 -1.92
N GLU H 110 17.90 -47.11 -2.83
CA GLU H 110 17.35 -48.31 -3.46
C GLU H 110 18.30 -49.47 -3.28
N PRO H 111 17.93 -50.44 -2.43
CA PRO H 111 16.65 -50.49 -1.70
C PRO H 111 16.63 -49.59 -0.47
N PRO H 112 15.46 -49.41 0.15
CA PRO H 112 15.42 -48.61 1.38
C PRO H 112 16.31 -49.21 2.47
N VAL H 113 16.82 -48.36 3.34
CA VAL H 113 17.73 -48.79 4.41
C VAL H 113 16.96 -48.92 5.73
N LEU H 114 17.09 -50.08 6.37
CA LEU H 114 16.43 -50.29 7.67
C LEU H 114 17.10 -49.44 8.75
N CYS H 115 16.32 -48.60 9.39
CA CYS H 115 16.85 -47.70 10.43
C CYS H 115 16.38 -48.05 11.84
N GLY H 116 15.31 -48.84 11.94
CA GLY H 116 14.83 -49.24 13.26
C GLY H 116 13.74 -50.28 13.23
N THR H 117 13.65 -51.05 14.31
CA THR H 117 12.55 -51.98 14.53
C THR H 117 12.11 -51.93 15.98
N ALA H 118 10.86 -52.30 16.22
CA ALA H 118 10.36 -52.43 17.58
C ALA H 118 9.12 -53.31 17.68
N THR H 119 8.93 -53.85 18.88
CA THR H 119 7.67 -54.44 19.30
C THR H 119 7.11 -53.58 20.41
N GLY H 120 5.86 -53.14 20.29
CA GLY H 120 5.28 -52.34 21.34
C GLY H 120 3.81 -52.61 21.46
N SER H 121 3.24 -52.24 22.61
CA SER H 121 1.85 -52.53 22.88
C SER H 121 1.10 -51.28 23.29
N LEU H 122 -0.17 -51.20 22.87
CA LEU H 122 -1.04 -50.10 23.22
C LEU H 122 -2.25 -50.65 23.99
N PHE H 123 -2.91 -49.75 24.70
CA PHE H 123 -4.01 -50.08 25.60
C PHE H 123 -5.25 -49.27 25.23
N ILE H 124 -6.38 -49.97 25.09
CA ILE H 124 -7.70 -49.33 25.10
C ILE H 124 -8.54 -50.01 26.15
N ALA H 125 -9.04 -49.23 27.12
CA ALA H 125 -9.94 -49.76 28.13
C ALA H 125 -11.13 -50.44 27.45
N LYS H 126 -11.56 -51.57 27.99
CA LYS H 126 -12.68 -52.31 27.40
C LYS H 126 -13.86 -51.43 27.06
N ASP H 127 -14.24 -50.53 27.97
CA ASP H 127 -15.41 -49.70 27.74
C ASP H 127 -15.16 -48.59 26.73
N ASN H 128 -13.90 -48.40 26.34
CA ASN H 128 -13.56 -47.46 25.27
C ASN H 128 -13.42 -48.13 23.90
N GLN H 129 -13.58 -49.45 23.85
CA GLN H 129 -13.44 -50.17 22.59
C GLN H 129 -14.74 -50.06 21.80
N ARG H 130 -14.66 -49.50 20.59
CA ARG H 130 -15.86 -49.17 19.84
C ARG H 130 -16.01 -49.98 18.56
N GLY H 131 -15.11 -50.94 18.35
CA GLY H 131 -15.13 -51.77 17.15
C GLY H 131 -14.38 -51.15 16.00
N PRO H 132 -14.15 -51.93 14.94
CA PRO H 132 -13.38 -51.44 13.79
C PRO H 132 -13.98 -50.17 13.16
N GLN H 133 -13.11 -49.24 12.76
CA GLN H 133 -13.54 -47.94 12.23
C GLN H 133 -13.13 -47.77 10.77
N GLU H 134 -12.37 -48.74 10.26
CA GLU H 134 -11.84 -48.67 8.90
C GLU H 134 -11.98 -50.06 8.26
N SER H 135 -12.37 -50.11 6.99
CA SER H 135 -12.82 -51.37 6.36
C SER H 135 -11.81 -52.52 6.40
N SER H 136 -10.51 -52.21 6.34
CA SER H 136 -9.52 -53.28 6.33
CA SER H 136 -9.50 -53.25 6.35
C SER H 136 -9.41 -53.96 7.70
N PHE H 137 -10.01 -53.35 8.72
CA PHE H 137 -9.92 -53.89 10.08
C PHE H 137 -11.19 -54.59 10.52
N LYS H 138 -12.09 -54.84 9.58
CA LYS H 138 -13.41 -55.34 9.95
C LYS H 138 -13.34 -56.71 10.64
N ASP H 139 -12.27 -57.46 10.40
CA ASP H 139 -12.15 -58.82 10.94
C ASP H 139 -11.22 -58.86 12.15
N ALA H 140 -10.89 -57.68 12.66
CA ALA H 140 -10.15 -57.58 13.91
C ALA H 140 -11.09 -57.93 15.05
N LYS H 141 -10.72 -58.93 15.84
CA LYS H 141 -11.58 -59.37 16.91
C LYS H 141 -10.78 -59.63 18.18
N HIS H 142 -11.37 -59.27 19.31
CA HIS H 142 -10.86 -59.67 20.61
C HIS H 142 -11.21 -61.12 20.90
N PRO H 143 -10.36 -61.83 21.65
CA PRO H 143 -10.69 -63.21 22.01
C PRO H 143 -11.99 -63.29 22.81
N MET I 1 -6.90 -0.48 -2.08
CA MET I 1 -6.73 -0.85 -0.68
C MET I 1 -7.94 -0.49 0.17
N VAL I 2 -8.25 -1.35 1.12
CA VAL I 2 -9.19 -1.05 2.19
C VAL I 2 -8.43 -1.09 3.52
N GLY I 3 -8.62 -0.11 4.39
CA GLY I 3 -7.92 -0.07 5.67
C GLY I 3 -6.44 0.26 5.54
N LYS I 4 -5.62 -0.30 6.44
CA LYS I 4 -4.18 -0.09 6.40
C LYS I 4 -3.44 -1.39 6.10
N LYS I 5 -2.21 -1.27 5.60
CA LYS I 5 -1.33 -2.40 5.43
C LYS I 5 -0.89 -2.92 6.80
N VAL I 6 -0.83 -4.24 6.94
CA VAL I 6 -0.29 -4.88 8.15
C VAL I 6 1.11 -5.37 7.84
N VAL I 7 2.06 -5.06 8.73
CA VAL I 7 3.45 -5.44 8.53
C VAL I 7 3.93 -6.28 9.71
N HIS I 8 4.20 -7.56 9.44
CA HIS I 8 4.92 -8.39 10.40
C HIS I 8 6.41 -8.26 10.12
N HIS I 9 7.21 -8.40 11.18
CA HIS I 9 8.65 -8.19 11.08
C HIS I 9 9.31 -9.04 12.14
N LEU I 10 10.20 -9.94 11.73
CA LEU I 10 10.83 -10.84 12.69
C LEU I 10 12.14 -11.41 12.13
N MET I 11 12.80 -12.26 12.91
CA MET I 11 14.06 -12.82 12.48
C MET I 11 13.89 -14.29 12.14
N MET I 12 14.58 -14.77 11.11
CA MET I 12 14.75 -16.21 10.92
C MET I 12 15.83 -16.68 11.86
N SER I 13 15.47 -17.50 12.84
CA SER I 13 16.49 -18.11 13.70
C SER I 13 16.90 -19.47 13.17
N ALA I 14 17.82 -20.13 13.89
CA ALA I 14 18.23 -21.48 13.49
C ALA I 14 17.03 -22.41 13.45
N LYS I 15 16.03 -22.11 14.28
CA LYS I 15 14.82 -22.91 14.35
C LYS I 15 13.97 -22.83 13.08
N ASP I 16 14.24 -21.83 12.25
CA ASP I 16 13.52 -21.68 10.99
C ASP I 16 14.19 -22.39 9.83
N ALA I 17 15.40 -22.88 10.03
CA ALA I 17 16.07 -23.63 9.00
C ALA I 17 15.21 -24.85 8.70
N HIS I 18 15.15 -25.25 7.44
CA HIS I 18 14.33 -26.39 7.09
C HIS I 18 15.09 -27.40 6.23
N TYR I 19 15.68 -26.91 5.15
CA TYR I 19 16.55 -27.77 4.36
C TYR I 19 17.98 -27.58 4.85
N THR I 20 18.89 -28.39 4.34
CA THR I 20 20.30 -28.26 4.68
C THR I 20 20.83 -26.89 4.22
N GLY I 21 22.01 -26.50 4.72
CA GLY I 21 22.59 -25.23 4.32
C GLY I 21 21.93 -24.00 4.90
N ASN I 22 21.19 -24.21 6.00
CA ASN I 22 20.49 -23.15 6.71
C ASN I 22 19.44 -22.48 5.86
N LEU I 23 18.91 -23.23 4.90
CA LEU I 23 17.91 -22.72 3.97
C LEU I 23 16.51 -22.82 4.58
N VAL I 24 15.81 -21.69 4.62
CA VAL I 24 14.45 -21.67 5.11
C VAL I 24 13.53 -22.12 3.97
N ASN I 25 12.45 -22.83 4.29
CA ASN I 25 11.50 -23.26 3.26
C ASN I 25 10.49 -22.16 2.91
N GLY I 26 10.02 -22.17 1.67
CA GLY I 26 9.02 -21.21 1.22
C GLY I 26 7.79 -21.15 2.10
N ALA I 27 7.43 -22.30 2.68
CA ALA I 27 6.22 -22.37 3.49
C ALA I 27 6.32 -21.51 4.75
N ARG I 28 7.54 -21.21 5.17
CA ARG I 28 7.70 -20.30 6.30
C ARG I 28 7.09 -18.94 5.99
N ILE I 29 7.21 -18.50 4.74
CA ILE I 29 6.60 -17.26 4.29
C ILE I 29 5.07 -17.35 4.34
N VAL I 30 4.55 -18.46 3.80
CA VAL I 30 3.11 -18.71 3.76
C VAL I 30 2.52 -18.79 5.19
N ASN I 31 3.26 -19.42 6.10
CA ASN I 31 2.90 -19.40 7.52
C ASN I 31 2.69 -17.97 8.01
N GLN I 32 3.64 -17.10 7.72
CA GLN I 32 3.51 -15.75 8.22
C GLN I 32 2.37 -15.00 7.53
N TRP I 33 2.14 -15.26 6.24
CA TRP I 33 1.06 -14.58 5.52
C TRP I 33 -0.28 -15.02 6.09
N GLY I 34 -0.36 -16.26 6.55
CA GLY I 34 -1.60 -16.70 7.20
C GLY I 34 -1.90 -15.85 8.43
N ASP I 35 -0.86 -15.50 9.18
CA ASP I 35 -1.03 -14.69 10.38
C ASP I 35 -1.29 -13.23 10.02
N VAL I 36 -0.61 -12.75 8.97
CA VAL I 36 -0.90 -11.41 8.48
C VAL I 36 -2.37 -11.30 8.04
N GLY I 37 -2.85 -12.32 7.33
CA GLY I 37 -4.22 -12.32 6.84
C GLY I 37 -5.17 -12.37 8.01
N THR I 38 -4.83 -13.17 9.01
CA THR I 38 -5.65 -13.25 10.22
C THR I 38 -5.80 -11.86 10.88
N GLU I 39 -4.68 -11.14 11.02
CA GLU I 39 -4.72 -9.80 11.63
C GLU I 39 -5.62 -8.84 10.84
N LEU I 40 -5.54 -8.91 9.51
CA LEU I 40 -6.40 -8.11 8.65
C LEU I 40 -7.88 -8.43 8.90
N MET I 41 -8.19 -9.71 9.04
CA MET I 41 -9.58 -10.15 9.22
C MET I 41 -10.10 -9.75 10.61
N VAL I 42 -9.23 -9.78 11.61
CA VAL I 42 -9.55 -9.30 12.94
C VAL I 42 -9.97 -7.83 12.86
N TYR I 43 -9.18 -7.03 12.16
CA TYR I 43 -9.45 -5.59 12.08
C TYR I 43 -10.67 -5.26 11.23
N VAL I 44 -10.89 -6.01 10.15
CA VAL I 44 -11.99 -5.64 9.26
C VAL I 44 -13.34 -6.15 9.76
N ASP I 45 -13.38 -7.28 10.46
CA ASP I 45 -14.68 -7.81 10.87
C ASP I 45 -14.67 -8.62 12.17
N GLY I 46 -13.59 -8.53 12.93
CA GLY I 46 -13.61 -9.06 14.29
C GLY I 46 -13.63 -10.56 14.43
N ASP I 47 -13.03 -11.25 13.46
CA ASP I 47 -12.96 -12.73 13.47
C ASP I 47 -11.63 -13.19 12.93
N ILE I 48 -11.09 -14.29 13.45
CA ILE I 48 -9.77 -14.72 12.96
C ILE I 48 -9.85 -15.30 11.55
N SER I 49 -11.06 -15.67 11.13
CA SER I 49 -11.37 -16.13 9.76
C SER I 49 -10.77 -17.49 9.39
N LEU I 50 -11.11 -17.96 8.19
CA LEU I 50 -10.51 -19.17 7.61
C LEU I 50 -9.90 -18.80 6.27
N PHE I 51 -8.67 -19.23 6.04
CA PHE I 51 -8.00 -18.96 4.77
C PHE I 51 -8.61 -19.87 3.69
N LEU I 52 -9.03 -19.27 2.58
CA LEU I 52 -9.65 -20.01 1.48
C LEU I 52 -8.62 -20.60 0.53
N GLY I 53 -7.59 -19.82 0.25
CA GLY I 53 -6.58 -20.24 -0.70
C GLY I 53 -5.77 -19.09 -1.26
N TYR I 54 -4.88 -19.44 -2.18
CA TYR I 54 -4.00 -18.46 -2.80
C TYR I 54 -4.07 -18.58 -4.31
N LYS I 55 -3.95 -17.44 -4.98
N LYS I 55 -4.38 -17.48 -4.97
CA LYS I 55 -3.54 -17.42 -6.38
CA LYS I 55 -4.54 -17.49 -6.42
C LYS I 55 -2.12 -16.88 -6.54
C LYS I 55 -3.19 -17.81 -7.01
N ASP I 56 -1.35 -17.54 -7.39
N ASP I 56 -2.18 -17.16 -6.48
CA ASP I 56 -0.02 -17.08 -7.81
CA ASP I 56 -0.82 -17.38 -6.92
C ASP I 56 0.97 -16.75 -6.69
C ASP I 56 0.15 -17.06 -5.79
N ILE I 57 1.31 -17.72 -5.85
CA ILE I 57 2.38 -17.49 -4.90
C ILE I 57 3.67 -17.55 -5.69
N GLU I 58 4.55 -16.57 -5.52
CA GLU I 58 5.86 -16.67 -6.13
C GLU I 58 6.94 -16.50 -5.06
N PHE I 59 7.91 -17.39 -5.08
CA PHE I 59 9.07 -17.29 -4.20
C PHE I 59 10.21 -16.75 -5.04
N THR I 60 10.70 -15.55 -4.71
CA THR I 60 11.54 -14.82 -5.64
C THR I 60 13.01 -14.77 -5.24
N ALA I 61 13.33 -15.11 -3.99
CA ALA I 61 14.71 -15.11 -3.54
C ALA I 61 14.83 -16.02 -2.33
N PRO I 62 16.01 -16.65 -2.15
CA PRO I 62 16.14 -17.60 -1.04
C PRO I 62 16.24 -16.89 0.29
N VAL I 63 15.79 -17.56 1.35
CA VAL I 63 15.81 -17.03 2.71
C VAL I 63 16.63 -17.94 3.61
N TYR I 64 17.49 -17.35 4.43
CA TYR I 64 18.38 -18.13 5.28
C TYR I 64 18.25 -17.75 6.75
N VAL I 65 18.70 -18.67 7.60
CA VAL I 65 18.91 -18.38 9.01
C VAL I 65 19.67 -17.06 9.14
N GLY I 66 19.23 -16.20 10.05
CA GLY I 66 19.90 -14.92 10.24
C GLY I 66 19.31 -13.80 9.41
N ASP I 67 18.43 -14.14 8.47
CA ASP I 67 17.72 -13.09 7.73
C ASP I 67 16.66 -12.43 8.62
N PHE I 68 16.57 -11.11 8.53
CA PHE I 68 15.43 -10.41 9.12
C PHE I 68 14.45 -10.13 8.00
N MET I 69 13.18 -10.41 8.27
CA MET I 69 12.15 -10.50 7.25
C MET I 69 10.93 -9.68 7.61
N GLU I 70 10.37 -8.99 6.63
CA GLU I 70 9.06 -8.37 6.79
C GLU I 70 8.05 -9.08 5.92
N TYR I 71 6.79 -9.09 6.39
CA TYR I 71 5.71 -9.68 5.65
C TYR I 71 4.57 -8.68 5.63
N HIS I 72 4.24 -8.22 4.43
CA HIS I 72 3.23 -7.19 4.24
C HIS I 72 1.95 -7.80 3.72
N GLY I 73 0.82 -7.27 4.16
CA GLY I 73 -0.45 -7.73 3.62
C GLY I 73 -1.45 -6.61 3.70
N TRP I 74 -2.41 -6.61 2.76
CA TRP I 74 -3.50 -5.66 2.77
C TRP I 74 -4.73 -6.24 2.12
N ILE I 75 -5.89 -5.70 2.46
CA ILE I 75 -7.15 -6.10 1.84
C ILE I 75 -7.36 -5.30 0.57
N GLU I 76 -7.46 -5.99 -0.55
CA GLU I 76 -7.71 -5.33 -1.83
C GLU I 76 -9.21 -5.15 -2.05
N LYS I 77 -9.99 -6.18 -1.74
CA LYS I 77 -11.42 -6.02 -1.85
C LYS I 77 -12.19 -6.83 -0.81
N VAL I 78 -13.22 -6.20 -0.25
CA VAL I 78 -14.16 -6.89 0.62
C VAL I 78 -15.29 -7.46 -0.20
N GLY I 79 -15.51 -8.77 -0.11
CA GLY I 79 -16.61 -9.41 -0.80
C GLY I 79 -17.80 -9.62 0.11
N ASN I 80 -18.55 -10.68 -0.16
CA ASN I 80 -19.69 -11.03 0.68
C ASN I 80 -19.20 -11.76 1.92
N GLN I 81 -18.70 -12.98 1.73
CA GLN I 81 -18.10 -13.73 2.83
C GLN I 81 -16.61 -13.91 2.63
N SER I 82 -16.11 -13.45 1.48
CA SER I 82 -14.69 -13.54 1.20
C SER I 82 -14.03 -12.17 1.19
N TYR I 83 -12.71 -12.17 1.36
CA TYR I 83 -11.89 -10.96 1.37
C TYR I 83 -10.61 -11.23 0.58
N THR I 84 -10.35 -10.45 -0.47
CA THR I 84 -9.17 -10.71 -1.31
C THR I 84 -8.01 -9.84 -0.86
N CYS I 85 -6.88 -10.48 -0.54
CA CYS I 85 -5.72 -9.78 -0.03
C CYS I 85 -4.50 -9.99 -0.91
N LYS I 86 -3.55 -9.06 -0.81
CA LYS I 86 -2.27 -9.18 -1.47
C LYS I 86 -1.17 -9.24 -0.42
N PHE I 87 -0.15 -10.05 -0.67
CA PHE I 87 0.94 -10.25 0.28
C PHE I 87 2.32 -10.10 -0.35
N GLU I 88 3.28 -9.63 0.44
CA GLU I 88 4.67 -9.53 0.02
C GLU I 88 5.56 -10.01 1.15
N ALA I 89 6.75 -10.49 0.79
CA ALA I 89 7.77 -10.76 1.78
C ALA I 89 9.09 -10.08 1.38
N TRP I 90 9.74 -9.46 2.37
CA TRP I 90 10.93 -8.65 2.14
C TRP I 90 12.06 -9.01 3.11
N LYS I 91 13.28 -9.12 2.60
CA LYS I 91 14.46 -9.30 3.44
C LYS I 91 15.10 -7.95 3.74
N VAL I 92 15.23 -7.61 5.03
CA VAL I 92 15.78 -6.32 5.43
C VAL I 92 17.19 -6.40 6.04
N ALA I 93 17.62 -7.61 6.39
CA ALA I 93 18.99 -7.80 6.86
C ALA I 93 19.38 -9.28 6.74
N LYS I 94 20.67 -9.56 6.87
CA LYS I 94 21.16 -10.92 6.60
C LYS I 94 22.58 -11.14 7.12
N MET I 95 22.96 -12.40 7.33
CA MET I 95 24.36 -12.71 7.62
C MET I 95 25.17 -12.40 6.37
N VAL I 96 26.41 -11.97 6.55
CA VAL I 96 27.27 -11.74 5.39
C VAL I 96 27.67 -13.05 4.70
N ASP I 97 28.01 -14.07 5.47
CA ASP I 97 28.44 -15.35 4.91
C ASP I 97 27.84 -16.54 5.65
N ILE I 98 26.67 -17.00 5.16
CA ILE I 98 25.97 -18.10 5.81
C ILE I 98 26.73 -19.42 5.72
N THR I 99 27.71 -19.50 4.82
CA THR I 99 28.45 -20.76 4.62
C THR I 99 29.51 -20.97 5.71
N ASN I 100 29.80 -19.90 6.48
CA ASN I 100 30.75 -19.97 7.59
C ASN I 100 30.04 -19.81 8.94
N PRO I 101 29.78 -20.93 9.64
CA PRO I 101 29.00 -20.83 10.87
C PRO I 101 29.63 -19.96 11.98
N GLN I 102 30.95 -19.78 11.94
CA GLN I 102 31.61 -18.99 12.98
C GLN I 102 31.71 -17.51 12.62
N ASP I 103 31.27 -17.18 11.41
CA ASP I 103 31.24 -15.78 10.96
C ASP I 103 30.02 -15.08 11.57
N THR I 104 30.28 -14.07 12.39
CA THR I 104 29.20 -13.33 13.08
C THR I 104 28.83 -12.03 12.38
N ARG I 105 29.43 -11.77 11.21
CA ARG I 105 29.14 -10.54 10.47
C ARG I 105 27.73 -10.56 9.88
N ALA I 106 27.06 -9.43 9.94
CA ALA I 106 25.75 -9.29 9.31
C ALA I 106 25.58 -7.86 8.81
N THR I 107 24.66 -7.66 7.88
CA THR I 107 24.48 -6.34 7.30
C THR I 107 23.02 -6.09 6.93
N ALA I 108 22.68 -4.84 6.67
CA ALA I 108 21.33 -4.51 6.22
C ALA I 108 21.18 -4.75 4.73
N CYS I 109 19.96 -5.04 4.30
CA CYS I 109 19.63 -5.08 2.88
C CYS I 109 19.07 -3.72 2.50
N GLU I 110 19.91 -2.92 1.84
CA GLU I 110 19.52 -1.59 1.43
C GLU I 110 19.61 -1.48 -0.08
N PRO I 111 18.47 -1.53 -0.78
CA PRO I 111 17.08 -1.63 -0.34
C PRO I 111 16.71 -3.07 0.02
N PRO I 112 15.55 -3.27 0.66
N PRO I 112 15.58 -3.26 0.70
CA PRO I 112 15.12 -4.62 0.99
CA PRO I 112 15.13 -4.62 1.01
C PRO I 112 15.00 -5.48 -0.27
C PRO I 112 14.98 -5.47 -0.24
N VAL I 113 15.19 -6.78 -0.10
CA VAL I 113 15.09 -7.71 -1.22
C VAL I 113 13.75 -8.42 -1.24
N LEU I 114 13.07 -8.38 -2.38
CA LEU I 114 11.79 -9.08 -2.49
C LEU I 114 11.99 -10.60 -2.49
N CYS I 115 11.32 -11.28 -1.56
CA CYS I 115 11.45 -12.74 -1.40
C CYS I 115 10.19 -13.51 -1.77
N GLY I 116 9.06 -12.81 -1.84
CA GLY I 116 7.83 -13.46 -2.26
C GLY I 116 6.67 -12.49 -2.46
N THR I 117 5.72 -12.91 -3.29
CA THR I 117 4.46 -12.21 -3.45
C THR I 117 3.31 -13.22 -3.50
N ALA I 118 2.11 -12.79 -3.20
CA ALA I 118 0.94 -13.66 -3.32
C ALA I 118 -0.35 -12.89 -3.33
N THR I 119 -1.36 -13.49 -3.94
CA THR I 119 -2.74 -13.07 -3.78
C THR I 119 -3.49 -14.18 -3.07
N GLY I 120 -4.15 -13.85 -1.97
CA GLY I 120 -4.88 -14.85 -1.22
C GLY I 120 -6.19 -14.33 -0.66
N SER I 121 -7.11 -15.24 -0.38
CA SER I 121 -8.43 -14.84 0.09
C SER I 121 -8.77 -15.55 1.39
N LEU I 122 -9.54 -14.85 2.22
CA LEU I 122 -9.96 -15.36 3.52
C LEU I 122 -11.46 -15.26 3.63
N PHE I 123 -12.02 -16.03 4.55
CA PHE I 123 -13.47 -16.22 4.66
C PHE I 123 -13.93 -15.93 6.07
N ILE I 124 -15.03 -15.17 6.19
CA ILE I 124 -15.72 -15.04 7.47
C ILE I 124 -17.19 -15.24 7.16
N ALA I 125 -17.80 -16.25 7.80
CA ALA I 125 -19.23 -16.49 7.65
C ALA I 125 -20.02 -15.24 8.01
N LYS I 126 -21.10 -14.99 7.28
CA LYS I 126 -21.86 -13.75 7.45
C LYS I 126 -22.20 -13.49 8.91
N ASP I 127 -22.59 -14.54 9.62
CA ASP I 127 -23.04 -14.40 10.99
C ASP I 127 -21.88 -14.20 11.95
N ASN I 128 -20.65 -14.34 11.45
CA ASN I 128 -19.47 -14.09 12.26
C ASN I 128 -18.87 -12.72 11.96
N GLN I 129 -19.47 -11.98 11.03
CA GLN I 129 -18.96 -10.67 10.68
C GLN I 129 -19.42 -9.61 11.67
N ARG I 130 -18.47 -9.00 12.37
CA ARG I 130 -18.81 -8.13 13.50
C ARG I 130 -18.51 -6.65 13.24
N GLY I 131 -18.01 -6.36 12.04
CA GLY I 131 -17.72 -4.98 11.67
C GLY I 131 -16.30 -4.61 12.07
N PRO I 132 -15.81 -3.47 11.59
CA PRO I 132 -14.44 -3.04 11.86
C PRO I 132 -14.10 -2.98 13.34
N GLN I 133 -12.88 -3.34 13.68
CA GLN I 133 -12.45 -3.39 15.08
C GLN I 133 -11.29 -2.44 15.35
N GLU I 134 -10.80 -1.82 14.28
CA GLU I 134 -9.61 -0.99 14.35
C GLU I 134 -9.86 0.24 13.51
N SER I 135 -9.45 1.40 14.02
CA SER I 135 -9.92 2.69 13.48
C SER I 135 -9.57 2.94 12.01
N SER I 136 -8.48 2.36 11.51
CA SER I 136 -8.12 2.55 10.11
C SER I 136 -9.04 1.78 9.18
N PHE I 137 -9.88 0.91 9.75
CA PHE I 137 -10.75 0.05 8.96
C PHE I 137 -12.21 0.47 9.02
N LYS I 138 -12.47 1.62 9.62
CA LYS I 138 -13.85 2.03 9.89
C LYS I 138 -14.69 2.16 8.62
N ASP I 139 -14.03 2.40 7.48
CA ASP I 139 -14.75 2.59 6.23
C ASP I 139 -14.75 1.33 5.36
N ALA I 140 -14.26 0.23 5.91
CA ALA I 140 -14.38 -1.06 5.25
C ALA I 140 -15.85 -1.45 5.20
N LYS I 141 -16.32 -1.82 4.03
CA LYS I 141 -17.72 -2.13 3.86
C LYS I 141 -17.94 -3.29 2.90
N HIS I 142 -18.94 -4.12 3.22
CA HIS I 142 -19.39 -5.15 2.29
C HIS I 142 -20.30 -4.52 1.25
N PRO I 143 -20.29 -5.05 0.02
CA PRO I 143 -21.20 -4.54 -1.01
C PRO I 143 -22.67 -4.69 -0.62
N MET J 1 1.19 -38.48 -16.08
CA MET J 1 2.10 -38.27 -14.96
CA MET J 1 2.08 -38.34 -14.93
C MET J 1 3.47 -38.83 -15.27
N VAL J 2 4.50 -38.12 -14.80
CA VAL J 2 5.88 -38.56 -14.98
C VAL J 2 6.38 -39.17 -13.68
N GLY J 3 6.87 -40.40 -13.75
CA GLY J 3 7.27 -41.11 -12.55
C GLY J 3 6.08 -41.63 -11.77
N LYS J 4 6.19 -41.66 -10.45
CA LYS J 4 5.15 -42.13 -9.56
C LYS J 4 4.64 -41.02 -8.64
N LYS J 5 3.47 -41.24 -8.06
CA LYS J 5 2.91 -40.34 -7.05
C LYS J 5 3.70 -40.49 -5.75
N VAL J 6 4.16 -39.37 -5.17
CA VAL J 6 4.76 -39.41 -3.84
C VAL J 6 3.70 -39.15 -2.78
N VAL J 7 3.68 -39.96 -1.73
CA VAL J 7 2.66 -39.84 -0.71
C VAL J 7 3.31 -39.66 0.65
N HIS J 8 3.09 -38.50 1.27
CA HIS J 8 3.47 -38.30 2.65
C HIS J 8 2.25 -38.61 3.51
N HIS J 9 2.47 -39.07 4.73
CA HIS J 9 1.39 -39.48 5.62
C HIS J 9 1.87 -39.31 7.05
N LEU J 10 1.10 -38.60 7.87
CA LEU J 10 1.50 -38.40 9.26
C LEU J 10 0.29 -37.91 10.06
N MET J 11 0.53 -37.54 11.30
CA MET J 11 -0.52 -37.10 12.22
C MET J 11 -0.34 -35.64 12.58
N MET J 12 -1.45 -34.91 12.69
CA MET J 12 -1.45 -33.60 13.31
C MET J 12 -1.43 -33.79 14.81
N SER J 13 -0.35 -33.36 15.46
CA SER J 13 -0.32 -33.42 16.92
C SER J 13 -0.73 -32.08 17.51
N ALA J 14 -0.73 -32.01 18.83
CA ALA J 14 -0.98 -30.75 19.52
C ALA J 14 0.02 -29.69 19.06
N LYS J 15 1.21 -30.13 18.67
CA LYS J 15 2.25 -29.21 18.22
C LYS J 15 1.91 -28.58 16.86
N ASP J 16 0.97 -29.16 16.14
CA ASP J 16 0.58 -28.61 14.85
C ASP J 16 -0.56 -27.60 14.96
N ALA J 17 -1.20 -27.53 16.13
CA ALA J 17 -2.20 -26.50 16.35
C ALA J 17 -1.56 -25.14 16.13
N HIS J 18 -2.33 -24.22 15.54
CA HIS J 18 -1.80 -22.90 15.26
C HIS J 18 -2.73 -21.78 15.73
N TYR J 19 -3.98 -21.81 15.28
CA TYR J 19 -4.96 -20.87 15.80
C TYR J 19 -5.66 -21.52 16.98
N THR J 20 -6.51 -20.76 17.65
CA THR J 20 -7.28 -21.27 18.77
C THR J 20 -8.22 -22.39 18.33
N GLY J 21 -8.68 -23.16 19.31
CA GLY J 21 -9.61 -24.25 19.02
C GLY J 21 -8.99 -25.47 18.36
N ASN J 22 -7.70 -25.68 18.59
CA ASN J 22 -6.94 -26.79 18.03
C ASN J 22 -6.94 -26.83 16.51
N LEU J 23 -7.07 -25.65 15.90
CA LEU J 23 -7.14 -25.52 14.45
C LEU J 23 -5.73 -25.40 13.89
N VAL J 24 -5.43 -26.26 12.92
CA VAL J 24 -4.17 -26.22 12.20
C VAL J 24 -4.24 -25.17 11.09
N ASN J 25 -3.14 -24.46 10.87
CA ASN J 25 -3.12 -23.48 9.80
C ASN J 25 -2.93 -24.12 8.42
N GLY J 26 -3.47 -23.46 7.40
CA GLY J 26 -3.31 -23.94 6.04
C GLY J 26 -1.85 -24.09 5.62
N ALA J 27 -1.00 -23.24 6.17
CA ALA J 27 0.42 -23.30 5.83
C ALA J 27 1.06 -24.64 6.23
N ARG J 28 0.46 -25.34 7.19
CA ARG J 28 0.96 -26.66 7.54
C ARG J 28 0.89 -27.60 6.33
N ILE J 29 -0.16 -27.45 5.52
CA ILE J 29 -0.30 -28.26 4.31
C ILE J 29 0.77 -27.87 3.30
N VAL J 30 0.99 -26.56 3.15
CA VAL J 30 1.99 -26.05 2.23
C VAL J 30 3.40 -26.48 2.66
N ASN J 31 3.64 -26.48 3.96
CA ASN J 31 4.91 -27.00 4.50
C ASN J 31 5.15 -28.41 4.00
N GLN J 32 4.12 -29.25 4.09
CA GLN J 32 4.28 -30.64 3.69
C GLN J 32 4.44 -30.78 2.19
N TRP J 33 3.71 -29.97 1.43
CA TRP J 33 3.85 -30.00 -0.03
C TRP J 33 5.26 -29.60 -0.48
N GLY J 34 5.89 -28.68 0.24
CA GLY J 34 7.29 -28.35 -0.02
C GLY J 34 8.18 -29.57 0.05
N ASP J 35 7.95 -30.39 1.07
CA ASP J 35 8.73 -31.62 1.26
C ASP J 35 8.38 -32.68 0.21
N VAL J 36 7.12 -32.71 -0.20
CA VAL J 36 6.69 -33.63 -1.25
C VAL J 36 7.33 -33.23 -2.56
N GLY J 37 7.29 -31.93 -2.87
CA GLY J 37 7.95 -31.45 -4.08
C GLY J 37 9.45 -31.73 -4.06
N THR J 38 10.06 -31.55 -2.90
CA THR J 38 11.48 -31.86 -2.75
C THR J 38 11.74 -33.31 -3.10
N GLU J 39 10.92 -34.22 -2.58
CA GLU J 39 11.13 -35.64 -2.82
C GLU J 39 11.03 -35.97 -4.31
N LEU J 40 10.03 -35.39 -4.98
CA LEU J 40 9.88 -35.57 -6.42
C LEU J 40 11.10 -35.06 -7.17
N MET J 41 11.70 -33.97 -6.68
CA MET J 41 12.83 -33.40 -7.41
C MET J 41 14.07 -34.24 -7.21
N VAL J 42 14.23 -34.77 -6.00
CA VAL J 42 15.32 -35.70 -5.72
C VAL J 42 15.25 -36.85 -6.70
N TYR J 43 14.04 -37.39 -6.88
CA TYR J 43 13.86 -38.56 -7.74
C TYR J 43 14.05 -38.27 -9.24
N VAL J 44 13.59 -37.12 -9.72
CA VAL J 44 13.66 -36.85 -11.16
C VAL J 44 15.02 -36.31 -11.63
N ASP J 45 15.74 -35.62 -10.76
CA ASP J 45 17.01 -35.03 -11.18
C ASP J 45 18.05 -34.88 -10.06
N GLY J 46 17.80 -35.52 -8.92
CA GLY J 46 18.85 -35.63 -7.91
C GLY J 46 19.26 -34.36 -7.20
N ASP J 47 18.32 -33.44 -7.01
CA ASP J 47 18.63 -32.19 -6.32
C ASP J 47 17.41 -31.84 -5.47
N ILE J 48 17.63 -31.23 -4.31
CA ILE J 48 16.48 -30.89 -3.45
C ILE J 48 15.65 -29.76 -4.06
N SER J 49 16.22 -29.05 -5.03
CA SER J 49 15.51 -28.00 -5.79
C SER J 49 15.15 -26.77 -4.98
N LEU J 50 14.60 -25.77 -5.67
CA LEU J 50 14.04 -24.59 -5.04
C LEU J 50 12.61 -24.46 -5.51
N PHE J 51 11.69 -24.18 -4.60
CA PHE J 51 10.31 -24.01 -4.98
C PHE J 51 10.09 -22.66 -5.69
N LEU J 52 9.50 -22.68 -6.88
CA LEU J 52 9.24 -21.43 -7.63
C LEU J 52 7.98 -20.68 -7.18
N GLY J 53 6.91 -21.44 -6.95
CA GLY J 53 5.67 -20.84 -6.53
C GLY J 53 4.53 -21.80 -6.75
N TYR J 54 3.33 -21.29 -6.54
CA TYR J 54 2.11 -22.06 -6.61
C TYR J 54 1.08 -21.31 -7.41
N LYS J 55 0.17 -22.06 -8.02
CA LYS J 55 -1.09 -21.49 -8.52
C LYS J 55 -2.24 -22.27 -7.92
N ASP J 56 -3.31 -21.56 -7.57
CA ASP J 56 -4.58 -22.18 -7.22
C ASP J 56 -4.51 -23.06 -5.97
N ILE J 57 -3.79 -22.62 -4.94
CA ILE J 57 -3.88 -23.32 -3.66
C ILE J 57 -5.31 -23.18 -3.16
N GLU J 58 -5.92 -24.29 -2.79
CA GLU J 58 -7.25 -24.21 -2.21
C GLU J 58 -7.27 -25.00 -0.92
N PHE J 59 -7.73 -24.36 0.16
CA PHE J 59 -7.94 -25.05 1.43
C PHE J 59 -9.41 -25.39 1.53
N THR J 60 -9.76 -26.67 1.42
CA THR J 60 -11.14 -27.04 1.16
C THR J 60 -11.90 -27.55 2.39
N ALA J 61 -11.17 -27.88 3.46
CA ALA J 61 -11.77 -28.37 4.69
C ALA J 61 -10.81 -28.14 5.84
N PRO J 62 -11.35 -27.84 7.03
CA PRO J 62 -10.51 -27.53 8.20
C PRO J 62 -9.75 -28.74 8.70
N VAL J 63 -8.55 -28.49 9.21
CA VAL J 63 -7.70 -29.54 9.77
C VAL J 63 -7.44 -29.25 11.24
N TYR J 64 -7.56 -30.28 12.08
CA TYR J 64 -7.44 -30.14 13.54
C TYR J 64 -6.41 -31.08 14.14
N VAL J 65 -5.98 -30.77 15.36
CA VAL J 65 -5.20 -31.71 16.16
C VAL J 65 -5.86 -33.08 16.19
N GLY J 66 -5.08 -34.14 16.00
CA GLY J 66 -5.61 -35.50 16.00
C GLY J 66 -6.07 -36.01 14.65
N ASP J 67 -6.02 -35.15 13.63
CA ASP J 67 -6.28 -35.58 12.27
C ASP J 67 -5.08 -36.34 11.75
N PHE J 68 -5.35 -37.40 11.00
CA PHE J 68 -4.30 -38.09 10.26
C PHE J 68 -4.41 -37.65 8.81
N MET J 69 -3.30 -37.25 8.23
CA MET J 69 -3.32 -36.57 6.95
C MET J 69 -2.41 -37.23 5.94
N GLU J 70 -2.84 -37.24 4.69
CA GLU J 70 -1.98 -37.64 3.58
C GLU J 70 -1.76 -36.48 2.63
N TYR J 71 -0.56 -36.45 2.06
CA TYR J 71 -0.21 -35.39 1.12
C TYR J 71 0.35 -36.05 -0.13
N HIS J 72 -0.34 -35.88 -1.24
CA HIS J 72 0.06 -36.47 -2.52
C HIS J 72 0.67 -35.43 -3.45
N GLY J 73 1.71 -35.82 -4.18
CA GLY J 73 2.26 -34.92 -5.17
C GLY J 73 2.81 -35.71 -6.32
N TRP J 74 2.76 -35.11 -7.50
CA TRP J 74 3.36 -35.75 -8.67
C TRP J 74 3.74 -34.73 -9.73
N ILE J 75 4.68 -35.11 -10.58
CA ILE J 75 5.11 -34.28 -11.69
C ILE J 75 4.18 -34.43 -12.87
N GLU J 76 3.68 -33.31 -13.37
CA GLU J 76 2.87 -33.28 -14.59
C GLU J 76 3.74 -32.98 -15.81
N LYS J 77 4.77 -32.18 -15.62
CA LYS J 77 5.61 -31.80 -16.73
C LYS J 77 7.02 -31.46 -16.30
N VAL J 78 7.98 -32.01 -17.02
CA VAL J 78 9.37 -31.60 -16.90
C VAL J 78 9.69 -30.56 -17.95
N GLY J 79 10.03 -29.35 -17.51
CA GLY J 79 10.45 -28.29 -18.41
C GLY J 79 11.95 -28.27 -18.60
N ASN J 80 12.52 -27.08 -18.73
CA ASN J 80 13.96 -26.93 -18.93
C ASN J 80 14.66 -26.94 -17.58
N GLN J 81 14.38 -25.91 -16.80
CA GLN J 81 14.88 -25.82 -15.43
C GLN J 81 13.72 -25.88 -14.44
N SER J 82 12.50 -25.94 -14.97
CA SER J 82 11.31 -25.99 -14.11
C SER J 82 10.57 -27.31 -14.25
N TYR J 83 9.77 -27.62 -13.24
CA TYR J 83 9.03 -28.87 -13.15
C TYR J 83 7.66 -28.52 -12.58
N THR J 84 6.60 -28.80 -13.33
CA THR J 84 5.25 -28.50 -12.88
C THR J 84 4.63 -29.68 -12.17
N CYS J 85 4.14 -29.46 -10.94
CA CYS J 85 3.59 -30.55 -10.13
C CYS J 85 2.18 -30.29 -9.64
N LYS J 86 1.46 -31.36 -9.30
CA LYS J 86 0.15 -31.25 -8.68
C LYS J 86 0.22 -31.75 -7.24
N PHE J 87 -0.60 -31.16 -6.37
CA PHE J 87 -0.58 -31.53 -4.96
C PHE J 87 -2.00 -31.68 -4.41
N GLU J 88 -2.17 -32.68 -3.54
CA GLU J 88 -3.43 -32.86 -2.80
C GLU J 88 -3.15 -33.09 -1.32
N ALA J 89 -4.15 -32.81 -0.50
CA ALA J 89 -4.10 -33.11 0.93
C ALA J 89 -5.39 -33.78 1.32
N TRP J 90 -5.29 -34.90 2.02
CA TRP J 90 -6.43 -35.75 2.33
C TRP J 90 -6.44 -36.10 3.80
N LYS J 91 -7.62 -36.01 4.41
CA LYS J 91 -7.80 -36.44 5.79
C LYS J 91 -8.29 -37.88 5.82
N VAL J 92 -7.59 -38.73 6.56
CA VAL J 92 -7.92 -40.16 6.60
C VAL J 92 -8.42 -40.65 7.95
N ALA J 93 -8.27 -39.82 8.99
CA ALA J 93 -8.80 -40.15 10.30
C ALA J 93 -8.85 -38.89 11.15
N LYS J 94 -9.60 -38.91 12.24
CA LYS J 94 -9.86 -37.69 13.02
C LYS J 94 -10.43 -38.02 14.40
N MET J 95 -10.28 -37.10 15.34
CA MET J 95 -11.01 -37.19 16.60
C MET J 95 -12.49 -37.05 16.34
N VAL J 96 -13.30 -37.68 17.17
CA VAL J 96 -14.74 -37.62 16.99
C VAL J 96 -15.27 -36.26 17.42
N ASP J 97 -14.73 -35.74 18.51
CA ASP J 97 -15.19 -34.45 19.04
C ASP J 97 -14.03 -33.61 19.57
N ILE J 98 -13.47 -32.77 18.71
CA ILE J 98 -12.31 -31.95 19.06
C ILE J 98 -12.66 -30.90 20.13
N THR J 99 -13.95 -30.67 20.35
CA THR J 99 -14.34 -29.64 21.33
C THR J 99 -14.30 -30.17 22.75
N ASN J 100 -14.18 -31.48 22.91
CA ASN J 100 -14.09 -32.09 24.23
C ASN J 100 -12.69 -32.67 24.43
N PRO J 101 -11.83 -31.97 25.19
CA PRO J 101 -10.44 -32.41 25.32
C PRO J 101 -10.28 -33.77 25.98
N GLN J 102 -11.29 -34.22 26.73
CA GLN J 102 -11.19 -35.49 27.42
C GLN J 102 -11.75 -36.66 26.60
N ASP J 103 -12.33 -36.36 25.44
CA ASP J 103 -12.90 -37.37 24.55
C ASP J 103 -11.75 -38.01 23.78
N THR J 104 -11.55 -39.31 23.95
CA THR J 104 -10.45 -39.99 23.26
C THR J 104 -10.93 -40.76 22.02
N ARG J 105 -12.23 -40.66 21.73
CA ARG J 105 -12.81 -41.33 20.56
C ARG J 105 -12.31 -40.73 19.26
N ALA J 106 -11.99 -41.60 18.31
CA ALA J 106 -11.51 -41.17 17.00
C ALA J 106 -12.00 -42.17 15.96
N THR J 107 -12.05 -41.76 14.69
CA THR J 107 -12.51 -42.67 13.66
C THR J 107 -11.78 -42.40 12.36
N ALA J 108 -12.00 -43.27 11.38
CA ALA J 108 -11.44 -43.08 10.05
C ALA J 108 -12.33 -42.17 9.24
N CYS J 109 -11.75 -41.51 8.25
CA CYS J 109 -12.52 -40.83 7.23
C CYS J 109 -12.60 -41.76 6.02
N GLU J 110 -13.75 -42.41 5.85
CA GLU J 110 -14.00 -43.30 4.72
C GLU J 110 -15.27 -42.90 3.99
N PRO J 111 -15.12 -42.26 2.82
CA PRO J 111 -13.89 -42.00 2.06
C PRO J 111 -13.06 -40.87 2.66
N PRO J 112 -11.80 -40.74 2.26
CA PRO J 112 -10.97 -39.64 2.79
C PRO J 112 -11.54 -38.28 2.39
N VAL J 113 -11.29 -37.28 3.23
CA VAL J 113 -11.85 -35.93 3.02
C VAL J 113 -10.80 -35.02 2.38
N LEU J 114 -11.13 -34.45 1.23
CA LEU J 114 -10.20 -33.57 0.56
C LEU J 114 -10.01 -32.26 1.34
N CYS J 115 -8.75 -31.94 1.68
CA CYS J 115 -8.43 -30.76 2.50
C CYS J 115 -7.66 -29.68 1.77
N GLY J 116 -7.04 -30.07 0.66
CA GLY J 116 -6.33 -29.08 -0.13
C GLY J 116 -5.92 -29.57 -1.49
N THR J 117 -5.80 -28.63 -2.43
CA THR J 117 -5.24 -28.89 -3.75
C THR J 117 -4.34 -27.74 -4.14
N ALA J 118 -3.44 -27.98 -5.09
CA ALA J 118 -2.56 -26.93 -5.58
C ALA J 118 -1.81 -27.38 -6.80
N THR J 119 -1.40 -26.40 -7.59
CA THR J 119 -0.42 -26.63 -8.65
C THR J 119 0.81 -25.83 -8.23
N GLY J 120 1.97 -26.47 -8.25
CA GLY J 120 3.19 -25.79 -7.88
C GLY J 120 4.34 -26.16 -8.79
N SER J 121 5.36 -25.31 -8.81
CA SER J 121 6.50 -25.51 -9.68
C SER J 121 7.81 -25.37 -8.94
N LEU J 122 8.75 -26.23 -9.29
CA LEU J 122 10.06 -26.26 -8.67
C LEU J 122 11.15 -26.01 -9.71
N PHE J 123 12.32 -25.61 -9.25
CA PHE J 123 13.42 -25.20 -10.12
C PHE J 123 14.70 -25.96 -9.77
N ILE J 124 15.34 -26.53 -10.79
CA ILE J 124 16.69 -27.05 -10.65
C ILE J 124 17.53 -26.47 -11.77
N ALA J 125 18.58 -25.73 -11.42
CA ALA J 125 19.46 -25.13 -12.44
C ALA J 125 20.05 -26.25 -13.29
N LYS J 126 20.25 -25.97 -14.58
CA LYS J 126 20.69 -27.00 -15.52
C LYS J 126 21.95 -27.72 -15.02
N ASP J 127 22.87 -26.98 -14.41
CA ASP J 127 24.13 -27.56 -13.96
C ASP J 127 23.94 -28.44 -12.72
N ASN J 128 22.77 -28.38 -12.11
CA ASN J 128 22.48 -29.22 -10.95
C ASN J 128 21.61 -30.41 -11.31
N GLN J 129 21.26 -30.51 -12.58
CA GLN J 129 20.38 -31.60 -13.01
C GLN J 129 21.23 -32.84 -13.24
N ARG J 130 21.00 -33.87 -12.42
CA ARG J 130 21.88 -35.03 -12.42
C ARG J 130 21.21 -36.29 -13.00
N GLY J 131 19.98 -36.15 -13.49
CA GLY J 131 19.23 -37.27 -14.03
C GLY J 131 18.46 -38.02 -12.94
N PRO J 132 17.60 -38.97 -13.37
CA PRO J 132 16.72 -39.72 -12.45
C PRO J 132 17.48 -40.49 -11.38
N GLN J 133 16.95 -40.47 -10.16
CA GLN J 133 17.61 -41.14 -9.02
C GLN J 133 16.75 -42.26 -8.46
N GLU J 134 15.52 -42.37 -8.94
CA GLU J 134 14.58 -43.37 -8.44
C GLU J 134 14.00 -44.09 -9.64
N SER J 135 13.82 -45.39 -9.54
CA SER J 135 13.61 -46.22 -10.73
C SER J 135 12.31 -45.93 -11.50
N SER J 136 11.27 -45.45 -10.83
CA SER J 136 10.02 -45.15 -11.52
CA SER J 136 10.01 -45.14 -11.51
C SER J 136 10.13 -43.88 -12.36
N PHE J 137 11.22 -43.13 -12.16
CA PHE J 137 11.44 -41.89 -12.89
C PHE J 137 12.45 -42.03 -14.01
N LYS J 138 12.88 -43.27 -14.27
CA LYS J 138 13.99 -43.50 -15.18
C LYS J 138 13.75 -42.94 -16.58
N ASP J 139 12.50 -42.88 -17.00
CA ASP J 139 12.18 -42.45 -18.36
C ASP J 139 11.86 -40.96 -18.47
N ALA J 140 12.00 -40.23 -17.37
CA ALA J 140 11.75 -38.81 -17.38
C ALA J 140 12.76 -38.12 -18.29
N LYS J 141 12.30 -37.16 -19.07
CA LYS J 141 13.19 -36.42 -19.94
C LYS J 141 12.81 -34.96 -20.02
N HIS J 142 13.82 -34.12 -20.19
CA HIS J 142 13.61 -32.72 -20.53
C HIS J 142 13.31 -32.61 -22.02
N PRO J 143 12.60 -31.53 -22.43
CA PRO J 143 12.32 -31.28 -23.84
C PRO J 143 13.60 -31.06 -24.65
N MET K 1 26.13 -50.31 40.18
CA MET K 1 26.23 -49.08 39.40
C MET K 1 27.67 -48.66 39.16
N VAL K 2 27.94 -48.22 37.94
CA VAL K 2 29.18 -47.56 37.57
C VAL K 2 28.91 -46.06 37.53
N GLY K 3 29.85 -45.24 37.97
CA GLY K 3 29.67 -43.80 37.90
C GLY K 3 28.65 -43.28 38.91
N LYS K 4 27.89 -42.26 38.51
CA LYS K 4 26.86 -41.68 39.35
C LYS K 4 25.56 -41.60 38.56
N LYS K 5 24.46 -41.40 39.25
CA LYS K 5 23.17 -41.22 38.60
C LYS K 5 23.13 -39.83 37.96
N VAL K 6 22.75 -39.78 36.68
CA VAL K 6 22.49 -38.50 36.05
C VAL K 6 21.00 -38.21 36.16
N VAL K 7 20.68 -36.98 36.58
CA VAL K 7 19.30 -36.58 36.78
C VAL K 7 18.95 -35.37 35.92
N HIS K 8 18.05 -35.56 34.98
CA HIS K 8 17.50 -34.43 34.24
C HIS K 8 16.20 -34.04 34.94
N HIS K 9 15.84 -32.77 34.84
CA HIS K 9 14.69 -32.26 35.57
C HIS K 9 14.20 -31.03 34.86
N LEU K 10 12.91 -31.00 34.54
CA LEU K 10 12.37 -29.90 33.76
C LEU K 10 10.85 -29.93 33.84
N MET K 11 10.21 -29.03 33.12
CA MET K 11 8.76 -28.93 33.12
C MET K 11 8.17 -29.33 31.78
N MET K 12 7.00 -29.98 31.82
CA MET K 12 6.21 -30.17 30.61
C MET K 12 5.41 -28.90 30.34
N SER K 13 5.78 -28.18 29.28
CA SER K 13 5.03 -26.98 28.89
C SER K 13 3.93 -27.36 27.90
N ALA K 14 3.14 -26.37 27.50
CA ALA K 14 2.10 -26.60 26.50
C ALA K 14 2.70 -27.15 25.21
N LYS K 15 3.97 -26.80 24.97
CA LYS K 15 4.72 -27.25 23.79
C LYS K 15 4.98 -28.74 23.79
N ASP K 16 4.89 -29.35 24.96
CA ASP K 16 5.12 -30.80 25.11
C ASP K 16 3.84 -31.64 24.93
N ALA K 17 2.69 -30.98 24.91
CA ALA K 17 1.44 -31.67 24.62
C ALA K 17 1.57 -32.34 23.25
N HIS K 18 0.96 -33.51 23.07
CA HIS K 18 1.06 -34.19 21.80
C HIS K 18 -0.30 -34.71 21.32
N TYR K 19 -1.01 -35.39 22.22
CA TYR K 19 -2.36 -35.82 21.88
C TYR K 19 -3.31 -34.81 22.48
N THR K 20 -4.60 -34.99 22.18
CA THR K 20 -5.62 -34.12 22.74
C THR K 20 -5.65 -34.28 24.27
N GLY K 21 -6.25 -33.30 24.95
CA GLY K 21 -6.39 -33.37 26.39
C GLY K 21 -5.13 -33.06 27.17
N ASN K 22 -4.21 -32.33 26.53
CA ASN K 22 -2.91 -31.94 27.10
C ASN K 22 -2.03 -33.15 27.47
N LEU K 23 -2.29 -34.27 26.80
CA LEU K 23 -1.56 -35.50 27.05
C LEU K 23 -0.21 -35.46 26.34
N VAL K 24 0.86 -35.69 27.10
CA VAL K 24 2.19 -35.75 26.52
C VAL K 24 2.40 -37.17 25.98
N ASN K 25 3.09 -37.32 24.85
CA ASN K 25 3.36 -38.66 24.34
C ASN K 25 4.48 -39.37 25.10
N GLY K 26 4.43 -40.71 25.12
CA GLY K 26 5.48 -41.48 25.76
C GLY K 26 6.85 -41.22 25.19
N ALA K 27 6.92 -40.90 23.90
CA ALA K 27 8.21 -40.65 23.27
C ALA K 27 8.92 -39.43 23.88
N ARG K 28 8.18 -38.52 24.50
CA ARG K 28 8.80 -37.39 25.19
C ARG K 28 9.76 -37.89 26.27
N ILE K 29 9.36 -38.95 26.97
CA ILE K 29 10.22 -39.58 27.96
C ILE K 29 11.45 -40.18 27.30
N VAL K 30 11.24 -40.89 26.20
CA VAL K 30 12.35 -41.53 25.49
C VAL K 30 13.33 -40.49 24.94
N ASN K 31 12.77 -39.35 24.52
CA ASN K 31 13.58 -38.21 24.08
C ASN K 31 14.52 -37.81 25.19
N GLN K 32 13.99 -37.71 26.40
CA GLN K 32 14.81 -37.24 27.49
C GLN K 32 15.84 -38.29 27.88
N TRP K 33 15.44 -39.56 27.89
CA TRP K 33 16.36 -40.66 28.17
C TRP K 33 17.50 -40.72 27.16
N GLY K 34 17.24 -40.36 25.91
CA GLY K 34 18.32 -40.25 24.93
C GLY K 34 19.38 -39.24 25.38
N ASP K 35 18.92 -38.09 25.85
CA ASP K 35 19.84 -37.07 26.36
C ASP K 35 20.52 -37.47 27.69
N VAL K 36 19.80 -38.15 28.56
CA VAL K 36 20.41 -38.72 29.78
C VAL K 36 21.50 -39.73 29.43
N GLY K 37 21.21 -40.62 28.48
CA GLY K 37 22.21 -41.57 28.07
C GLY K 37 23.41 -40.92 27.44
N THR K 38 23.17 -39.88 26.64
CA THR K 38 24.27 -39.14 26.03
C THR K 38 25.17 -38.60 27.14
N GLU K 39 24.58 -37.97 28.15
CA GLU K 39 25.40 -37.41 29.23
C GLU K 39 26.26 -38.50 29.91
N LEU K 40 25.66 -39.66 30.17
CA LEU K 40 26.40 -40.77 30.78
C LEU K 40 27.58 -41.20 29.91
N MET K 41 27.39 -41.18 28.60
CA MET K 41 28.46 -41.60 27.70
C MET K 41 29.57 -40.57 27.60
N VAL K 42 29.20 -39.29 27.66
CA VAL K 42 30.19 -38.23 27.73
C VAL K 42 31.07 -38.42 28.97
N TYR K 43 30.44 -38.73 30.09
CA TYR K 43 31.21 -38.87 31.32
C TYR K 43 32.05 -40.15 31.39
N VAL K 44 31.55 -41.24 30.84
CA VAL K 44 32.29 -42.49 30.95
C VAL K 44 33.41 -42.64 29.90
N ASP K 45 33.26 -42.04 28.72
CA ASP K 45 34.29 -42.23 27.69
C ASP K 45 34.42 -41.09 26.69
N GLY K 46 33.81 -39.95 26.99
CA GLY K 46 34.09 -38.73 26.26
C GLY K 46 33.59 -38.64 24.82
N ASP K 47 32.46 -39.30 24.56
CA ASP K 47 31.83 -39.28 23.24
C ASP K 47 30.32 -39.24 23.42
N ILE K 48 29.60 -38.56 22.52
CA ILE K 48 28.14 -38.43 22.66
C ILE K 48 27.44 -39.76 22.37
N SER K 49 28.15 -40.66 21.70
N SER K 49 28.14 -40.64 21.66
CA SER K 49 27.71 -42.04 21.45
CA SER K 49 27.71 -42.02 21.46
C SER K 49 26.56 -42.16 20.47
C SER K 49 26.48 -42.15 20.56
N LEU K 50 26.12 -43.40 20.27
CA LEU K 50 24.94 -43.71 19.48
C LEU K 50 24.08 -44.66 20.30
N PHE K 51 22.78 -44.43 20.32
CA PHE K 51 21.90 -45.29 21.06
C PHE K 51 21.67 -46.59 20.29
N LEU K 52 21.92 -47.74 20.93
CA LEU K 52 21.71 -49.05 20.27
C LEU K 52 20.25 -49.49 20.25
N GLY K 53 19.57 -49.28 21.36
CA GLY K 53 18.20 -49.70 21.44
C GLY K 53 17.77 -49.78 22.88
N TYR K 54 16.53 -50.23 23.08
CA TYR K 54 15.96 -50.36 24.41
C TYR K 54 15.37 -51.74 24.65
N LYS K 55 15.29 -52.12 25.92
CA LYS K 55 14.49 -53.27 26.30
C LYS K 55 13.56 -52.83 27.44
N ASP K 56 12.32 -53.33 27.39
CA ASP K 56 11.36 -53.18 28.47
C ASP K 56 11.07 -51.73 28.81
N ILE K 57 10.80 -50.91 27.80
CA ILE K 57 10.24 -49.59 28.09
C ILE K 57 8.84 -49.78 28.62
N GLU K 58 8.53 -49.22 29.79
N GLU K 58 8.58 -49.23 29.80
CA GLU K 58 7.16 -49.27 30.28
CA GLU K 58 7.25 -49.19 30.39
C GLU K 58 6.68 -47.90 30.73
C GLU K 58 6.81 -47.76 30.57
N PHE K 59 5.59 -47.44 30.11
CA PHE K 59 4.95 -46.17 30.43
C PHE K 59 3.88 -46.45 31.50
N THR K 60 4.15 -46.04 32.74
CA THR K 60 3.31 -46.53 33.84
C THR K 60 2.28 -45.54 34.35
N ALA K 61 2.45 -44.25 34.04
CA ALA K 61 1.48 -43.23 34.43
C ALA K 61 1.46 -42.12 33.40
N PRO K 62 0.28 -41.54 33.16
CA PRO K 62 0.23 -40.55 32.08
C PRO K 62 0.84 -39.22 32.50
N VAL K 63 1.33 -38.46 31.51
CA VAL K 63 2.03 -37.20 31.76
C VAL K 63 1.30 -36.11 31.02
N TYR K 64 1.10 -34.96 31.68
CA TYR K 64 0.32 -33.87 31.14
C TYR K 64 1.08 -32.56 31.17
N VAL K 65 0.64 -31.61 30.35
CA VAL K 65 1.10 -30.22 30.46
C VAL K 65 1.05 -29.75 31.92
N GLY K 66 2.12 -29.09 32.37
CA GLY K 66 2.17 -28.57 33.72
C GLY K 66 2.81 -29.54 34.70
N ASP K 67 3.07 -30.77 34.27
CA ASP K 67 3.82 -31.71 35.09
C ASP K 67 5.29 -31.34 35.13
N PHE K 68 5.87 -31.38 36.33
CA PHE K 68 7.31 -31.29 36.44
C PHE K 68 7.85 -32.70 36.53
N MET K 69 8.93 -32.98 35.78
CA MET K 69 9.38 -34.35 35.59
C MET K 69 10.87 -34.47 35.87
N GLU K 70 11.27 -35.60 36.43
CA GLU K 70 12.67 -35.94 36.60
C GLU K 70 12.97 -37.21 35.83
N TYR K 71 14.15 -37.28 35.25
CA TYR K 71 14.53 -38.44 34.47
C TYR K 71 15.87 -38.88 34.98
N HIS K 72 15.92 -40.09 35.52
CA HIS K 72 17.16 -40.62 36.07
C HIS K 72 17.73 -41.65 35.13
N GLY K 73 19.05 -41.67 35.02
CA GLY K 73 19.71 -42.72 34.27
C GLY K 73 21.06 -43.06 34.86
N TRP K 74 21.47 -44.32 34.74
CA TRP K 74 22.81 -44.68 35.17
C TRP K 74 23.32 -45.90 34.44
N ILE K 75 24.64 -46.06 34.43
CA ILE K 75 25.29 -47.18 33.80
C ILE K 75 25.30 -48.36 34.76
N GLU K 76 24.73 -49.47 34.32
CA GLU K 76 24.70 -50.66 35.15
C GLU K 76 25.82 -51.60 34.75
N LYS K 77 26.18 -51.59 33.48
CA LYS K 77 27.25 -52.46 33.00
C LYS K 77 28.04 -51.84 31.85
N VAL K 78 29.37 -51.90 31.96
CA VAL K 78 30.24 -51.52 30.86
C VAL K 78 30.68 -52.76 30.07
N GLY K 79 30.47 -52.73 28.76
CA GLY K 79 30.86 -53.83 27.88
C GLY K 79 32.08 -53.48 27.08
N ASN K 80 32.23 -54.05 25.88
CA ASN K 80 33.37 -53.74 25.02
C ASN K 80 33.15 -52.40 24.35
N GLN K 81 32.15 -52.35 23.49
CA GLN K 81 31.77 -51.14 22.80
C GLN K 81 30.36 -50.72 23.19
N SER K 82 29.72 -51.52 24.04
CA SER K 82 28.37 -51.19 24.49
C SER K 82 28.36 -50.90 25.98
N TYR K 83 27.35 -50.14 26.39
CA TYR K 83 27.12 -49.75 27.78
C TYR K 83 25.64 -49.94 28.09
N THR K 84 25.32 -50.66 29.15
CA THR K 84 23.92 -50.93 29.48
C THR K 84 23.47 -50.04 30.62
N CYS K 85 22.40 -49.28 30.38
CA CYS K 85 21.93 -48.30 31.34
C CYS K 85 20.50 -48.55 31.79
N LYS K 86 20.17 -48.06 32.98
CA LYS K 86 18.79 -48.12 33.46
C LYS K 86 18.25 -46.70 33.47
N PHE K 87 16.96 -46.55 33.18
CA PHE K 87 16.31 -45.24 33.08
C PHE K 87 15.01 -45.22 33.87
N GLU K 88 14.70 -44.06 34.43
CA GLU K 88 13.44 -43.86 35.14
C GLU K 88 12.88 -42.49 34.81
N ALA K 89 11.56 -42.36 34.89
CA ALA K 89 10.92 -41.06 34.74
C ALA K 89 9.96 -40.87 35.90
N TRP K 90 10.08 -39.72 36.58
CA TRP K 90 9.34 -39.45 37.80
C TRP K 90 8.60 -38.12 37.74
N LYS K 91 7.35 -38.08 38.20
CA LYS K 91 6.60 -36.84 38.28
C LYS K 91 6.72 -36.25 39.67
N VAL K 92 7.15 -34.99 39.75
CA VAL K 92 7.40 -34.39 41.06
C VAL K 92 6.44 -33.25 41.39
N ALA K 93 5.72 -32.75 40.39
CA ALA K 93 4.70 -31.74 40.61
C ALA K 93 3.71 -31.74 39.45
N LYS K 94 2.56 -31.09 39.62
CA LYS K 94 1.48 -31.15 38.63
C LYS K 94 0.42 -30.08 38.86
N MET K 95 -0.32 -29.74 37.81
CA MET K 95 -1.57 -28.99 37.98
C MET K 95 -2.56 -29.83 38.80
N VAL K 96 -3.36 -29.16 39.62
CA VAL K 96 -4.36 -29.83 40.43
C VAL K 96 -5.51 -30.34 39.55
N ASP K 97 -5.91 -29.54 38.57
CA ASP K 97 -7.01 -29.96 37.69
C ASP K 97 -6.77 -29.61 36.21
N ILE K 98 -6.22 -30.58 35.47
CA ILE K 98 -5.86 -30.36 34.06
C ILE K 98 -7.08 -30.07 33.19
N THR K 99 -8.27 -30.41 33.67
CA THR K 99 -9.49 -30.31 32.86
C THR K 99 -10.07 -28.91 32.80
N ASN K 100 -9.54 -28.00 33.62
CA ASN K 100 -10.01 -26.61 33.60
C ASN K 100 -8.86 -25.66 33.31
N PRO K 101 -8.71 -25.26 32.04
CA PRO K 101 -7.54 -24.52 31.54
C PRO K 101 -7.19 -23.26 32.31
N GLN K 102 -8.16 -22.61 32.93
CA GLN K 102 -7.91 -21.36 33.68
C GLN K 102 -7.57 -21.61 35.13
N ASP K 103 -7.58 -22.86 35.55
CA ASP K 103 -7.21 -23.20 36.92
C ASP K 103 -5.68 -23.12 37.07
N THR K 104 -5.19 -22.27 37.98
CA THR K 104 -3.75 -22.12 38.16
C THR K 104 -3.19 -22.90 39.36
N ARG K 105 -4.04 -23.69 40.00
CA ARG K 105 -3.61 -24.47 41.17
C ARG K 105 -2.64 -25.56 40.74
N ALA K 106 -1.60 -25.74 41.54
CA ALA K 106 -0.62 -26.78 41.28
C ALA K 106 -0.05 -27.28 42.60
N THR K 107 0.50 -28.49 42.60
CA THR K 107 0.98 -29.04 43.86
C THR K 107 2.14 -29.98 43.60
N ALA K 108 2.85 -30.36 44.66
CA ALA K 108 3.91 -31.36 44.57
C ALA K 108 3.34 -32.77 44.56
N CYS K 109 4.05 -33.68 43.91
CA CYS K 109 3.78 -35.11 44.07
C CYS K 109 4.69 -35.66 45.18
N GLU K 110 4.11 -35.88 46.35
CA GLU K 110 4.84 -36.42 47.49
C GLU K 110 4.14 -37.66 48.02
N PRO K 111 4.69 -38.84 47.72
CA PRO K 111 5.95 -39.09 47.00
C PRO K 111 5.81 -38.90 45.49
N PRO K 112 6.95 -38.79 44.78
N PRO K 112 6.95 -38.76 44.78
CA PRO K 112 6.91 -38.69 43.32
CA PRO K 112 6.89 -38.66 43.32
C PRO K 112 6.25 -39.90 42.68
C PRO K 112 6.23 -39.89 42.69
N VAL K 113 5.63 -39.70 41.52
CA VAL K 113 4.93 -40.76 40.82
C VAL K 113 5.79 -41.33 39.70
N LEU K 114 5.96 -42.65 39.68
CA LEU K 114 6.72 -43.31 38.61
C LEU K 114 5.93 -43.26 37.31
N CYS K 115 6.52 -42.69 36.27
CA CYS K 115 5.86 -42.57 34.97
C CYS K 115 6.49 -43.44 33.90
N GLY K 116 7.71 -43.86 34.13
CA GLY K 116 8.35 -44.71 33.14
C GLY K 116 9.61 -45.38 33.59
N THR K 117 9.89 -46.54 33.01
CA THR K 117 11.15 -47.23 33.23
C THR K 117 11.63 -47.86 31.93
N ALA K 118 12.94 -48.10 31.84
CA ALA K 118 13.51 -48.78 30.68
C ALA K 118 14.93 -49.20 30.93
N THR K 119 15.36 -50.18 30.13
CA THR K 119 16.76 -50.52 30.02
C THR K 119 17.18 -50.12 28.63
N GLY K 120 18.35 -49.50 28.49
CA GLY K 120 18.80 -49.10 27.18
C GLY K 120 20.29 -49.23 27.05
N SER K 121 20.75 -49.45 25.83
CA SER K 121 22.18 -49.61 25.62
C SER K 121 22.67 -48.60 24.62
N LEU K 122 23.88 -48.11 24.85
CA LEU K 122 24.53 -47.17 23.94
C LEU K 122 25.87 -47.72 23.50
N PHE K 123 26.35 -47.19 22.36
CA PHE K 123 27.53 -47.70 21.69
C PHE K 123 28.57 -46.59 21.55
N ILE K 124 29.81 -46.91 21.89
CA ILE K 124 30.94 -46.05 21.50
C ILE K 124 31.99 -46.95 20.87
N ALA K 125 32.34 -46.67 19.62
CA ALA K 125 33.36 -47.44 18.94
C ALA K 125 34.65 -47.42 19.75
N LYS K 126 35.38 -48.52 19.73
CA LYS K 126 36.59 -48.66 20.53
C LYS K 126 37.54 -47.46 20.38
N ASP K 127 37.78 -47.04 19.15
CA ASP K 127 38.72 -45.95 18.90
C ASP K 127 38.17 -44.58 19.31
N ASN K 128 36.87 -44.49 19.59
CA ASN K 128 36.27 -43.24 20.10
C ASN K 128 36.19 -43.21 21.63
N GLN K 129 36.64 -44.28 22.27
CA GLN K 129 36.65 -44.34 23.72
C GLN K 129 37.85 -43.59 24.28
N ARG K 130 37.60 -42.48 24.96
CA ARG K 130 38.67 -41.59 25.43
C ARG K 130 38.91 -41.62 26.95
N GLY K 131 38.22 -42.51 27.65
CA GLY K 131 38.37 -42.60 29.09
C GLY K 131 37.43 -41.65 29.81
N PRO K 132 37.32 -41.81 31.14
CA PRO K 132 36.35 -41.01 31.89
C PRO K 132 36.64 -39.52 31.81
N GLN K 133 35.58 -38.72 31.77
CA GLN K 133 35.70 -37.27 31.60
C GLN K 133 35.16 -36.56 32.82
N GLU K 134 34.59 -37.33 33.73
CA GLU K 134 33.98 -36.79 34.93
C GLU K 134 34.45 -37.62 36.12
N SER K 135 34.88 -36.95 37.20
CA SER K 135 35.60 -37.61 38.29
C SER K 135 34.87 -38.82 38.88
N SER K 136 33.55 -38.77 38.94
CA SER K 136 32.81 -39.85 39.57
C SER K 136 32.82 -41.11 38.69
N PHE K 137 33.25 -40.98 37.45
CA PHE K 137 33.21 -42.12 36.54
C PHE K 137 34.55 -42.82 36.37
N LYS K 138 35.51 -42.54 37.26
CA LYS K 138 36.81 -43.21 37.21
C LYS K 138 36.72 -44.69 37.56
N ASP K 139 35.59 -45.13 38.10
CA ASP K 139 35.41 -46.54 38.47
C ASP K 139 34.90 -47.38 37.30
N ALA K 140 34.67 -46.73 36.17
CA ALA K 140 34.25 -47.40 34.96
C ALA K 140 35.39 -48.19 34.34
N LYS K 141 35.22 -49.50 34.21
CA LYS K 141 36.23 -50.31 33.55
C LYS K 141 35.61 -51.22 32.51
N HIS K 142 36.21 -51.26 31.33
CA HIS K 142 35.84 -52.22 30.30
C HIS K 142 36.43 -53.60 30.61
N PRO K 143 35.81 -54.66 30.08
CA PRO K 143 36.37 -56.02 30.19
C PRO K 143 37.80 -56.14 29.64
N MET L 1 18.27 8.94 21.45
CA MET L 1 18.30 7.69 20.69
C MET L 1 19.36 7.74 19.60
N VAL L 2 20.03 6.61 19.38
CA VAL L 2 20.99 6.47 18.31
C VAL L 2 20.39 5.61 17.22
N GLY L 3 20.37 6.10 15.99
CA GLY L 3 19.74 5.37 14.91
C GLY L 3 18.23 5.50 14.98
N LYS L 4 17.54 4.43 14.57
CA LYS L 4 16.08 4.38 14.55
C LYS L 4 15.54 3.28 15.46
N LYS L 5 14.26 3.36 15.79
CA LYS L 5 13.59 2.32 16.55
C LYS L 5 13.40 1.10 15.66
N VAL L 6 13.68 -0.08 16.18
CA VAL L 6 13.37 -1.33 15.47
C VAL L 6 12.08 -1.93 16.04
N VAL L 7 11.18 -2.33 15.15
CA VAL L 7 9.90 -2.88 15.58
C VAL L 7 9.70 -4.26 14.99
N HIS L 8 9.62 -5.24 15.87
CA HIS L 8 9.19 -6.57 15.45
C HIS L 8 7.69 -6.65 15.68
N HIS L 9 7.01 -7.47 14.88
CA HIS L 9 5.54 -7.54 14.91
C HIS L 9 5.12 -8.91 14.40
N LEU L 10 4.35 -9.64 15.21
CA LEU L 10 3.97 -11.00 14.85
C LEU L 10 2.80 -11.46 15.71
N MET L 11 2.41 -12.71 15.53
CA MET L 11 1.29 -13.28 16.28
C MET L 11 1.73 -14.38 17.24
N MET L 12 1.10 -14.44 18.40
CA MET L 12 1.24 -15.59 19.28
C MET L 12 0.33 -16.69 18.75
N SER L 13 0.93 -17.78 18.30
CA SER L 13 0.14 -18.92 17.85
C SER L 13 0.02 -19.91 19.01
N ALA L 14 -0.72 -20.98 18.77
CA ALA L 14 -0.85 -22.03 19.77
C ALA L 14 0.52 -22.57 20.19
N LYS L 15 1.48 -22.49 19.27
CA LYS L 15 2.84 -22.97 19.53
C LYS L 15 3.57 -22.10 20.55
N ASP L 16 3.05 -20.90 20.79
CA ASP L 16 3.66 -19.99 21.76
C ASP L 16 3.10 -20.17 23.16
N ALA L 17 1.97 -20.89 23.28
CA ALA L 17 1.47 -21.22 24.61
C ALA L 17 2.57 -21.93 25.38
N HIS L 18 2.65 -21.66 26.68
CA HIS L 18 3.67 -22.29 27.49
C HIS L 18 3.10 -22.88 28.77
N TYR L 19 2.39 -22.07 29.55
CA TYR L 19 1.69 -22.58 30.72
C TYR L 19 0.31 -23.01 30.28
N THR L 20 -0.44 -23.63 31.19
CA THR L 20 -1.81 -24.02 30.87
C THR L 20 -2.65 -22.74 30.62
N GLY L 21 -3.82 -22.93 30.03
CA GLY L 21 -4.72 -21.82 29.78
C GLY L 21 -4.31 -20.90 28.63
N ASN L 22 -3.50 -21.43 27.72
CA ASN L 22 -3.01 -20.67 26.57
C ASN L 22 -2.17 -19.46 26.96
N LEU L 23 -1.56 -19.53 28.15
CA LEU L 23 -0.76 -18.44 28.68
C LEU L 23 0.65 -18.52 28.13
N VAL L 24 1.09 -17.43 27.53
CA VAL L 24 2.44 -17.38 26.98
C VAL L 24 3.40 -16.99 28.11
N ASN L 25 4.60 -17.56 28.10
CA ASN L 25 5.57 -17.26 29.14
C ASN L 25 6.26 -15.92 28.91
N GLY L 26 6.70 -15.29 29.99
CA GLY L 26 7.38 -14.00 29.91
C GLY L 26 8.64 -14.11 29.07
N ALA L 27 9.30 -15.25 29.15
CA ALA L 27 10.49 -15.47 28.34
C ALA L 27 10.26 -15.34 26.82
N ARG L 28 9.04 -15.49 26.34
CA ARG L 28 8.77 -15.29 24.90
C ARG L 28 9.05 -13.85 24.48
N ILE L 29 8.80 -12.91 25.39
CA ILE L 29 9.10 -11.51 25.14
C ILE L 29 10.61 -11.28 25.07
N VAL L 30 11.30 -11.85 26.04
CA VAL L 30 12.76 -11.77 26.10
C VAL L 30 13.40 -12.40 24.86
N ASN L 31 12.84 -13.52 24.39
CA ASN L 31 13.30 -14.13 23.14
C ASN L 31 13.24 -13.11 22.02
N GLN L 32 12.10 -12.44 21.90
CA GLN L 32 11.95 -11.50 20.81
C GLN L 32 12.88 -10.30 20.98
N TRP L 33 13.04 -9.83 22.21
CA TRP L 33 13.93 -8.71 22.49
C TRP L 33 15.37 -9.05 22.15
N GLY L 34 15.75 -10.31 22.33
CA GLY L 34 17.07 -10.74 21.88
C GLY L 34 17.25 -10.55 20.38
N ASP L 35 16.21 -10.86 19.61
CA ASP L 35 16.26 -10.71 18.16
C ASP L 35 16.20 -9.24 17.75
N VAL L 36 15.47 -8.44 18.52
CA VAL L 36 15.40 -7.00 18.28
C VAL L 36 16.79 -6.37 18.53
N GLY L 37 17.39 -6.74 19.66
CA GLY L 37 18.73 -6.27 19.97
C GLY L 37 19.74 -6.67 18.92
N THR L 38 19.64 -7.93 18.46
CA THR L 38 20.50 -8.38 17.37
C THR L 38 20.38 -7.47 16.15
N GLU L 39 19.15 -7.14 15.77
CA GLU L 39 18.96 -6.30 14.59
C GLU L 39 19.59 -4.92 14.79
N LEU L 40 19.45 -4.36 15.99
CA LEU L 40 20.07 -3.07 16.28
C LEU L 40 21.58 -3.16 16.13
N MET L 41 22.14 -4.29 16.55
CA MET L 41 23.60 -4.46 16.53
C MET L 41 24.11 -4.65 15.11
N VAL L 42 23.33 -5.38 14.31
CA VAL L 42 23.64 -5.53 12.90
C VAL L 42 23.70 -4.15 12.26
N TYR L 43 22.72 -3.31 12.57
CA TYR L 43 22.69 -1.98 11.96
C TYR L 43 23.78 -1.03 12.45
N VAL L 44 24.15 -1.11 13.72
CA VAL L 44 25.07 -0.12 14.29
C VAL L 44 26.54 -0.52 14.07
N ASP L 45 26.83 -1.81 13.98
CA ASP L 45 28.24 -2.22 13.80
C ASP L 45 28.47 -3.53 13.05
N GLY L 46 27.43 -4.04 12.42
CA GLY L 46 27.55 -5.11 11.44
C GLY L 46 27.92 -6.46 12.02
N ASP L 47 27.46 -6.70 13.24
CA ASP L 47 27.71 -7.98 13.90
C ASP L 47 26.47 -8.39 14.66
N ILE L 48 26.20 -9.69 14.75
CA ILE L 48 24.98 -10.11 15.46
C ILE L 48 25.09 -9.93 16.98
N SER L 49 26.32 -9.78 17.47
CA SER L 49 26.59 -9.42 18.87
C SER L 49 26.30 -10.56 19.85
N LEU L 50 26.68 -10.33 21.10
CA LEU L 50 26.36 -11.21 22.22
C LEU L 50 25.59 -10.39 23.24
N PHE L 51 24.49 -10.93 23.74
CA PHE L 51 23.73 -10.21 24.75
C PHE L 51 24.44 -10.25 26.11
N LEU L 52 24.64 -9.08 26.72
CA LEU L 52 25.34 -8.98 28.00
C LEU L 52 24.41 -9.24 29.19
N GLY L 53 23.18 -8.74 29.10
CA GLY L 53 22.23 -8.88 30.19
C GLY L 53 21.15 -7.83 30.17
N TYR L 54 20.28 -7.89 31.16
CA TYR L 54 19.17 -6.94 31.30
C TYR L 54 19.15 -6.27 32.64
N LYS L 55 18.62 -5.06 32.68
CA LYS L 55 18.22 -4.43 33.93
C LYS L 55 16.72 -4.13 33.93
N ASP L 56 16.08 -4.52 35.02
CA ASP L 56 14.68 -4.20 35.30
C ASP L 56 13.71 -4.53 34.18
N ILE L 57 13.68 -5.81 33.81
CA ILE L 57 12.60 -6.34 33.00
C ILE L 57 11.34 -6.30 33.84
N GLU L 58 10.25 -5.77 33.29
CA GLU L 58 8.98 -5.88 33.96
C GLU L 58 7.96 -6.48 33.00
N PHE L 59 7.23 -7.48 33.49
CA PHE L 59 6.15 -8.11 32.75
C PHE L 59 4.86 -7.51 33.29
N THR L 60 4.20 -6.70 32.48
CA THR L 60 3.18 -5.80 33.01
C THR L 60 1.75 -6.20 32.70
N ALA L 61 1.57 -7.09 31.72
CA ALA L 61 0.26 -7.61 31.37
C ALA L 61 0.43 -9.00 30.75
N PRO L 62 -0.51 -9.91 31.02
CA PRO L 62 -0.39 -11.28 30.49
C PRO L 62 -0.60 -11.37 28.98
N VAL L 63 0.06 -12.33 28.35
CA VAL L 63 0.01 -12.55 26.91
C VAL L 63 -0.53 -13.95 26.64
N TYR L 64 -1.45 -14.06 25.69
CA TYR L 64 -2.10 -15.33 25.37
C TYR L 64 -2.01 -15.66 23.89
N VAL L 65 -2.28 -16.93 23.59
CA VAL L 65 -2.44 -17.37 22.20
C VAL L 65 -3.45 -16.48 21.47
N GLY L 66 -3.16 -16.13 20.22
CA GLY L 66 -4.04 -15.26 19.46
C GLY L 66 -3.76 -13.77 19.67
N ASP L 67 -2.88 -13.42 20.61
CA ASP L 67 -2.47 -12.02 20.75
C ASP L 67 -1.56 -11.65 19.59
N PHE L 68 -1.75 -10.45 19.05
CA PHE L 68 -0.79 -9.88 18.11
C PHE L 68 0.07 -8.90 18.88
N MET L 69 1.38 -9.02 18.72
CA MET L 69 2.33 -8.37 19.61
C MET L 69 3.36 -7.59 18.83
N GLU L 70 3.73 -6.43 19.36
CA GLU L 70 4.85 -5.65 18.81
C GLU L 70 5.96 -5.57 19.83
N TYR L 71 7.19 -5.57 19.34
CA TYR L 71 8.34 -5.51 20.21
C TYR L 71 9.24 -4.40 19.69
N HIS L 72 9.44 -3.39 20.52
CA HIS L 72 10.24 -2.22 20.12
C HIS L 72 11.56 -2.20 20.82
N GLY L 73 12.61 -1.77 20.11
CA GLY L 73 13.91 -1.60 20.73
C GLY L 73 14.70 -0.49 20.07
N TRP L 74 15.49 0.23 20.87
CA TRP L 74 16.39 1.23 20.30
C TRP L 74 17.66 1.39 21.13
N ILE L 75 18.71 1.85 20.49
CA ILE L 75 19.98 2.12 21.15
C ILE L 75 19.89 3.44 21.89
N GLU L 76 20.12 3.40 23.20
CA GLU L 76 20.17 4.63 23.99
C GLU L 76 21.57 5.20 24.06
N LYS L 77 22.56 4.34 24.16
CA LYS L 77 23.94 4.80 24.20
C LYS L 77 24.91 3.76 23.64
N VAL L 78 25.93 4.27 22.97
CA VAL L 78 26.99 3.45 22.41
C VAL L 78 28.20 3.57 23.30
N GLY L 79 28.65 2.45 23.84
CA GLY L 79 29.83 2.42 24.71
C GLY L 79 31.07 2.06 23.93
N ASN L 80 32.04 1.48 24.61
CA ASN L 80 33.25 1.07 23.92
CA ASN L 80 33.27 1.04 23.94
C ASN L 80 33.01 -0.25 23.18
N GLN L 81 32.74 -1.31 23.94
CA GLN L 81 32.36 -2.60 23.35
C GLN L 81 30.93 -2.96 23.75
N SER L 82 30.29 -2.08 24.51
CA SER L 82 28.91 -2.31 24.95
C SER L 82 27.96 -1.30 24.33
N TYR L 83 26.70 -1.71 24.24
CA TYR L 83 25.62 -0.88 23.70
C TYR L 83 24.42 -1.04 24.62
N THR L 84 23.86 0.06 25.09
CA THR L 84 22.71 -0.02 26.00
C THR L 84 21.43 0.34 25.28
N CYS L 85 20.43 -0.53 25.40
CA CYS L 85 19.20 -0.44 24.63
C CYS L 85 17.99 -0.43 25.56
N LYS L 86 16.90 0.18 25.09
CA LYS L 86 15.60 0.11 25.75
C LYS L 86 14.67 -0.75 24.93
N PHE L 87 13.80 -1.50 25.61
CA PHE L 87 12.87 -2.43 24.96
C PHE L 87 11.46 -2.27 25.50
N GLU L 88 10.48 -2.50 24.62
CA GLU L 88 9.07 -2.50 25.00
C GLU L 88 8.34 -3.65 24.30
N ALA L 89 7.26 -4.11 24.92
CA ALA L 89 6.39 -5.09 24.28
C ALA L 89 4.95 -4.64 24.39
N TRP L 90 4.26 -4.64 23.25
CA TRP L 90 2.91 -4.07 23.13
C TRP L 90 1.95 -5.07 22.52
N LYS L 91 0.74 -5.14 23.06
CA LYS L 91 -0.33 -5.98 22.51
C LYS L 91 -1.25 -5.12 21.65
N VAL L 92 -1.41 -5.47 20.37
CA VAL L 92 -2.23 -4.67 19.45
C VAL L 92 -3.52 -5.37 19.02
N ALA L 93 -3.66 -6.67 19.30
CA ALA L 93 -4.91 -7.38 19.02
C ALA L 93 -4.97 -8.65 19.84
N LYS L 94 -6.17 -9.21 19.97
CA LYS L 94 -6.38 -10.36 20.88
C LYS L 94 -7.65 -11.13 20.54
N MET L 95 -7.71 -12.38 20.98
CA MET L 95 -8.99 -13.10 21.03
C MET L 95 -9.92 -12.39 22.04
N VAL L 96 -11.22 -12.37 21.75
CA VAL L 96 -12.19 -11.79 22.68
C VAL L 96 -12.37 -12.65 23.92
N ASP L 97 -12.42 -13.96 23.74
CA ASP L 97 -12.59 -14.87 24.87
C ASP L 97 -11.70 -16.09 24.73
N ILE L 98 -10.51 -15.98 25.31
CA ILE L 98 -9.53 -17.07 25.24
C ILE L 98 -10.02 -18.31 25.99
N THR L 99 -10.99 -18.15 26.89
CA THR L 99 -11.47 -19.32 27.66
C THR L 99 -12.41 -20.21 26.87
N ASN L 100 -12.89 -19.74 25.71
CA ASN L 100 -13.74 -20.55 24.85
C ASN L 100 -13.00 -20.93 23.56
N PRO L 101 -12.47 -22.15 23.50
CA PRO L 101 -11.63 -22.47 22.35
C PRO L 101 -12.34 -22.35 21.02
N GLN L 102 -13.67 -22.46 21.02
CA GLN L 102 -14.44 -22.44 19.77
C GLN L 102 -14.90 -21.03 19.41
N ASP L 103 -14.59 -20.06 20.26
CA ASP L 103 -14.90 -18.66 19.96
C ASP L 103 -13.83 -18.11 19.02
N THR L 104 -14.23 -17.69 17.82
CA THR L 104 -13.28 -17.16 16.85
C THR L 104 -13.24 -15.63 16.83
N ARG L 105 -14.02 -15.00 17.71
CA ARG L 105 -14.03 -13.54 17.81
C ARG L 105 -12.70 -12.98 18.27
N ALA L 106 -12.28 -11.89 17.65
CA ALA L 106 -11.02 -11.22 18.00
C ALA L 106 -11.18 -9.72 17.78
N THR L 107 -10.36 -8.92 18.44
CA THR L 107 -10.48 -7.48 18.28
C THR L 107 -9.13 -6.81 18.42
N ALA L 108 -9.11 -5.52 18.13
CA ALA L 108 -7.91 -4.73 18.26
C ALA L 108 -7.80 -4.24 19.69
N CYS L 109 -6.57 -3.99 20.11
CA CYS L 109 -6.31 -3.26 21.35
C CYS L 109 -6.03 -1.83 20.95
N GLU L 110 -7.02 -0.97 21.13
CA GLU L 110 -6.89 0.47 20.89
C GLU L 110 -7.31 1.22 22.14
N PRO L 111 -6.34 1.80 22.86
CA PRO L 111 -4.89 1.83 22.62
C PRO L 111 -4.21 0.49 22.87
N PRO L 112 -3.00 0.30 22.33
CA PRO L 112 -2.28 -0.95 22.58
C PRO L 112 -1.97 -1.11 24.05
N VAL L 113 -1.86 -2.37 24.49
CA VAL L 113 -1.62 -2.65 25.90
C VAL L 113 -0.14 -2.94 26.12
N LEU L 114 0.46 -2.19 27.05
CA LEU L 114 1.86 -2.38 27.39
C LEU L 114 2.02 -3.70 28.15
N CYS L 115 2.84 -4.62 27.61
CA CYS L 115 3.03 -5.93 28.21
C CYS L 115 4.41 -6.15 28.82
N GLY L 116 5.39 -5.36 28.39
CA GLY L 116 6.72 -5.52 28.94
C GLY L 116 7.62 -4.33 28.70
N THR L 117 8.57 -4.12 29.62
CA THR L 117 9.57 -3.07 29.51
C THR L 117 10.91 -3.62 29.97
N ALA L 118 12.00 -3.12 29.40
CA ALA L 118 13.33 -3.53 29.84
C ALA L 118 14.42 -2.60 29.38
N THR L 119 15.53 -2.67 30.08
CA THR L 119 16.80 -2.11 29.62
C THR L 119 17.75 -3.29 29.46
N GLY L 120 18.44 -3.37 28.33
CA GLY L 120 19.34 -4.49 28.11
C GLY L 120 20.56 -4.01 27.35
N SER L 121 21.67 -4.70 27.50
CA SER L 121 22.92 -4.29 26.88
C SER L 121 23.49 -5.42 26.04
N LEU L 122 24.13 -5.07 24.92
CA LEU L 122 24.77 -6.05 24.04
C LEU L 122 26.24 -5.70 23.82
N PHE L 123 27.01 -6.69 23.37
CA PHE L 123 28.46 -6.63 23.26
C PHE L 123 28.93 -6.93 21.85
N ILE L 124 29.80 -6.09 21.30
CA ILE L 124 30.53 -6.43 20.08
C ILE L 124 32.00 -6.16 20.36
N ALA L 125 32.84 -7.19 20.26
CA ALA L 125 34.27 -7.00 20.49
C ALA L 125 34.79 -5.95 19.52
N LYS L 126 35.73 -5.14 19.98
CA LYS L 126 36.25 -4.04 19.16
C LYS L 126 36.66 -4.50 17.77
N ASP L 127 37.30 -5.67 17.69
CA ASP L 127 37.81 -6.15 16.41
C ASP L 127 36.70 -6.67 15.51
N ASN L 128 35.48 -6.75 16.05
CA ASN L 128 34.31 -7.16 15.27
C ASN L 128 33.41 -5.99 14.91
N GLN L 129 33.76 -4.78 15.37
CA GLN L 129 32.97 -3.60 15.03
C GLN L 129 33.28 -3.12 13.62
N ARG L 130 32.29 -3.19 12.74
CA ARG L 130 32.54 -2.92 11.31
C ARG L 130 31.93 -1.59 10.86
N GLY L 131 31.33 -0.87 11.78
CA GLY L 131 30.72 0.41 11.48
C GLY L 131 29.29 0.19 11.04
N PRO L 132 28.52 1.29 10.96
CA PRO L 132 27.10 1.22 10.61
C PRO L 132 26.81 0.53 9.28
N GLN L 133 25.72 -0.24 9.24
CA GLN L 133 25.36 -1.03 8.05
C GLN L 133 24.00 -0.61 7.50
N GLU L 134 23.32 0.27 8.22
CA GLU L 134 21.98 0.71 7.86
C GLU L 134 21.97 2.24 7.91
N SER L 135 21.35 2.87 6.91
CA SER L 135 21.51 4.30 6.67
C SER L 135 21.17 5.20 7.88
N SER L 136 20.19 4.81 8.69
CA SER L 136 19.73 5.67 9.79
C SER L 136 20.68 5.57 10.99
N PHE L 137 21.65 4.67 10.91
CA PHE L 137 22.65 4.50 11.96
C PHE L 137 23.99 5.06 11.53
N LYS L 138 24.02 5.73 10.38
CA LYS L 138 25.27 6.10 9.73
C LYS L 138 26.15 7.00 10.59
N ASP L 139 25.53 7.71 11.54
CA ASP L 139 26.26 8.67 12.34
C ASP L 139 26.52 8.19 13.77
N ALA L 140 26.24 6.92 14.04
CA ALA L 140 26.53 6.35 15.36
C ALA L 140 28.02 6.38 15.64
N LYS L 141 28.39 6.76 16.86
CA LYS L 141 29.81 6.88 17.18
C LYS L 141 30.16 6.31 18.56
N HIS L 142 31.33 5.69 18.66
CA HIS L 142 31.87 5.26 19.94
C HIS L 142 32.60 6.41 20.61
N PRO L 143 32.68 6.42 21.94
CA PRO L 143 33.39 7.46 22.67
C PRO L 143 34.87 7.50 22.30
#